data_6KYH
#
_entry.id   6KYH
#
_cell.length_a   80.569
_cell.length_b   154.464
_cell.length_c   116.949
_cell.angle_alpha   90.000
_cell.angle_beta   108.350
_cell.angle_gamma   90.000
#
_symmetry.space_group_name_H-M   'P 1 21 1'
#
loop_
_entity.id
_entity.type
_entity.pdbx_description
1 polymer 'SH3 and multiple ankyrin repeat domains protein 3'
2 polymer 'GTPase HRas'
3 non-polymer 'PHOSPHOAMINOPHOSPHONIC ACID-GUANYLATE ESTER'
4 non-polymer 'MAGNESIUM ION'
#
loop_
_entity_poly.entity_id
_entity_poly.type
_entity_poly.pdbx_seq_one_letter_code
_entity_poly.pdbx_strand_id
1 'polypeptide(L)'
;GPGSEFAVVVRVGIPDLQQTKCLRLDPTAPVWAAKQRVLCKLNHSLQDALNYGLFQPPSRGRAGKFLDEERLLQDYPPNL
DTPLPYLEFRYKRRVYAQNLIDDKQFAKLHTKANLKKFMDYVQLHSTDKVARLLDKGLDPNFHDPDSGECPLSLAAQLDN
ATDLLKVLRNGGAHLDFRTRDGLTAVHCATRQRNAGALTTLLDLGASPDYKDSRGLTPLYHSALGGGDARCCELLLHDHA
QLGTTDENGWQEIHQACRFGHVQHLEHLLFYGANMGAQNASGNTALHICALYNQESCARVLLYRGANKDVRNYNSQTAFQ
VAIIAGNFELAEVIKTHKDSDVVPFRETPSYAKRRRLAGPS
;
A,B,C,D
2 'polypeptide(L)'
;GPGSMTEYKLVVVGAGGVGKSALTIQLIQNHFVDEYDPTIEDSYRKQVVIDGETCLLDILDTAGQEEYSAMRDQYMRTGE
GFLCVFAINNTKSFEDIHQYREQIKRVKDSDDVPMVLVGNKCDLAARTVESRQAQDLARSYGIPYIETSAKTRQGVEDAF
YTLVREIRQHK
;
F,G,H,E
#
# COMPACT_ATOMS: atom_id res chain seq x y z
N PHE A 6 -5.81 -9.26 -15.50
CA PHE A 6 -7.16 -8.95 -15.99
C PHE A 6 -7.57 -9.99 -17.05
N ALA A 7 -8.72 -9.74 -17.68
CA ALA A 7 -9.53 -10.76 -18.42
C ALA A 7 -8.96 -10.98 -19.83
N VAL A 8 -9.29 -12.11 -20.41
CA VAL A 8 -8.76 -12.55 -21.73
C VAL A 8 -9.90 -13.09 -22.59
N VAL A 9 -9.73 -12.96 -23.90
CA VAL A 9 -10.75 -13.42 -24.87
C VAL A 9 -10.65 -14.94 -25.02
N VAL A 10 -11.76 -15.61 -24.75
CA VAL A 10 -11.87 -17.08 -24.87
C VAL A 10 -13.08 -17.39 -25.72
N ARG A 11 -12.92 -18.32 -26.65
CA ARG A 11 -14.05 -18.81 -27.47
C ARG A 11 -14.68 -19.98 -26.74
N VAL A 12 -15.97 -19.92 -26.44
CA VAL A 12 -16.67 -21.03 -25.75
C VAL A 12 -17.67 -21.60 -26.75
N GLY A 13 -17.47 -22.90 -26.98
CA GLY A 13 -18.44 -23.65 -27.83
C GLY A 13 -19.49 -24.35 -27.01
N ILE A 14 -20.76 -24.16 -27.40
CA ILE A 14 -21.91 -24.81 -26.77
C ILE A 14 -22.54 -25.77 -27.78
N PRO A 15 -22.08 -27.01 -27.80
CA PRO A 15 -22.62 -27.98 -28.77
C PRO A 15 -24.10 -28.28 -28.69
N ASP A 16 -24.68 -28.18 -27.51
CA ASP A 16 -26.13 -28.41 -27.35
C ASP A 16 -26.92 -27.28 -28.04
N LEU A 17 -26.34 -26.11 -28.11
CA LEU A 17 -27.00 -24.96 -28.75
C LEU A 17 -26.52 -24.77 -30.18
N GLN A 18 -25.50 -25.52 -30.60
CA GLN A 18 -24.93 -25.28 -31.96
C GLN A 18 -24.44 -23.84 -32.04
N GLN A 19 -23.76 -23.37 -31.01
CA GLN A 19 -23.35 -21.96 -30.91
C GLN A 19 -21.93 -21.87 -30.42
N THR A 20 -21.26 -20.81 -30.78
CA THR A 20 -19.95 -20.42 -30.22
C THR A 20 -20.11 -18.98 -29.75
N LYS A 21 -19.52 -18.66 -28.61
CA LYS A 21 -19.50 -17.26 -28.15
C LYS A 21 -18.09 -16.86 -27.75
N CYS A 22 -17.67 -15.63 -28.06
CA CYS A 22 -16.39 -15.08 -27.56
C CYS A 22 -16.69 -14.27 -26.32
N LEU A 23 -16.16 -14.74 -25.21
CA LEU A 23 -16.25 -14.11 -23.87
C LEU A 23 -14.87 -13.61 -23.45
N ARG A 24 -14.83 -12.51 -22.72
CA ARG A 24 -13.69 -12.17 -21.84
C ARG A 24 -13.87 -12.93 -20.55
N LEU A 25 -12.91 -13.80 -20.22
CA LEU A 25 -12.93 -14.56 -18.96
C LEU A 25 -11.71 -14.19 -18.14
N ASP A 26 -11.86 -14.20 -16.81
CA ASP A 26 -10.83 -13.71 -15.88
C ASP A 26 -10.06 -14.92 -15.33
N PRO A 27 -8.78 -15.09 -15.72
CA PRO A 27 -7.99 -16.24 -15.31
C PRO A 27 -7.57 -16.23 -13.85
N THR A 28 -7.62 -15.06 -13.23
CA THR A 28 -7.33 -14.88 -11.80
C THR A 28 -8.57 -15.06 -10.94
N ALA A 29 -9.65 -15.62 -11.49
CA ALA A 29 -10.90 -15.87 -10.75
C ALA A 29 -11.27 -17.33 -10.88
N PRO A 30 -12.11 -17.86 -9.96
CA PRO A 30 -12.48 -19.27 -10.02
C PRO A 30 -13.19 -19.63 -11.32
N VAL A 31 -13.05 -20.89 -11.70
CA VAL A 31 -13.79 -21.41 -12.87
C VAL A 31 -15.28 -21.15 -12.74
N TRP A 32 -15.80 -21.22 -11.53
CA TRP A 32 -17.21 -20.94 -11.21
C TRP A 32 -17.60 -19.58 -11.79
N ALA A 33 -16.70 -18.61 -11.65
CA ALA A 33 -16.96 -17.23 -12.07
C ALA A 33 -17.03 -17.15 -13.58
N ALA A 34 -16.14 -17.85 -14.27
CA ALA A 34 -16.18 -17.92 -15.74
C ALA A 34 -17.46 -18.61 -16.18
N LYS A 35 -17.87 -19.66 -15.49
CA LYS A 35 -19.11 -20.37 -15.83
C LYS A 35 -20.28 -19.39 -15.74
N GLN A 36 -20.30 -18.58 -14.69
CA GLN A 36 -21.37 -17.58 -14.51
C GLN A 36 -21.42 -16.65 -15.72
N ARG A 37 -20.27 -16.20 -16.18
CA ARG A 37 -20.21 -15.28 -17.32
C ARG A 37 -20.78 -15.96 -18.56
N VAL A 38 -20.48 -17.23 -18.74
CA VAL A 38 -21.00 -17.97 -19.92
C VAL A 38 -22.50 -18.08 -19.79
N LEU A 39 -22.99 -18.45 -18.60
CA LEU A 39 -24.46 -18.59 -18.42
C LEU A 39 -25.16 -17.25 -18.74
N CYS A 40 -24.66 -16.13 -18.26
CA CYS A 40 -25.31 -14.80 -18.48
C CYS A 40 -25.50 -14.52 -19.98
N LYS A 41 -24.43 -14.66 -20.75
CA LYS A 41 -24.37 -14.23 -22.17
C LYS A 41 -25.28 -15.14 -23.00
N LEU A 42 -25.46 -16.37 -22.53
CA LEU A 42 -26.48 -17.29 -23.05
C LEU A 42 -27.69 -16.75 -22.31
N ASN A 43 -28.46 -15.86 -22.90
CA ASN A 43 -29.68 -15.29 -22.28
C ASN A 43 -30.75 -16.36 -22.28
N HIS A 44 -30.67 -17.30 -23.21
CA HIS A 44 -31.58 -18.45 -23.33
C HIS A 44 -31.10 -19.53 -22.38
N SER A 45 -31.69 -19.62 -21.19
CA SER A 45 -31.23 -20.57 -20.16
C SER A 45 -31.37 -22.01 -20.67
N LEU A 46 -30.33 -22.81 -20.42
CA LEU A 46 -30.28 -24.25 -20.74
C LEU A 46 -30.97 -24.99 -19.60
N GLN A 47 -31.32 -26.23 -19.85
CA GLN A 47 -32.03 -27.04 -18.81
C GLN A 47 -31.05 -27.60 -17.79
N ASP A 48 -31.28 -27.39 -16.49
CA ASP A 48 -30.35 -27.87 -15.44
C ASP A 48 -28.98 -27.27 -15.72
N ALA A 49 -28.96 -25.95 -15.84
CA ALA A 49 -27.79 -25.17 -16.25
C ALA A 49 -26.63 -25.33 -15.28
N LEU A 50 -26.93 -25.54 -14.00
CA LEU A 50 -25.86 -25.62 -12.98
C LEU A 50 -24.94 -26.81 -13.23
N ASN A 51 -25.51 -27.85 -13.85
CA ASN A 51 -24.71 -29.06 -14.14
C ASN A 51 -23.77 -28.90 -15.33
N TYR A 52 -24.11 -27.97 -16.22
CA TYR A 52 -23.22 -27.63 -17.33
C TYR A 52 -21.88 -27.08 -16.81
N GLY A 53 -20.80 -27.48 -17.45
CA GLY A 53 -19.47 -27.10 -16.99
C GLY A 53 -18.58 -26.77 -18.17
N LEU A 54 -17.60 -25.93 -17.89
CA LEU A 54 -16.54 -25.70 -18.88
C LEU A 54 -15.75 -26.99 -19.07
N PHE A 55 -15.32 -27.22 -20.31
CA PHE A 55 -14.83 -28.52 -20.77
C PHE A 55 -13.61 -28.31 -21.62
N GLN A 56 -12.55 -29.05 -21.31
CA GLN A 56 -11.32 -29.02 -22.15
C GLN A 56 -11.45 -30.12 -23.18
N PRO A 57 -11.58 -29.79 -24.49
CA PRO A 57 -11.89 -30.79 -25.49
C PRO A 57 -10.74 -31.76 -25.61
N PRO A 58 -10.99 -33.07 -25.91
CA PRO A 58 -9.89 -34.02 -26.03
C PRO A 58 -8.98 -33.55 -27.15
N SER A 59 -7.66 -33.45 -26.90
CA SER A 59 -6.67 -33.00 -27.89
C SER A 59 -5.79 -34.20 -28.30
N ARG A 60 -4.59 -33.96 -28.79
CA ARG A 60 -3.68 -35.05 -29.22
C ARG A 60 -3.01 -35.62 -27.97
N GLY A 61 -3.14 -36.95 -27.77
CA GLY A 61 -2.50 -37.69 -26.67
C GLY A 61 -3.00 -37.24 -25.31
N ARG A 62 -4.26 -36.81 -25.28
CA ARG A 62 -4.93 -36.30 -24.05
C ARG A 62 -6.41 -36.68 -24.11
N ALA A 63 -7.06 -36.69 -22.95
CA ALA A 63 -8.50 -37.01 -22.82
C ALA A 63 -9.26 -35.74 -22.47
N GLY A 64 -10.56 -35.71 -22.77
CA GLY A 64 -11.44 -34.60 -22.40
C GLY A 64 -11.57 -34.47 -20.92
N LYS A 65 -11.56 -33.25 -20.38
CA LYS A 65 -11.82 -33.16 -18.92
C LYS A 65 -12.62 -31.94 -18.59
N PHE A 66 -13.52 -32.08 -17.64
CA PHE A 66 -14.25 -30.93 -17.09
C PHE A 66 -13.30 -30.09 -16.24
N LEU A 67 -13.39 -28.78 -16.38
CA LEU A 67 -12.65 -27.86 -15.51
C LEU A 67 -13.24 -27.94 -14.10
N ASP A 68 -12.37 -27.82 -13.11
CA ASP A 68 -12.74 -27.78 -11.68
C ASP A 68 -13.38 -26.42 -11.40
N GLU A 69 -14.57 -26.41 -10.86
CA GLU A 69 -15.27 -25.12 -10.54
C GLU A 69 -14.51 -24.27 -9.54
N GLU A 70 -13.98 -24.88 -8.49
CA GLU A 70 -13.33 -24.10 -7.42
C GLU A 70 -11.89 -23.73 -7.73
N ARG A 71 -11.27 -24.47 -8.63
CA ARG A 71 -9.90 -24.11 -9.09
C ARG A 71 -9.94 -22.84 -9.93
N LEU A 72 -8.86 -22.07 -9.88
CA LEU A 72 -8.83 -20.83 -10.65
C LEU A 72 -8.71 -21.17 -12.14
N LEU A 73 -9.28 -20.31 -12.97
CA LEU A 73 -9.25 -20.54 -14.43
C LEU A 73 -7.82 -20.57 -14.94
N GLN A 74 -6.91 -19.87 -14.29
CA GLN A 74 -5.51 -19.75 -14.71
C GLN A 74 -4.81 -21.13 -14.57
N ASP A 75 -5.39 -22.00 -13.75
CA ASP A 75 -4.81 -23.35 -13.50
C ASP A 75 -4.90 -24.17 -14.78
N TYR A 76 -5.88 -23.90 -15.64
CA TYR A 76 -6.03 -24.62 -16.94
C TYR A 76 -5.43 -23.75 -18.02
N PRO A 77 -4.14 -23.93 -18.41
CA PRO A 77 -3.56 -23.14 -19.48
C PRO A 77 -4.23 -23.52 -20.79
N PRO A 78 -4.44 -22.54 -21.70
CA PRO A 78 -5.20 -22.76 -22.92
C PRO A 78 -4.45 -23.56 -23.98
N ASN A 79 -5.21 -24.32 -24.78
CA ASN A 79 -4.67 -25.04 -25.95
C ASN A 79 -4.18 -24.00 -26.94
N LEU A 80 -2.98 -24.17 -27.49
CA LEU A 80 -2.37 -23.17 -28.41
C LEU A 80 -2.62 -23.58 -29.86
N ASP A 81 -3.39 -24.66 -30.08
CA ASP A 81 -3.73 -25.16 -31.44
C ASP A 81 -4.51 -24.06 -32.18
N THR A 82 -5.41 -23.36 -31.51
CA THR A 82 -6.27 -22.33 -32.12
C THR A 82 -5.69 -20.94 -31.93
N PRO A 83 -6.08 -19.98 -32.80
CA PRO A 83 -5.69 -18.58 -32.67
C PRO A 83 -6.18 -17.95 -31.36
N LEU A 84 -7.38 -18.33 -30.94
CA LEU A 84 -7.98 -17.92 -29.64
C LEU A 84 -8.08 -19.17 -28.79
N PRO A 85 -7.94 -19.07 -27.46
CA PRO A 85 -8.18 -20.21 -26.59
C PRO A 85 -9.59 -20.76 -26.74
N TYR A 86 -9.78 -22.06 -26.64
CA TYR A 86 -11.09 -22.66 -26.94
C TYR A 86 -11.51 -23.57 -25.80
N LEU A 87 -12.70 -23.34 -25.29
CA LEU A 87 -13.32 -24.16 -24.25
C LEU A 87 -14.71 -24.55 -24.73
N GLU A 88 -15.28 -25.61 -24.12
CA GLU A 88 -16.67 -25.97 -24.44
C GLU A 88 -17.51 -25.93 -23.16
N PHE A 89 -18.82 -25.78 -23.33
CA PHE A 89 -19.79 -25.76 -22.26
C PHE A 89 -20.64 -27.00 -22.48
N ARG A 90 -20.50 -27.98 -21.60
CA ARG A 90 -21.11 -29.30 -21.81
C ARG A 90 -21.83 -29.71 -20.55
N TYR A 91 -22.91 -30.46 -20.69
CA TYR A 91 -23.58 -31.09 -19.54
C TYR A 91 -22.64 -32.11 -18.90
N LYS A 92 -22.72 -32.25 -17.58
CA LYS A 92 -21.79 -33.15 -16.86
C LYS A 92 -22.33 -34.56 -16.96
N ARG A 93 -22.17 -35.15 -18.14
CA ARG A 93 -22.61 -36.54 -18.40
C ARG A 93 -21.49 -37.46 -17.96
N ARG A 94 -21.85 -38.73 -17.76
CA ARG A 94 -20.84 -39.74 -17.42
C ARG A 94 -19.78 -39.79 -18.53
N VAL A 95 -18.53 -39.82 -18.09
CA VAL A 95 -17.37 -39.92 -19.01
C VAL A 95 -16.99 -41.40 -19.07
N TYR A 96 -17.15 -41.93 -20.26
CA TYR A 96 -16.69 -43.28 -20.64
C TYR A 96 -15.38 -43.11 -21.43
N ALA A 97 -14.34 -42.60 -20.77
CA ALA A 97 -12.99 -42.43 -21.36
C ALA A 97 -12.47 -43.81 -21.78
N GLN A 98 -11.98 -43.94 -23.02
CA GLN A 98 -11.49 -45.20 -23.61
C GLN A 98 -12.59 -46.26 -23.53
N ASN A 99 -13.84 -45.89 -23.83
CA ASN A 99 -15.01 -46.81 -23.82
C ASN A 99 -15.84 -46.58 -25.09
N LEU A 100 -16.29 -47.67 -25.73
CA LEU A 100 -17.14 -47.63 -26.93
C LEU A 100 -18.20 -48.73 -26.81
N ILE A 101 -19.48 -48.36 -26.80
CA ILE A 101 -20.63 -49.26 -26.55
C ILE A 101 -21.76 -48.93 -27.53
N ASP A 102 -22.59 -49.91 -27.88
CA ASP A 102 -23.75 -49.76 -28.80
C ASP A 102 -24.68 -48.65 -28.28
N ASP A 103 -25.09 -47.75 -29.19
CA ASP A 103 -25.96 -46.58 -28.86
C ASP A 103 -27.25 -47.13 -28.23
N LYS A 104 -27.84 -48.16 -28.82
CA LYS A 104 -29.10 -48.76 -28.30
C LYS A 104 -28.79 -49.46 -26.98
N GLN A 105 -27.62 -50.11 -26.87
CA GLN A 105 -27.23 -50.82 -25.61
C GLN A 105 -27.06 -49.77 -24.50
N PHE A 106 -26.44 -48.64 -24.83
CA PHE A 106 -26.29 -47.50 -23.90
C PHE A 106 -27.71 -46.98 -23.55
N ALA A 107 -28.56 -46.88 -24.56
CA ALA A 107 -29.97 -46.42 -24.42
C ALA A 107 -30.74 -47.41 -23.53
N LYS A 108 -30.49 -48.72 -23.69
CA LYS A 108 -31.15 -49.78 -22.89
C LYS A 108 -30.76 -49.63 -21.42
N LEU A 109 -29.48 -49.34 -21.17
CA LEU A 109 -28.90 -49.17 -19.81
C LEU A 109 -29.58 -48.01 -19.08
N HIS A 110 -29.98 -46.94 -19.78
CA HIS A 110 -30.43 -45.66 -19.18
C HIS A 110 -31.93 -45.45 -19.29
N THR A 111 -32.71 -46.53 -19.40
CA THR A 111 -34.18 -46.40 -19.43
C THR A 111 -34.65 -45.91 -18.06
N LYS A 112 -35.81 -45.28 -18.03
CA LYS A 112 -36.40 -44.79 -16.76
C LYS A 112 -36.42 -45.92 -15.73
N ALA A 113 -36.91 -47.09 -16.12
CA ALA A 113 -37.01 -48.28 -15.23
C ALA A 113 -35.65 -48.67 -14.69
N ASN A 114 -34.65 -48.68 -15.56
CA ASN A 114 -33.29 -49.13 -15.19
C ASN A 114 -32.62 -48.11 -14.30
N LEU A 115 -32.87 -46.83 -14.55
CA LEU A 115 -32.32 -45.79 -13.66
C LEU A 115 -33.00 -45.86 -12.29
N LYS A 116 -34.28 -46.18 -12.25
CA LYS A 116 -34.97 -46.36 -10.96
C LYS A 116 -34.42 -47.58 -10.23
N LYS A 117 -34.25 -48.69 -10.96
CA LYS A 117 -33.60 -49.89 -10.40
C LYS A 117 -32.23 -49.55 -9.80
N PHE A 118 -31.47 -48.75 -10.52
CA PHE A 118 -30.10 -48.36 -10.08
C PHE A 118 -30.21 -47.57 -8.77
N MET A 119 -31.09 -46.57 -8.74
CA MET A 119 -31.29 -45.80 -7.49
C MET A 119 -31.74 -46.72 -6.35
N ASP A 120 -32.57 -47.73 -6.62
CA ASP A 120 -32.96 -48.69 -5.56
C ASP A 120 -31.75 -49.44 -5.03
N TYR A 121 -30.86 -49.87 -5.91
CA TYR A 121 -29.60 -50.52 -5.46
C TYR A 121 -28.79 -49.58 -4.57
N VAL A 122 -28.70 -48.33 -4.95
CA VAL A 122 -27.96 -47.36 -4.12
C VAL A 122 -28.65 -47.29 -2.73
N GLN A 123 -29.97 -47.11 -2.71
CA GLN A 123 -30.71 -46.96 -1.43
C GLN A 123 -30.57 -48.22 -0.57
N LEU A 124 -30.56 -49.40 -1.19
CA LEU A 124 -30.43 -50.70 -0.46
C LEU A 124 -28.98 -51.03 -0.11
N HIS A 125 -28.07 -50.15 -0.52
CA HIS A 125 -26.62 -50.31 -0.24
C HIS A 125 -26.07 -51.57 -0.91
N SER A 126 -26.59 -51.89 -2.09
CA SER A 126 -26.14 -53.06 -2.86
C SER A 126 -24.93 -52.66 -3.69
N THR A 127 -23.80 -52.53 -3.02
CA THR A 127 -22.61 -51.94 -3.67
C THR A 127 -22.17 -52.74 -4.89
N ASP A 128 -22.16 -54.06 -4.79
CA ASP A 128 -21.62 -54.88 -5.90
C ASP A 128 -22.47 -54.77 -7.14
N LYS A 129 -23.78 -54.68 -6.96
CA LYS A 129 -24.73 -54.57 -8.10
C LYS A 129 -24.60 -53.20 -8.74
N VAL A 130 -24.41 -52.17 -7.93
CA VAL A 130 -24.13 -50.79 -8.43
C VAL A 130 -22.86 -50.80 -9.25
N ALA A 131 -21.80 -51.40 -8.73
CA ALA A 131 -20.50 -51.43 -9.43
C ALA A 131 -20.60 -52.15 -10.76
N ARG A 132 -21.32 -53.27 -10.80
CA ARG A 132 -21.45 -54.04 -12.06
C ARG A 132 -22.13 -53.22 -13.13
N LEU A 133 -23.17 -52.45 -12.75
CA LEU A 133 -23.89 -51.60 -13.73
C LEU A 133 -22.98 -50.47 -14.19
N LEU A 134 -22.23 -49.88 -13.28
CA LEU A 134 -21.25 -48.83 -13.68
C LEU A 134 -20.20 -49.43 -14.60
N ASP A 135 -19.73 -50.62 -14.29
CA ASP A 135 -18.71 -51.31 -15.13
C ASP A 135 -19.23 -51.52 -16.54
N LYS A 136 -20.53 -51.77 -16.68
CA LYS A 136 -21.14 -51.98 -18.00
C LYS A 136 -21.41 -50.67 -18.72
N GLY A 137 -21.22 -49.54 -18.05
CA GLY A 137 -21.30 -48.23 -18.70
C GLY A 137 -22.43 -47.32 -18.23
N LEU A 138 -23.11 -47.64 -17.14
CA LEU A 138 -24.17 -46.73 -16.67
C LEU A 138 -23.54 -45.38 -16.26
N ASP A 139 -24.26 -44.34 -16.65
CA ASP A 139 -23.96 -42.95 -16.31
C ASP A 139 -24.69 -42.63 -15.02
N PRO A 140 -23.95 -42.42 -13.91
CA PRO A 140 -24.54 -42.09 -12.61
C PRO A 140 -24.92 -40.62 -12.43
N ASN A 141 -24.64 -39.81 -13.43
CA ASN A 141 -24.94 -38.36 -13.39
C ASN A 141 -26.35 -38.13 -13.91
N PHE A 142 -27.33 -38.44 -13.08
CA PHE A 142 -28.76 -38.24 -13.43
C PHE A 142 -29.54 -37.98 -12.16
N HIS A 143 -30.79 -37.57 -12.34
CA HIS A 143 -31.74 -37.32 -11.22
C HIS A 143 -32.85 -38.34 -11.22
N ASP A 144 -33.20 -38.80 -10.03
CA ASP A 144 -34.48 -39.53 -9.88
C ASP A 144 -35.60 -38.53 -10.14
N PRO A 145 -36.62 -38.89 -10.96
CA PRO A 145 -37.70 -37.93 -11.23
C PRO A 145 -38.48 -37.44 -10.01
N ASP A 146 -38.77 -38.36 -9.08
CA ASP A 146 -39.60 -38.05 -7.89
C ASP A 146 -38.78 -37.35 -6.82
N SER A 147 -37.62 -37.91 -6.49
CA SER A 147 -36.83 -37.46 -5.33
C SER A 147 -35.98 -36.22 -5.64
N GLY A 148 -35.55 -36.11 -6.88
CA GLY A 148 -34.61 -35.06 -7.28
C GLY A 148 -33.18 -35.34 -6.89
N GLU A 149 -32.92 -36.49 -6.29
CA GLU A 149 -31.57 -36.89 -5.87
C GLU A 149 -30.82 -37.47 -7.06
N CYS A 150 -29.51 -37.41 -7.01
CA CYS A 150 -28.65 -38.17 -7.94
C CYS A 150 -28.03 -39.30 -7.14
N PRO A 151 -27.45 -40.32 -7.78
CA PRO A 151 -26.86 -41.42 -7.00
C PRO A 151 -25.88 -40.99 -5.92
N LEU A 152 -25.00 -40.06 -6.27
CA LEU A 152 -23.98 -39.63 -5.28
C LEU A 152 -24.61 -38.88 -4.12
N SER A 153 -25.57 -37.99 -4.41
CA SER A 153 -26.20 -37.18 -3.35
C SER A 153 -27.02 -38.09 -2.43
N LEU A 154 -27.67 -39.09 -3.01
CA LEU A 154 -28.43 -40.05 -2.19
C LEU A 154 -27.49 -40.91 -1.34
N ALA A 155 -26.41 -41.42 -1.92
CA ALA A 155 -25.44 -42.24 -1.18
C ALA A 155 -24.87 -41.45 0.00
N ALA A 156 -24.68 -40.14 -0.20
CA ALA A 156 -24.11 -39.27 0.84
C ALA A 156 -25.01 -39.16 2.07
N GLN A 157 -26.24 -39.62 1.97
CA GLN A 157 -27.20 -39.53 3.09
C GLN A 157 -27.39 -40.88 3.79
N LEU A 158 -26.70 -41.93 3.34
CA LEU A 158 -26.83 -43.26 3.95
C LEU A 158 -25.73 -43.48 4.98
N ASP A 159 -26.04 -44.32 5.95
CA ASP A 159 -25.00 -44.79 6.91
C ASP A 159 -23.95 -45.63 6.19
N ASN A 160 -22.71 -45.49 6.64
CA ASN A 160 -21.59 -46.33 6.15
C ASN A 160 -21.48 -46.23 4.63
N ALA A 161 -21.50 -45.00 4.14
CA ALA A 161 -21.64 -44.74 2.70
C ALA A 161 -20.30 -44.79 1.96
N THR A 162 -19.19 -45.00 2.64
CA THR A 162 -17.88 -44.85 1.99
C THR A 162 -17.75 -45.79 0.80
N ASP A 163 -18.22 -47.02 0.92
CA ASP A 163 -18.09 -48.00 -0.18
C ASP A 163 -18.86 -47.50 -1.40
N LEU A 164 -20.10 -47.09 -1.19
CA LEU A 164 -20.92 -46.60 -2.32
C LEU A 164 -20.30 -45.37 -2.95
N LEU A 165 -19.83 -44.45 -2.14
CA LEU A 165 -19.27 -43.19 -2.66
C LEU A 165 -18.04 -43.47 -3.51
N LYS A 166 -17.16 -44.34 -3.03
CA LYS A 166 -15.95 -44.69 -3.79
C LYS A 166 -16.32 -45.40 -5.08
N VAL A 167 -17.23 -46.35 -5.01
CA VAL A 167 -17.66 -47.10 -6.22
C VAL A 167 -18.27 -46.16 -7.25
N LEU A 168 -19.12 -45.23 -6.79
CA LEU A 168 -19.79 -44.28 -7.70
C LEU A 168 -18.75 -43.36 -8.34
N ARG A 169 -17.81 -42.86 -7.56
CA ARG A 169 -16.77 -41.96 -8.11
C ARG A 169 -15.89 -42.72 -9.10
N ASN A 170 -15.52 -43.96 -8.80
CA ASN A 170 -14.72 -44.78 -9.76
C ASN A 170 -15.53 -45.05 -11.03
N GLY A 171 -16.84 -45.06 -10.93
CA GLY A 171 -17.73 -45.33 -12.07
C GLY A 171 -18.13 -44.04 -12.76
N GLY A 172 -17.44 -42.93 -12.51
CA GLY A 172 -17.66 -41.70 -13.29
C GLY A 172 -18.61 -40.68 -12.69
N ALA A 173 -19.04 -40.83 -11.44
CA ALA A 173 -19.91 -39.81 -10.84
C ALA A 173 -19.13 -38.52 -10.57
N HIS A 174 -19.62 -37.41 -11.09
CA HIS A 174 -18.99 -36.10 -10.82
C HIS A 174 -19.23 -35.71 -9.38
N LEU A 175 -18.20 -35.25 -8.69
CA LEU A 175 -18.32 -34.93 -7.26
C LEU A 175 -19.16 -33.67 -7.03
N ASP A 176 -19.26 -32.82 -8.04
CA ASP A 176 -20.01 -31.55 -7.93
C ASP A 176 -21.35 -31.63 -8.66
N PHE A 177 -21.75 -32.80 -9.11
CA PHE A 177 -23.08 -32.93 -9.73
C PHE A 177 -24.08 -32.48 -8.69
N ARG A 178 -24.86 -31.47 -9.05
CA ARG A 178 -25.90 -30.91 -8.18
C ARG A 178 -27.23 -31.59 -8.40
N THR A 179 -28.05 -31.56 -7.36
CA THR A 179 -29.41 -32.14 -7.42
C THR A 179 -30.33 -31.11 -8.03
N ARG A 180 -31.59 -31.48 -8.19
CA ARG A 180 -32.60 -30.61 -8.84
C ARG A 180 -32.67 -29.28 -8.08
N ASP A 181 -32.40 -29.31 -6.77
CA ASP A 181 -32.46 -28.11 -5.90
C ASP A 181 -31.16 -27.33 -5.92
N GLY A 182 -30.14 -27.82 -6.63
CA GLY A 182 -28.84 -27.11 -6.68
C GLY A 182 -27.84 -27.49 -5.59
N LEU A 183 -28.07 -28.58 -4.88
CA LEU A 183 -27.14 -29.00 -3.80
C LEU A 183 -26.21 -30.08 -4.32
N THR A 184 -24.93 -30.00 -3.97
CA THR A 184 -24.00 -31.09 -4.29
C THR A 184 -24.09 -32.14 -3.20
N ALA A 185 -23.48 -33.29 -3.47
CA ALA A 185 -23.29 -34.36 -2.47
C ALA A 185 -22.69 -33.86 -1.16
N VAL A 186 -21.76 -32.91 -1.26
CA VAL A 186 -21.13 -32.35 -0.04
C VAL A 186 -22.15 -31.58 0.77
N HIS A 187 -22.98 -30.79 0.12
CA HIS A 187 -24.11 -30.12 0.81
C HIS A 187 -24.97 -31.16 1.51
N CYS A 188 -25.30 -32.25 0.81
CA CYS A 188 -26.29 -33.23 1.35
C CYS A 188 -25.72 -33.94 2.57
N ALA A 189 -24.46 -34.36 2.50
CA ALA A 189 -23.81 -35.01 3.65
C ALA A 189 -23.75 -34.07 4.83
N THR A 190 -23.44 -32.80 4.56
CA THR A 190 -23.33 -31.80 5.63
C THR A 190 -24.67 -31.63 6.33
N ARG A 191 -25.71 -31.43 5.52
CA ARG A 191 -27.08 -31.18 6.04
C ARG A 191 -27.58 -32.36 6.87
N GLN A 192 -27.22 -33.56 6.46
CA GLN A 192 -27.65 -34.78 7.19
C GLN A 192 -26.74 -35.06 8.38
N ARG A 193 -25.66 -34.28 8.55
CA ARG A 193 -24.66 -34.51 9.61
C ARG A 193 -24.14 -35.94 9.47
N ASN A 194 -23.85 -36.32 8.22
CA ASN A 194 -23.22 -37.61 7.90
C ASN A 194 -21.71 -37.40 7.84
N ALA A 195 -21.02 -37.55 8.96
CA ALA A 195 -19.59 -37.19 9.00
C ALA A 195 -18.77 -38.17 8.18
N GLY A 196 -19.14 -39.45 8.22
CA GLY A 196 -18.44 -40.48 7.44
C GLY A 196 -18.51 -40.19 5.96
N ALA A 197 -19.70 -39.85 5.49
CA ALA A 197 -19.89 -39.59 4.04
C ALA A 197 -19.14 -38.32 3.65
N LEU A 198 -19.23 -37.30 4.48
CA LEU A 198 -18.53 -36.04 4.20
C LEU A 198 -17.03 -36.28 4.13
N THR A 199 -16.47 -37.00 5.09
CA THR A 199 -15.01 -37.26 5.06
C THR A 199 -14.61 -37.99 3.79
N THR A 200 -15.39 -38.97 3.36
CA THR A 200 -15.03 -39.72 2.15
C THR A 200 -15.12 -38.81 0.93
N LEU A 201 -16.16 -37.99 0.84
CA LEU A 201 -16.27 -37.05 -0.30
C LEU A 201 -15.03 -36.16 -0.36
N LEU A 202 -14.63 -35.61 0.75
CA LEU A 202 -13.42 -34.75 0.80
C LEU A 202 -12.18 -35.55 0.45
N ASP A 203 -12.07 -36.78 0.97
CA ASP A 203 -10.95 -37.69 0.64
C ASP A 203 -10.87 -37.95 -0.86
N LEU A 204 -12.03 -38.04 -1.51
CA LEU A 204 -12.09 -38.31 -2.96
C LEU A 204 -11.75 -37.08 -3.80
N GLY A 205 -11.51 -35.94 -3.14
CA GLY A 205 -11.12 -34.72 -3.83
C GLY A 205 -12.21 -33.71 -4.00
N ALA A 206 -13.38 -33.93 -3.43
CA ALA A 206 -14.46 -32.93 -3.50
C ALA A 206 -14.06 -31.65 -2.77
N SER A 207 -14.29 -30.51 -3.40
CA SER A 207 -14.04 -29.24 -2.71
C SER A 207 -15.06 -28.99 -1.57
N PRO A 208 -14.64 -28.34 -0.42
CA PRO A 208 -15.40 -27.87 0.78
C PRO A 208 -16.16 -26.53 0.61
N ASP A 209 -15.91 -25.90 -0.53
CA ASP A 209 -16.46 -24.57 -0.87
C ASP A 209 -17.48 -24.66 -2.00
N TYR A 210 -18.04 -25.83 -2.31
CA TYR A 210 -19.03 -25.89 -3.41
C TYR A 210 -20.22 -24.95 -3.15
N LYS A 211 -20.62 -24.25 -4.20
CA LYS A 211 -21.73 -23.27 -4.11
C LYS A 211 -23.02 -23.89 -4.64
N ASP A 212 -24.12 -23.50 -4.02
CA ASP A 212 -25.46 -23.99 -4.44
C ASP A 212 -26.07 -22.99 -5.41
N SER A 213 -27.37 -23.06 -5.63
CA SER A 213 -28.03 -22.13 -6.59
C SER A 213 -27.96 -20.69 -6.06
N ARG A 214 -28.07 -20.56 -4.75
CA ARG A 214 -28.05 -19.25 -4.05
C ARG A 214 -26.63 -18.77 -3.76
N GLY A 215 -25.64 -19.59 -4.04
CA GLY A 215 -24.23 -19.26 -3.86
C GLY A 215 -23.71 -19.60 -2.48
N LEU A 216 -24.53 -20.28 -1.68
CA LEU A 216 -24.16 -20.69 -0.31
C LEU A 216 -23.41 -22.02 -0.35
N THR A 217 -22.38 -22.10 0.48
CA THR A 217 -21.48 -23.25 0.58
C THR A 217 -22.01 -24.25 1.60
N PRO A 218 -21.43 -25.45 1.62
CA PRO A 218 -21.83 -26.45 2.62
C PRO A 218 -21.62 -25.94 4.05
N LEU A 219 -20.52 -25.24 4.27
CA LEU A 219 -20.24 -24.69 5.61
C LEU A 219 -21.34 -23.73 6.04
N TYR A 220 -21.81 -22.92 5.10
CA TYR A 220 -22.89 -21.96 5.40
C TYR A 220 -24.14 -22.74 5.80
N HIS A 221 -24.45 -23.79 5.05
CA HIS A 221 -25.62 -24.63 5.38
C HIS A 221 -25.48 -25.21 6.77
N SER A 222 -24.27 -25.59 7.18
CA SER A 222 -24.09 -26.24 8.50
C SER A 222 -24.41 -25.26 9.59
N ALA A 223 -24.00 -24.00 9.40
CA ALA A 223 -24.24 -22.94 10.39
C ALA A 223 -25.74 -22.66 10.51
N LEU A 224 -26.45 -22.72 9.39
CA LEU A 224 -27.92 -22.52 9.41
C LEU A 224 -28.63 -23.67 10.10
N GLY A 225 -28.19 -24.88 9.81
CA GLY A 225 -28.77 -26.13 10.29
C GLY A 225 -28.56 -26.46 11.76
N GLY A 226 -27.39 -26.15 12.31
CA GLY A 226 -27.16 -26.50 13.72
C GLY A 226 -26.98 -28.01 13.92
N GLY A 227 -27.18 -28.39 15.16
CA GLY A 227 -27.05 -29.80 15.58
C GLY A 227 -25.61 -30.21 15.76
N ASP A 228 -25.32 -31.47 15.53
CA ASP A 228 -23.94 -31.99 15.69
C ASP A 228 -22.99 -31.14 14.87
N ALA A 229 -21.96 -30.59 15.51
CA ALA A 229 -21.08 -29.62 14.85
C ALA A 229 -19.89 -30.32 14.21
N ARG A 230 -19.89 -31.65 14.21
CA ARG A 230 -18.70 -32.37 13.67
C ARG A 230 -18.52 -32.02 12.19
N CYS A 231 -19.60 -31.97 11.42
CA CYS A 231 -19.47 -31.72 9.97
C CYS A 231 -18.90 -30.33 9.72
N CYS A 232 -19.38 -29.36 10.50
CA CYS A 232 -18.84 -27.99 10.44
C CYS A 232 -17.32 -28.03 10.62
N GLU A 233 -16.86 -28.73 11.64
CA GLU A 233 -15.42 -28.81 11.97
C GLU A 233 -14.68 -29.52 10.83
N LEU A 234 -15.28 -30.57 10.27
CA LEU A 234 -14.62 -31.36 9.19
C LEU A 234 -14.41 -30.48 7.97
N LEU A 235 -15.42 -29.68 7.61
CA LEU A 235 -15.29 -28.77 6.46
C LEU A 235 -14.16 -27.78 6.72
N LEU A 236 -14.21 -27.14 7.87
CA LEU A 236 -13.19 -26.11 8.21
C LEU A 236 -11.80 -26.70 8.24
N HIS A 237 -11.67 -27.92 8.74
CA HIS A 237 -10.38 -28.63 8.82
C HIS A 237 -9.84 -28.88 7.42
N ASP A 238 -10.72 -29.05 6.44
CA ASP A 238 -10.28 -29.29 5.05
C ASP A 238 -10.16 -27.97 4.27
N HIS A 239 -9.87 -26.86 4.96
CA HIS A 239 -9.63 -25.51 4.38
C HIS A 239 -10.88 -24.93 3.73
N ALA A 240 -12.07 -25.28 4.22
CA ALA A 240 -13.31 -24.60 3.75
C ALA A 240 -13.19 -23.08 3.95
N GLN A 241 -13.64 -22.34 2.95
CA GLN A 241 -13.51 -20.87 2.97
C GLN A 241 -14.56 -20.29 3.88
N LEU A 242 -14.17 -19.30 4.67
CA LEU A 242 -15.11 -18.56 5.51
C LEU A 242 -15.53 -17.25 4.86
N GLY A 243 -16.54 -16.65 5.44
CA GLY A 243 -16.97 -15.30 5.04
C GLY A 243 -17.95 -15.26 3.91
N THR A 244 -18.59 -16.38 3.60
CA THR A 244 -19.66 -16.39 2.58
C THR A 244 -20.84 -15.53 3.04
N THR A 245 -21.41 -14.76 2.14
CA THR A 245 -22.55 -13.89 2.48
C THR A 245 -23.78 -14.32 1.71
N ASP A 246 -24.95 -14.12 2.31
CA ASP A 246 -26.21 -14.25 1.55
C ASP A 246 -26.59 -12.91 0.94
N GLU A 247 -27.80 -12.78 0.46
CA GLU A 247 -28.23 -11.55 -0.27
C GLU A 247 -28.24 -10.34 0.67
N ASN A 248 -28.45 -10.59 1.95
CA ASN A 248 -28.54 -9.51 2.97
C ASN A 248 -27.23 -9.32 3.71
N GLY A 249 -26.21 -10.04 3.33
CA GLY A 249 -24.85 -9.84 3.88
C GLY A 249 -24.60 -10.59 5.16
N TRP A 250 -25.48 -11.51 5.54
CA TRP A 250 -25.21 -12.38 6.69
C TRP A 250 -24.10 -13.37 6.33
N GLN A 251 -23.08 -13.44 7.19
CA GLN A 251 -22.03 -14.46 7.10
C GLN A 251 -22.37 -15.64 8.02
N GLU A 252 -21.47 -16.61 8.09
CA GLU A 252 -21.77 -17.85 8.84
C GLU A 252 -22.01 -17.54 10.30
N ILE A 253 -21.21 -16.67 10.88
CA ILE A 253 -21.37 -16.37 12.33
C ILE A 253 -22.68 -15.65 12.59
N HIS A 254 -23.17 -14.84 11.65
CA HIS A 254 -24.48 -14.18 11.84
C HIS A 254 -25.57 -15.23 11.97
N GLN A 255 -25.53 -16.24 11.10
CA GLN A 255 -26.58 -17.28 11.12
C GLN A 255 -26.47 -18.11 12.39
N ALA A 256 -25.26 -18.54 12.75
CA ALA A 256 -25.07 -19.36 13.95
C ALA A 256 -25.63 -18.62 15.16
N CYS A 257 -25.36 -17.32 15.23
CA CYS A 257 -25.79 -16.53 16.40
C CYS A 257 -27.31 -16.38 16.43
N ARG A 258 -27.94 -16.12 15.29
CA ARG A 258 -29.42 -15.96 15.29
C ARG A 258 -30.12 -17.18 15.87
N PHE A 259 -29.61 -18.37 15.57
CA PHE A 259 -30.28 -19.61 15.99
C PHE A 259 -29.66 -20.21 17.24
N GLY A 260 -28.63 -19.59 17.80
CA GLY A 260 -28.04 -20.12 19.03
C GLY A 260 -27.22 -21.38 18.82
N HIS A 261 -26.59 -21.53 17.65
CA HIS A 261 -25.73 -22.70 17.39
C HIS A 261 -24.33 -22.41 17.90
N VAL A 262 -24.18 -22.55 19.20
CA VAL A 262 -22.96 -22.10 19.90
C VAL A 262 -21.76 -22.99 19.52
N GLN A 263 -21.93 -24.29 19.27
CA GLN A 263 -20.80 -25.17 18.89
C GLN A 263 -20.31 -24.76 17.51
N HIS A 264 -21.24 -24.50 16.58
CA HIS A 264 -20.86 -24.02 15.23
C HIS A 264 -20.12 -22.70 15.36
N LEU A 265 -20.64 -21.80 16.17
CA LEU A 265 -19.94 -20.51 16.37
C LEU A 265 -18.51 -20.69 16.83
N GLU A 266 -18.29 -21.51 17.84
CA GLU A 266 -16.93 -21.69 18.40
C GLU A 266 -15.95 -22.25 17.37
N HIS A 267 -16.41 -23.24 16.60
CA HIS A 267 -15.56 -23.78 15.50
C HIS A 267 -15.21 -22.67 14.51
N LEU A 268 -16.22 -21.93 14.08
CA LEU A 268 -16.03 -20.88 13.07
C LEU A 268 -15.04 -19.84 13.58
N LEU A 269 -15.21 -19.45 14.82
CA LEU A 269 -14.31 -18.45 15.45
C LEU A 269 -12.92 -19.02 15.58
N PHE A 270 -12.78 -20.27 15.99
CA PHE A 270 -11.45 -20.87 16.12
C PHE A 270 -10.72 -20.86 14.77
N TYR A 271 -11.45 -21.08 13.70
CA TYR A 271 -10.84 -21.20 12.37
C TYR A 271 -10.73 -19.84 11.66
N GLY A 272 -10.93 -18.74 12.35
CA GLY A 272 -10.63 -17.42 11.81
C GLY A 272 -11.81 -16.59 11.36
N ALA A 273 -13.03 -16.96 11.66
CA ALA A 273 -14.17 -16.16 11.17
C ALA A 273 -14.04 -14.73 11.62
N ASN A 274 -14.38 -13.81 10.71
CA ASN A 274 -14.29 -12.36 10.96
C ASN A 274 -15.43 -11.91 11.89
N MET A 275 -15.11 -11.62 13.15
CA MET A 275 -16.13 -11.25 14.14
C MET A 275 -16.77 -9.90 13.81
N GLY A 276 -15.96 -9.03 13.20
CA GLY A 276 -16.34 -7.65 12.87
C GLY A 276 -17.09 -7.54 11.59
N ALA A 277 -17.30 -8.64 10.85
CA ALA A 277 -18.13 -8.60 9.65
C ALA A 277 -19.51 -8.07 9.97
N GLN A 278 -20.00 -7.18 9.11
CA GLN A 278 -21.33 -6.58 9.30
C GLN A 278 -22.18 -6.97 8.11
N ASN A 279 -23.47 -7.13 8.37
CA ASN A 279 -24.43 -7.45 7.28
C ASN A 279 -24.94 -6.15 6.68
N ALA A 280 -26.06 -6.26 5.95
CA ALA A 280 -26.62 -5.12 5.19
C ALA A 280 -27.07 -3.99 6.10
N SER A 281 -27.52 -4.35 7.30
CA SER A 281 -28.00 -3.39 8.31
C SER A 281 -26.83 -2.84 9.13
N GLY A 282 -25.63 -3.37 8.91
CA GLY A 282 -24.49 -2.94 9.73
C GLY A 282 -24.37 -3.71 10.99
N ASN A 283 -25.19 -4.75 11.16
CA ASN A 283 -25.17 -5.58 12.40
C ASN A 283 -24.03 -6.58 12.35
N THR A 284 -23.26 -6.64 13.40
CA THR A 284 -22.24 -7.69 13.58
C THR A 284 -22.93 -8.89 14.21
N ALA A 285 -22.15 -9.96 14.36
CA ALA A 285 -22.65 -11.18 15.01
C ALA A 285 -23.18 -10.84 16.40
N LEU A 286 -22.48 -9.92 17.10
CA LEU A 286 -22.91 -9.59 18.48
C LEU A 286 -24.25 -8.87 18.46
N HIS A 287 -24.45 -7.97 17.49
CA HIS A 287 -25.79 -7.35 17.31
C HIS A 287 -26.83 -8.45 17.11
N ILE A 288 -26.52 -9.44 16.29
CA ILE A 288 -27.48 -10.53 16.01
C ILE A 288 -27.83 -11.25 17.30
N CYS A 289 -26.83 -11.57 18.11
CA CYS A 289 -27.13 -12.15 19.46
C CYS A 289 -28.07 -11.25 20.25
N ALA A 290 -27.84 -9.94 20.21
CA ALA A 290 -28.64 -9.02 21.02
C ALA A 290 -30.08 -8.97 20.51
N LEU A 291 -30.24 -9.04 19.19
CA LEU A 291 -31.59 -9.04 18.56
C LEU A 291 -32.38 -10.28 18.90
N TYR A 292 -31.74 -11.44 18.97
CA TYR A 292 -32.45 -12.72 19.14
C TYR A 292 -32.31 -13.28 20.55
N ASN A 293 -31.73 -12.52 21.47
CA ASN A 293 -31.56 -12.91 22.88
C ASN A 293 -30.79 -14.22 23.00
N GLN A 294 -29.67 -14.31 22.27
CA GLN A 294 -28.82 -15.50 22.30
C GLN A 294 -27.64 -15.23 23.23
N GLU A 295 -27.87 -15.40 24.52
CA GLU A 295 -26.85 -15.06 25.53
C GLU A 295 -25.67 -16.04 25.46
N SER A 296 -25.93 -17.34 25.23
CA SER A 296 -24.87 -18.38 25.18
C SER A 296 -23.85 -17.99 24.11
N CYS A 297 -24.36 -17.55 22.95
CA CYS A 297 -23.48 -17.12 21.83
C CYS A 297 -22.79 -15.80 22.13
N ALA A 298 -23.51 -14.84 22.69
CA ALA A 298 -22.91 -13.51 22.92
C ALA A 298 -21.73 -13.65 23.88
N ARG A 299 -21.84 -14.54 24.85
CA ARG A 299 -20.75 -14.75 25.81
C ARG A 299 -19.48 -15.24 25.11
N VAL A 300 -19.64 -16.17 24.18
CA VAL A 300 -18.50 -16.72 23.41
C VAL A 300 -17.85 -15.60 22.60
N LEU A 301 -18.64 -14.79 21.94
CA LEU A 301 -18.13 -13.68 21.12
C LEU A 301 -17.30 -12.72 21.98
N LEU A 302 -17.86 -12.28 23.10
CA LEU A 302 -17.14 -11.35 23.98
C LEU A 302 -15.86 -12.00 24.50
N TYR A 303 -15.97 -13.24 24.91
CA TYR A 303 -14.86 -13.99 25.51
C TYR A 303 -13.68 -14.08 24.55
N ARG A 304 -13.97 -14.19 23.27
CA ARG A 304 -12.94 -14.35 22.23
C ARG A 304 -12.52 -13.03 21.60
N GLY A 305 -13.07 -11.92 22.07
CA GLY A 305 -12.56 -10.59 21.73
C GLY A 305 -13.38 -9.82 20.73
N ALA A 306 -14.65 -10.13 20.54
CA ALA A 306 -15.52 -9.30 19.69
C ALA A 306 -15.56 -7.87 20.23
N ASN A 307 -15.63 -6.91 19.31
CA ASN A 307 -15.66 -5.48 19.67
C ASN A 307 -17.10 -5.12 19.95
N LYS A 308 -17.38 -4.74 21.19
CA LYS A 308 -18.78 -4.44 21.58
C LYS A 308 -19.15 -3.01 21.22
N ASP A 309 -18.20 -2.22 20.74
CA ASP A 309 -18.45 -0.78 20.48
C ASP A 309 -19.00 -0.55 19.09
N VAL A 310 -19.01 -1.56 18.24
CA VAL A 310 -19.35 -1.36 16.81
C VAL A 310 -20.78 -0.88 16.69
N ARG A 311 -20.98 0.17 15.90
CA ARG A 311 -22.33 0.68 15.64
C ARG A 311 -22.84 0.14 14.31
N ASN A 312 -24.12 -0.25 14.28
CA ASN A 312 -24.75 -0.60 12.99
C ASN A 312 -25.08 0.68 12.20
N TYR A 313 -25.69 0.53 11.05
CA TYR A 313 -25.94 1.72 10.21
C TYR A 313 -27.12 2.51 10.76
N ASN A 314 -27.70 2.00 11.84
CA ASN A 314 -28.72 2.78 12.61
C ASN A 314 -28.07 3.50 13.79
N SER A 315 -26.73 3.51 13.82
CA SER A 315 -25.89 4.09 14.92
C SER A 315 -26.12 3.39 16.25
N GLN A 316 -26.48 2.12 16.25
CA GLN A 316 -26.76 1.38 17.49
C GLN A 316 -25.63 0.43 17.80
N THR A 317 -25.24 0.38 19.08
CA THR A 317 -24.33 -0.67 19.57
C THR A 317 -25.13 -1.95 19.83
N ALA A 318 -24.44 -3.06 20.00
CA ALA A 318 -25.07 -4.32 20.40
C ALA A 318 -25.85 -4.15 21.71
N PHE A 319 -25.22 -3.47 22.66
CA PHE A 319 -25.87 -3.16 23.95
C PHE A 319 -27.20 -2.47 23.69
N GLN A 320 -27.17 -1.42 22.89
CA GLN A 320 -28.38 -0.61 22.65
C GLN A 320 -29.44 -1.45 21.96
N VAL A 321 -29.03 -2.29 21.03
CA VAL A 321 -29.97 -3.20 20.33
C VAL A 321 -30.63 -4.12 21.36
N ALA A 322 -29.84 -4.70 22.26
CA ALA A 322 -30.37 -5.62 23.28
C ALA A 322 -31.45 -4.94 24.12
N ILE A 323 -31.16 -3.72 24.58
CA ILE A 323 -32.12 -2.95 25.40
C ILE A 323 -33.41 -2.75 24.63
N ILE A 324 -33.31 -2.34 23.36
CA ILE A 324 -34.49 -1.99 22.55
C ILE A 324 -35.34 -3.24 22.33
N ALA A 325 -34.69 -4.39 22.25
CA ALA A 325 -35.37 -5.68 22.02
C ALA A 325 -35.91 -6.27 23.31
N GLY A 326 -35.61 -5.70 24.46
CA GLY A 326 -36.14 -6.24 25.72
C GLY A 326 -35.26 -7.27 26.35
N ASN A 327 -34.05 -7.46 25.80
CA ASN A 327 -33.12 -8.46 26.36
C ASN A 327 -32.22 -7.80 27.39
N PHE A 328 -32.78 -7.55 28.55
CA PHE A 328 -32.08 -6.77 29.60
C PHE A 328 -30.96 -7.59 30.21
N GLU A 329 -31.19 -8.87 30.43
CA GLU A 329 -30.14 -9.72 31.03
C GLU A 329 -28.98 -9.85 30.07
N LEU A 330 -29.27 -10.05 28.79
CA LEU A 330 -28.21 -10.11 27.77
C LEU A 330 -27.46 -8.77 27.72
N ALA A 331 -28.20 -7.67 27.76
CA ALA A 331 -27.57 -6.33 27.70
C ALA A 331 -26.60 -6.16 28.86
N GLU A 332 -26.96 -6.61 30.05
CA GLU A 332 -26.06 -6.46 31.22
C GLU A 332 -24.79 -7.28 31.02
N VAL A 333 -24.88 -8.44 30.39
CA VAL A 333 -23.67 -9.25 30.09
C VAL A 333 -22.73 -8.45 29.21
N ILE A 334 -23.28 -7.81 28.19
CA ILE A 334 -22.46 -6.97 27.28
C ILE A 334 -21.87 -5.79 28.04
N LYS A 335 -22.71 -5.12 28.82
CA LYS A 335 -22.28 -3.87 29.50
C LYS A 335 -21.16 -4.15 30.50
N THR A 336 -21.37 -5.21 31.25
CA THR A 336 -20.54 -5.70 32.37
C THR A 336 -19.16 -6.17 31.90
N HIS A 337 -19.08 -6.61 30.63
CA HIS A 337 -17.88 -7.26 30.12
C HIS A 337 -16.74 -6.22 30.10
N LYS A 338 -15.56 -6.66 30.46
CA LYS A 338 -14.37 -5.79 30.40
C LYS A 338 -13.34 -6.40 29.48
N ASP A 339 -12.44 -5.55 28.98
CA ASP A 339 -11.48 -6.01 27.95
C ASP A 339 -10.54 -7.08 28.48
N SER A 340 -10.25 -7.00 29.77
CA SER A 340 -9.35 -7.94 30.46
C SER A 340 -9.93 -9.34 30.51
N ASP A 341 -11.25 -9.46 30.33
CA ASP A 341 -11.93 -10.79 30.34
C ASP A 341 -11.59 -11.66 29.13
N VAL A 342 -11.16 -11.04 28.04
CA VAL A 342 -10.94 -11.68 26.73
C VAL A 342 -9.83 -12.71 26.86
N VAL A 343 -10.05 -13.90 26.33
CA VAL A 343 -8.99 -14.91 26.20
C VAL A 343 -8.84 -15.27 24.76
N PRO A 344 -7.78 -14.81 24.09
CA PRO A 344 -7.52 -15.22 22.70
C PRO A 344 -7.18 -16.70 22.61
N PHE A 345 -7.48 -17.30 21.46
CA PHE A 345 -7.25 -18.74 21.30
C PHE A 345 -5.78 -19.08 21.52
N ARG A 346 -5.52 -20.20 22.22
CA ARG A 346 -4.18 -20.63 22.59
C ARG A 346 -3.45 -21.09 21.34
N GLU A 347 -4.16 -21.82 20.49
CA GLU A 347 -3.54 -22.51 19.34
C GLU A 347 -4.17 -22.10 18.02
N THR A 348 -3.36 -22.04 16.99
CA THR A 348 -3.87 -21.87 15.63
C THR A 348 -4.32 -23.21 15.08
N PRO A 349 -5.25 -23.19 14.12
CA PRO A 349 -5.77 -24.41 13.51
C PRO A 349 -4.71 -25.16 12.71
N SER A 350 -4.91 -26.46 12.68
CA SER A 350 -4.17 -27.38 11.80
C SER A 350 -5.15 -27.92 10.78
N TYR A 351 -4.69 -28.15 9.56
CA TYR A 351 -5.60 -28.52 8.47
C TYR A 351 -5.25 -29.84 7.84
N ALA A 352 -6.23 -30.44 7.20
CA ALA A 352 -6.10 -31.76 6.57
C ALA A 352 -5.08 -31.69 5.43
N LYS A 353 -4.27 -32.73 5.29
CA LYS A 353 -3.11 -32.76 4.37
C LYS A 353 -3.60 -32.66 2.93
N ARG A 354 -4.62 -33.46 2.58
CA ARG A 354 -5.07 -33.60 1.16
C ARG A 354 -5.41 -32.21 0.64
N PHE B 6 27.15 -17.04 -52.35
CA PHE B 6 28.10 -17.50 -51.34
C PHE B 6 28.55 -16.31 -50.47
N ALA B 7 29.74 -16.39 -49.89
CA ALA B 7 30.22 -15.47 -48.83
C ALA B 7 30.78 -14.18 -49.44
N VAL B 8 30.92 -13.15 -48.62
CA VAL B 8 31.52 -11.85 -49.04
C VAL B 8 32.54 -11.38 -48.00
N VAL B 9 33.49 -10.59 -48.47
CA VAL B 9 34.60 -10.10 -47.60
C VAL B 9 34.07 -8.96 -46.75
N VAL B 10 34.21 -9.11 -45.45
CA VAL B 10 33.83 -8.09 -44.44
C VAL B 10 35.04 -7.84 -43.56
N ARG B 11 35.29 -6.57 -43.28
CA ARG B 11 36.34 -6.19 -42.32
C ARG B 11 35.73 -6.13 -40.93
N VAL B 12 36.25 -6.88 -39.98
CA VAL B 12 35.68 -6.93 -38.62
C VAL B 12 36.75 -6.35 -37.72
N GLY B 13 36.36 -5.28 -37.01
CA GLY B 13 37.37 -4.72 -36.06
C GLY B 13 37.07 -5.19 -34.66
N ILE B 14 38.11 -5.63 -33.95
CA ILE B 14 38.00 -6.08 -32.56
C ILE B 14 38.71 -5.07 -31.67
N PRO B 15 38.00 -4.05 -31.21
CA PRO B 15 38.64 -2.99 -30.42
C PRO B 15 39.31 -3.43 -29.12
N ASP B 16 38.81 -4.47 -28.50
CA ASP B 16 39.43 -5.01 -27.28
C ASP B 16 40.81 -5.59 -27.59
N LEU B 17 40.98 -6.11 -28.79
CA LEU B 17 42.24 -6.71 -29.22
C LEU B 17 43.11 -5.75 -30.00
N GLN B 18 42.55 -4.56 -30.31
CA GLN B 18 43.29 -3.58 -31.15
C GLN B 18 43.67 -4.22 -32.47
N GLN B 19 42.76 -4.93 -33.11
CA GLN B 19 43.10 -5.57 -34.39
C GLN B 19 41.86 -5.60 -35.25
N THR B 20 42.07 -5.72 -36.54
CA THR B 20 41.01 -5.81 -37.55
C THR B 20 41.33 -7.03 -38.41
N LYS B 21 40.28 -7.78 -38.76
CA LYS B 21 40.51 -8.95 -39.64
C LYS B 21 39.55 -8.90 -40.82
N CYS B 22 40.03 -9.27 -41.99
CA CYS B 22 39.15 -9.46 -43.18
C CYS B 22 38.78 -10.94 -43.24
N LEU B 23 37.51 -11.22 -43.06
CA LEU B 23 37.02 -12.60 -43.30
C LEU B 23 35.83 -12.57 -44.25
N ARG B 24 35.65 -13.71 -44.88
CA ARG B 24 34.47 -13.99 -45.72
C ARG B 24 33.34 -14.41 -44.81
N LEU B 25 32.23 -13.66 -44.84
CA LEU B 25 31.04 -13.99 -44.05
C LEU B 25 29.87 -14.26 -44.99
N ASP B 26 28.97 -15.15 -44.57
CA ASP B 26 27.92 -15.69 -45.46
C ASP B 26 26.61 -14.98 -45.17
N PRO B 27 26.14 -14.12 -46.11
CA PRO B 27 24.92 -13.35 -45.87
C PRO B 27 23.66 -14.21 -45.74
N THR B 28 23.72 -15.40 -46.31
CA THR B 28 22.59 -16.34 -46.33
C THR B 28 22.60 -17.32 -45.16
N ALA B 29 23.43 -17.06 -44.15
CA ALA B 29 23.45 -17.84 -42.90
C ALA B 29 23.20 -16.92 -41.72
N PRO B 30 22.81 -17.47 -40.56
CA PRO B 30 22.49 -16.62 -39.41
C PRO B 30 23.70 -15.81 -38.97
N VAL B 31 23.43 -14.69 -38.34
CA VAL B 31 24.48 -13.85 -37.73
C VAL B 31 25.30 -14.69 -36.77
N TRP B 32 24.66 -15.60 -36.04
CA TRP B 32 25.37 -16.52 -35.12
C TRP B 32 26.51 -17.23 -35.85
N ALA B 33 26.25 -17.63 -37.09
CA ALA B 33 27.24 -18.38 -37.88
C ALA B 33 28.43 -17.51 -38.24
N ALA B 34 28.17 -16.26 -38.60
CA ALA B 34 29.25 -15.29 -38.85
C ALA B 34 30.03 -15.04 -37.57
N LYS B 35 29.35 -14.95 -36.44
CA LYS B 35 30.04 -14.75 -35.15
C LYS B 35 31.00 -15.91 -34.91
N GLN B 36 30.53 -17.13 -35.19
CA GLN B 36 31.38 -18.34 -35.00
C GLN B 36 32.65 -18.20 -35.84
N ARG B 37 32.50 -17.77 -37.07
CA ARG B 37 33.64 -17.63 -38.00
C ARG B 37 34.63 -16.62 -37.44
N VAL B 38 34.13 -15.53 -36.87
CA VAL B 38 35.03 -14.49 -36.32
C VAL B 38 35.75 -15.09 -35.13
N LEU B 39 35.03 -15.77 -34.24
CA LEU B 39 35.67 -16.35 -33.04
C LEU B 39 36.79 -17.33 -33.47
N CYS B 40 36.55 -18.20 -34.44
CA CYS B 40 37.56 -19.17 -34.91
C CYS B 40 38.80 -18.42 -35.41
N LYS B 41 38.60 -17.35 -36.18
CA LYS B 41 39.71 -16.59 -36.80
C LYS B 41 40.61 -15.98 -35.73
N LEU B 42 40.05 -15.50 -34.65
CA LEU B 42 40.84 -14.86 -33.58
C LEU B 42 41.90 -15.82 -33.02
N ASN B 43 43.16 -15.42 -33.01
CA ASN B 43 44.25 -16.30 -32.52
C ASN B 43 44.12 -16.46 -31.02
N HIS B 44 43.79 -15.38 -30.33
CA HIS B 44 43.63 -15.33 -28.87
C HIS B 44 42.15 -15.49 -28.52
N SER B 45 41.87 -16.15 -27.40
CA SER B 45 40.48 -16.36 -26.93
C SER B 45 40.08 -15.19 -26.04
N LEU B 46 38.96 -14.53 -26.38
CA LEU B 46 38.40 -13.43 -25.60
C LEU B 46 37.66 -14.00 -24.40
N GLN B 47 37.50 -13.18 -23.38
CA GLN B 47 36.77 -13.61 -22.15
C GLN B 47 35.26 -13.57 -22.37
N ASP B 48 34.56 -14.65 -22.01
CA ASP B 48 33.10 -14.77 -22.23
C ASP B 48 32.83 -14.47 -23.69
N ALA B 49 33.59 -15.10 -24.57
CA ALA B 49 33.50 -14.87 -26.02
C ALA B 49 32.07 -15.01 -26.54
N LEU B 50 31.26 -15.82 -25.88
CA LEU B 50 29.85 -16.00 -26.31
C LEU B 50 29.05 -14.71 -26.18
N ASN B 51 29.45 -13.87 -25.23
CA ASN B 51 28.77 -12.58 -25.04
C ASN B 51 29.13 -11.54 -26.08
N TYR B 52 30.33 -11.68 -26.64
CA TYR B 52 30.74 -10.82 -27.75
C TYR B 52 29.82 -10.97 -28.96
N GLY B 53 29.52 -9.85 -29.61
CA GLY B 53 28.59 -9.87 -30.72
C GLY B 53 29.07 -8.96 -31.83
N LEU B 54 28.63 -9.27 -33.03
CA LEU B 54 28.81 -8.34 -34.17
C LEU B 54 28.02 -7.08 -33.91
N PHE B 55 28.62 -5.94 -34.30
CA PHE B 55 28.17 -4.61 -33.86
C PHE B 55 28.22 -3.69 -35.05
N GLN B 56 27.12 -2.98 -35.30
CA GLN B 56 27.10 -1.97 -36.39
C GLN B 56 27.49 -0.64 -35.73
N PRO B 57 28.67 -0.03 -36.10
CA PRO B 57 29.24 1.24 -35.60
C PRO B 57 28.27 2.39 -35.86
N PRO B 58 28.12 3.36 -34.93
CA PRO B 58 27.12 4.42 -35.13
C PRO B 58 27.42 5.14 -36.44
N SER B 59 26.44 5.31 -37.32
CA SER B 59 26.63 5.92 -38.66
C SER B 59 26.01 7.32 -38.69
N ARG B 60 25.71 7.82 -39.88
CA ARG B 60 25.09 9.15 -40.09
C ARG B 60 23.64 9.13 -39.60
N GLY B 61 23.43 9.77 -38.44
CA GLY B 61 22.15 9.87 -37.75
C GLY B 61 21.66 8.54 -37.23
N ARG B 62 22.47 7.48 -37.27
CA ARG B 62 22.07 6.14 -36.80
C ARG B 62 22.95 5.75 -35.60
N ALA B 63 22.33 5.29 -34.51
CA ALA B 63 23.03 4.86 -33.28
C ALA B 63 23.60 3.46 -33.50
N GLY B 64 24.61 3.10 -32.72
CA GLY B 64 25.24 1.76 -32.78
C GLY B 64 24.27 0.70 -32.34
N LYS B 65 24.28 -0.44 -33.00
CA LYS B 65 23.40 -1.54 -32.55
C LYS B 65 24.07 -2.87 -32.75
N PHE B 66 23.84 -3.76 -31.82
CA PHE B 66 24.27 -5.17 -31.95
C PHE B 66 23.42 -5.85 -33.00
N LEU B 67 24.04 -6.64 -33.85
CA LEU B 67 23.31 -7.49 -34.79
C LEU B 67 22.56 -8.58 -34.02
N ASP B 68 21.38 -8.90 -34.54
CA ASP B 68 20.56 -10.00 -34.02
C ASP B 68 21.23 -11.32 -34.39
N GLU B 69 21.54 -12.11 -33.40
CA GLU B 69 22.20 -13.44 -33.66
C GLU B 69 21.34 -14.38 -34.49
N GLU B 70 20.04 -14.41 -34.25
CA GLU B 70 19.18 -15.41 -34.93
C GLU B 70 18.67 -14.93 -36.30
N ARG B 71 18.81 -13.65 -36.57
CA ARG B 71 18.47 -13.11 -37.90
C ARG B 71 19.55 -13.51 -38.90
N LEU B 72 19.17 -13.61 -40.17
CA LEU B 72 20.19 -13.86 -41.22
C LEU B 72 21.06 -12.62 -41.39
N LEU B 73 22.32 -12.86 -41.72
CA LEU B 73 23.31 -11.76 -41.83
C LEU B 73 22.88 -10.78 -42.91
N GLN B 74 22.21 -11.27 -43.96
CA GLN B 74 21.81 -10.45 -45.12
C GLN B 74 20.77 -9.40 -44.68
N ASP B 75 20.13 -9.63 -43.53
CA ASP B 75 19.11 -8.70 -42.99
C ASP B 75 19.77 -7.39 -42.60
N TYR B 76 21.05 -7.41 -42.21
CA TYR B 76 21.80 -6.16 -41.93
C TYR B 76 22.61 -5.80 -43.15
N PRO B 77 22.12 -4.91 -44.05
CA PRO B 77 22.86 -4.58 -45.27
C PRO B 77 24.05 -3.72 -44.85
N PRO B 78 25.17 -3.79 -45.58
CA PRO B 78 26.42 -3.15 -45.13
C PRO B 78 26.45 -1.65 -45.40
N ASN B 79 27.19 -0.91 -44.58
CA ASN B 79 27.44 0.53 -44.81
C ASN B 79 28.24 0.65 -46.11
N LEU B 80 27.90 1.59 -46.98
CA LEU B 80 28.62 1.83 -48.24
C LEU B 80 29.69 2.90 -48.06
N ASP B 81 29.84 3.43 -46.84
CA ASP B 81 30.80 4.53 -46.56
C ASP B 81 32.23 4.05 -46.83
N THR B 82 32.53 2.80 -46.49
CA THR B 82 33.89 2.23 -46.62
C THR B 82 34.00 1.41 -47.91
N PRO B 83 35.23 1.25 -48.43
CA PRO B 83 35.49 0.39 -49.59
C PRO B 83 35.12 -1.07 -49.34
N LEU B 84 35.35 -1.55 -48.12
CA LEU B 84 34.90 -2.89 -47.66
C LEU B 84 33.83 -2.67 -46.62
N PRO B 85 32.80 -3.53 -46.52
CA PRO B 85 31.86 -3.46 -45.40
C PRO B 85 32.56 -3.58 -44.06
N TYR B 86 32.08 -2.86 -43.05
CA TYR B 86 32.80 -2.82 -41.76
C TYR B 86 31.85 -3.15 -40.62
N LEU B 87 32.24 -4.14 -39.83
CA LEU B 87 31.53 -4.56 -38.61
C LEU B 87 32.53 -4.56 -37.47
N GLU B 88 32.00 -4.55 -36.23
CA GLU B 88 32.86 -4.65 -35.05
C GLU B 88 32.45 -5.86 -34.22
N PHE B 89 33.37 -6.37 -33.42
CA PHE B 89 33.12 -7.46 -32.48
C PHE B 89 33.29 -6.84 -31.11
N ARG B 90 32.19 -6.71 -30.40
CA ARG B 90 32.20 -5.98 -29.10
C ARG B 90 31.53 -6.83 -28.05
N TYR B 91 31.94 -6.69 -26.80
CA TYR B 91 31.24 -7.30 -25.66
C TYR B 91 29.85 -6.68 -25.51
N LYS B 92 28.88 -7.49 -25.09
CA LYS B 92 27.48 -7.01 -25.03
C LYS B 92 27.26 -6.23 -23.75
N ARG B 93 27.70 -4.98 -23.78
CA ARG B 93 27.47 -4.04 -22.66
C ARG B 93 26.25 -3.21 -22.98
N ARG B 94 25.65 -2.60 -21.96
CA ARG B 94 24.46 -1.76 -22.21
C ARG B 94 24.82 -0.65 -23.18
N VAL B 95 23.94 -0.43 -24.15
CA VAL B 95 24.09 0.65 -25.14
C VAL B 95 23.32 1.87 -24.68
N TYR B 96 24.00 2.89 -24.22
CA TYR B 96 23.37 4.09 -23.64
C TYR B 96 22.88 5.02 -24.75
N ALA B 97 21.68 5.59 -24.58
CA ALA B 97 21.05 6.50 -25.56
C ALA B 97 21.88 7.77 -25.75
N GLN B 98 22.26 8.45 -24.65
CA GLN B 98 23.09 9.69 -24.72
C GLN B 98 23.57 10.08 -23.33
N ASN B 99 24.44 11.10 -23.27
CA ASN B 99 24.97 11.72 -22.03
C ASN B 99 25.59 10.63 -21.14
N LEU B 100 26.52 9.85 -21.68
CA LEU B 100 27.21 8.77 -20.95
C LEU B 100 27.77 9.33 -19.64
N ILE B 101 27.54 8.62 -18.54
CA ILE B 101 27.84 9.07 -17.14
C ILE B 101 29.36 9.20 -16.97
N ASP B 102 29.81 10.14 -16.15
CA ASP B 102 31.24 10.37 -15.82
C ASP B 102 31.85 9.09 -15.24
N ASP B 103 33.04 8.72 -15.70
CA ASP B 103 33.81 7.51 -15.30
C ASP B 103 33.85 7.43 -13.76
N LYS B 104 34.03 8.58 -13.11
CA LYS B 104 34.07 8.72 -11.64
C LYS B 104 32.70 8.35 -11.05
N GLN B 105 31.60 8.58 -11.77
CA GLN B 105 30.22 8.25 -11.33
C GLN B 105 29.81 6.86 -11.86
N PHE B 106 30.15 6.58 -13.11
CA PHE B 106 29.80 5.30 -13.79
C PHE B 106 30.48 4.14 -13.04
N ALA B 107 31.75 4.35 -12.66
CA ALA B 107 32.55 3.37 -11.89
C ALA B 107 31.91 3.14 -10.52
N LYS B 108 31.40 4.20 -9.87
CA LYS B 108 30.76 4.13 -8.54
C LYS B 108 29.49 3.28 -8.64
N LEU B 109 28.75 3.43 -9.73
CA LEU B 109 27.48 2.69 -10.00
C LEU B 109 27.77 1.18 -10.12
N HIS B 110 28.92 0.76 -10.65
CA HIS B 110 29.18 -0.65 -11.01
C HIS B 110 30.19 -1.31 -10.07
N THR B 111 30.26 -0.85 -8.82
CA THR B 111 31.18 -1.49 -7.83
C THR B 111 30.67 -2.90 -7.55
N LYS B 112 31.55 -3.78 -7.12
CA LYS B 112 31.15 -5.15 -6.69
C LYS B 112 29.96 -5.08 -5.72
N ALA B 113 30.04 -4.22 -4.71
CA ALA B 113 28.99 -4.04 -3.68
C ALA B 113 27.67 -3.64 -4.33
N ASN B 114 27.75 -2.69 -5.24
CA ASN B 114 26.53 -2.12 -5.87
C ASN B 114 25.91 -3.13 -6.82
N LEU B 115 26.74 -3.90 -7.52
CA LEU B 115 26.20 -4.96 -8.39
C LEU B 115 25.56 -6.05 -7.54
N LYS B 116 26.14 -6.36 -6.38
CA LYS B 116 25.52 -7.35 -5.48
C LYS B 116 24.20 -6.82 -4.94
N LYS B 117 24.19 -5.55 -4.52
CA LYS B 117 22.94 -4.91 -4.06
C LYS B 117 21.87 -5.00 -5.15
N PHE B 118 22.27 -4.75 -6.39
CA PHE B 118 21.34 -4.76 -7.54
C PHE B 118 20.76 -6.15 -7.69
N MET B 119 21.62 -7.18 -7.70
CA MET B 119 21.13 -8.58 -7.78
C MET B 119 20.19 -8.89 -6.63
N ASP B 120 20.46 -8.39 -5.42
CA ASP B 120 19.53 -8.61 -4.29
C ASP B 120 18.16 -8.00 -4.57
N TYR B 121 18.13 -6.80 -5.12
CA TYR B 121 16.84 -6.17 -5.51
C TYR B 121 16.11 -7.04 -6.52
N VAL B 122 16.83 -7.56 -7.49
CA VAL B 122 16.17 -8.45 -8.48
C VAL B 122 15.58 -9.66 -7.74
N GLN B 123 16.37 -10.31 -6.89
CA GLN B 123 15.93 -11.53 -6.17
C GLN B 123 14.73 -11.22 -5.28
N LEU B 124 14.70 -10.04 -4.64
CA LEU B 124 13.60 -9.64 -3.73
C LEU B 124 12.41 -9.06 -4.48
N HIS B 125 12.52 -8.98 -5.81
CA HIS B 125 11.43 -8.47 -6.67
C HIS B 125 11.13 -7.01 -6.37
N SER B 126 12.18 -6.26 -6.04
CA SER B 126 12.06 -4.81 -5.76
C SER B 126 12.11 -4.04 -7.06
N THR B 127 11.02 -4.11 -7.83
CA THR B 127 11.07 -3.63 -9.22
C THR B 127 11.38 -2.14 -9.30
N ASP B 128 10.79 -1.34 -8.45
CA ASP B 128 10.97 0.13 -8.55
C ASP B 128 12.41 0.53 -8.26
N LYS B 129 13.04 -0.14 -7.32
CA LYS B 129 14.44 0.15 -6.94
C LYS B 129 15.38 -0.30 -8.06
N VAL B 130 15.08 -1.43 -8.68
CA VAL B 130 15.82 -1.89 -9.88
C VAL B 130 15.72 -0.86 -11.00
N ALA B 131 14.51 -0.39 -11.26
CA ALA B 131 14.28 0.59 -12.34
C ALA B 131 15.03 1.90 -12.08
N ARG B 132 15.03 2.38 -10.84
CA ARG B 132 15.75 3.62 -10.52
C ARG B 132 17.24 3.51 -10.77
N LEU B 133 17.82 2.37 -10.44
CA LEU B 133 19.26 2.14 -10.69
C LEU B 133 19.54 2.05 -12.18
N LEU B 134 18.66 1.38 -12.92
CA LEU B 134 18.80 1.33 -14.39
C LEU B 134 18.66 2.74 -14.99
N ASP B 135 17.70 3.47 -14.47
CA ASP B 135 17.41 4.87 -14.79
C ASP B 135 18.66 5.74 -14.64
N LYS B 136 19.41 5.46 -13.60
CA LYS B 136 20.61 6.23 -13.21
C LYS B 136 21.85 5.79 -13.99
N GLY B 137 21.71 4.74 -14.81
CA GLY B 137 22.80 4.35 -15.71
C GLY B 137 23.34 2.95 -15.56
N LEU B 138 22.81 2.14 -14.64
CA LEU B 138 23.43 0.82 -14.42
C LEU B 138 23.31 -0.03 -15.68
N ASP B 139 24.41 -0.72 -15.97
CA ASP B 139 24.50 -1.76 -17.00
C ASP B 139 24.12 -3.08 -16.36
N PRO B 140 22.97 -3.65 -16.76
CA PRO B 140 22.50 -4.94 -16.21
C PRO B 140 23.11 -6.17 -16.88
N ASN B 141 24.01 -5.94 -17.84
CA ASN B 141 24.70 -7.03 -18.57
C ASN B 141 25.96 -7.40 -17.82
N PHE B 142 25.80 -8.10 -16.71
CA PHE B 142 26.95 -8.55 -15.88
C PHE B 142 26.59 -9.85 -15.21
N HIS B 143 27.61 -10.47 -14.63
CA HIS B 143 27.48 -11.75 -13.88
C HIS B 143 27.70 -11.54 -12.41
N ASP B 144 26.88 -12.21 -11.61
CA ASP B 144 27.16 -12.37 -10.19
C ASP B 144 28.44 -13.18 -10.07
N PRO B 145 29.41 -12.76 -9.22
CA PRO B 145 30.62 -13.59 -9.06
C PRO B 145 30.38 -15.04 -8.59
N ASP B 146 29.44 -15.20 -7.67
CA ASP B 146 29.16 -16.46 -6.98
C ASP B 146 28.35 -17.38 -7.87
N SER B 147 27.25 -16.88 -8.43
CA SER B 147 26.21 -17.72 -9.06
C SER B 147 26.35 -17.74 -10.57
N GLY B 148 27.21 -16.90 -11.12
CA GLY B 148 27.35 -16.84 -12.59
C GLY B 148 26.10 -16.39 -13.34
N GLU B 149 25.22 -15.65 -12.67
CA GLU B 149 23.88 -15.34 -13.25
C GLU B 149 23.78 -13.88 -13.58
N CYS B 150 23.12 -13.53 -14.67
CA CYS B 150 22.92 -12.11 -14.96
C CYS B 150 21.57 -11.70 -14.39
N PRO B 151 21.32 -10.38 -14.23
CA PRO B 151 20.00 -9.96 -13.75
C PRO B 151 18.83 -10.55 -14.51
N LEU B 152 18.91 -10.56 -15.83
CA LEU B 152 17.81 -11.10 -16.65
C LEU B 152 17.61 -12.58 -16.43
N SER B 153 18.69 -13.36 -16.39
CA SER B 153 18.58 -14.83 -16.23
C SER B 153 18.03 -15.16 -14.85
N LEU B 154 18.45 -14.40 -13.84
CA LEU B 154 17.91 -14.60 -12.48
C LEU B 154 16.43 -14.24 -12.43
N ALA B 155 16.05 -13.10 -13.00
CA ALA B 155 14.64 -12.66 -13.00
C ALA B 155 13.75 -13.73 -13.63
N ALA B 156 14.26 -14.42 -14.64
CA ALA B 156 13.50 -15.41 -15.40
C ALA B 156 13.05 -16.61 -14.57
N GLN B 157 13.72 -16.82 -13.44
CA GLN B 157 13.40 -17.97 -12.57
C GLN B 157 12.48 -17.59 -11.43
N LEU B 158 12.24 -16.30 -11.20
CA LEU B 158 11.36 -15.87 -10.11
C LEU B 158 9.89 -15.97 -10.54
N ASP B 159 9.05 -16.15 -9.53
CA ASP B 159 7.59 -16.07 -9.75
C ASP B 159 7.18 -14.66 -10.17
N ASN B 160 6.20 -14.58 -11.04
CA ASN B 160 5.56 -13.29 -11.44
C ASN B 160 6.63 -12.35 -11.98
N ALA B 161 7.46 -12.86 -12.87
CA ALA B 161 8.69 -12.14 -13.29
C ALA B 161 8.43 -11.09 -14.38
N THR B 162 7.21 -10.97 -14.89
CA THR B 162 7.03 -10.16 -16.11
C THR B 162 7.45 -8.71 -15.87
N ASP B 163 7.11 -8.16 -14.72
CA ASP B 163 7.46 -6.76 -14.42
C ASP B 163 8.97 -6.58 -14.45
N LEU B 164 9.70 -7.46 -13.76
CA LEU B 164 11.19 -7.34 -13.73
C LEU B 164 11.76 -7.49 -15.13
N LEU B 165 11.28 -8.44 -15.89
CA LEU B 165 11.84 -8.68 -17.24
C LEU B 165 11.62 -7.47 -18.12
N LYS B 166 10.44 -6.89 -18.09
CA LYS B 166 10.15 -5.71 -18.91
C LYS B 166 11.01 -4.54 -18.47
N VAL B 167 11.10 -4.31 -17.16
CA VAL B 167 11.91 -3.19 -16.62
C VAL B 167 13.38 -3.36 -17.03
N LEU B 168 13.90 -4.57 -16.90
CA LEU B 168 15.31 -4.85 -17.23
C LEU B 168 15.55 -4.63 -18.72
N ARG B 169 14.66 -5.11 -19.56
CA ARG B 169 14.82 -4.94 -21.02
C ARG B 169 14.76 -3.46 -21.40
N ASN B 170 13.82 -2.71 -20.81
CA ASN B 170 13.73 -1.26 -21.09
C ASN B 170 14.99 -0.54 -20.59
N GLY B 171 15.65 -1.09 -19.59
CA GLY B 171 16.87 -0.50 -19.01
C GLY B 171 18.12 -1.03 -19.67
N GLY B 172 18.00 -1.67 -20.84
CA GLY B 172 19.18 -2.02 -21.63
C GLY B 172 19.73 -3.42 -21.44
N ALA B 173 18.99 -4.32 -20.80
CA ALA B 173 19.42 -5.73 -20.75
C ALA B 173 19.31 -6.36 -22.14
N HIS B 174 20.40 -6.95 -22.62
CA HIS B 174 20.33 -7.76 -23.85
C HIS B 174 19.55 -9.02 -23.60
N LEU B 175 18.65 -9.37 -24.49
CA LEU B 175 17.78 -10.55 -24.31
C LEU B 175 18.57 -11.85 -24.42
N ASP B 176 19.70 -11.82 -25.14
CA ASP B 176 20.49 -13.05 -25.34
C ASP B 176 21.75 -13.05 -24.47
N PHE B 177 21.88 -12.09 -23.57
CA PHE B 177 23.05 -12.11 -22.66
C PHE B 177 22.99 -13.50 -22.04
N ARG B 178 24.09 -14.23 -22.22
CA ARG B 178 24.25 -15.56 -21.62
C ARG B 178 24.84 -15.46 -20.23
N THR B 179 24.60 -16.49 -19.46
CA THR B 179 25.15 -16.63 -18.10
C THR B 179 26.53 -17.20 -18.21
N ARG B 180 27.23 -17.30 -17.08
CA ARG B 180 28.63 -17.77 -17.08
C ARG B 180 28.69 -19.16 -17.73
N ASP B 181 27.63 -19.93 -17.61
CA ASP B 181 27.54 -21.31 -18.15
C ASP B 181 27.09 -21.33 -19.60
N GLY B 182 26.80 -20.17 -20.19
CA GLY B 182 26.37 -20.12 -21.60
C GLY B 182 24.88 -20.23 -21.85
N LEU B 183 24.05 -20.08 -20.82
CA LEU B 183 22.57 -20.16 -21.05
C LEU B 183 21.98 -18.76 -21.14
N THR B 184 21.07 -18.53 -22.06
CA THR B 184 20.31 -17.25 -22.09
C THR B 184 19.16 -17.31 -21.11
N ALA B 185 18.57 -16.16 -20.87
CA ALA B 185 17.37 -16.03 -20.01
C ALA B 185 16.25 -16.97 -20.46
N VAL B 186 16.13 -17.15 -21.77
CA VAL B 186 15.08 -18.04 -22.34
C VAL B 186 15.36 -19.48 -21.96
N HIS B 187 16.61 -19.91 -22.03
CA HIS B 187 17.00 -21.24 -21.52
C HIS B 187 16.57 -21.39 -20.05
N CYS B 188 16.84 -20.37 -19.25
CA CYS B 188 16.66 -20.47 -17.79
C CYS B 188 15.18 -20.57 -17.45
N ALA B 189 14.35 -19.75 -18.09
CA ALA B 189 12.89 -19.82 -17.87
C ALA B 189 12.36 -21.18 -18.28
N THR B 190 12.86 -21.68 -19.41
CA THR B 190 12.41 -22.99 -19.92
C THR B 190 12.74 -24.09 -18.92
N ARG B 191 13.99 -24.11 -18.48
CA ARG B 191 14.49 -25.15 -17.55
C ARG B 191 13.73 -25.13 -16.23
N GLN B 192 13.35 -23.95 -15.78
CA GLN B 192 12.60 -23.82 -14.51
C GLN B 192 11.12 -24.04 -14.73
N ARG B 193 10.67 -24.23 -15.97
CA ARG B 193 9.24 -24.36 -16.32
C ARG B 193 8.49 -23.15 -15.78
N ASN B 194 9.08 -21.97 -16.00
CA ASN B 194 8.49 -20.69 -15.63
C ASN B 194 7.75 -20.15 -16.85
N ALA B 195 6.49 -20.52 -17.02
CA ALA B 195 5.78 -20.22 -18.27
C ALA B 195 5.53 -18.74 -18.42
N GLY B 196 5.21 -18.07 -17.31
CA GLY B 196 4.98 -16.62 -17.32
C GLY B 196 6.20 -15.87 -17.81
N ALA B 197 7.37 -16.23 -17.27
CA ALA B 197 8.63 -15.55 -17.63
C ALA B 197 8.96 -15.84 -19.08
N LEU B 198 8.80 -17.09 -19.49
CA LEU B 198 9.09 -17.46 -20.89
C LEU B 198 8.20 -16.67 -21.83
N THR B 199 6.90 -16.61 -21.56
CA THR B 199 5.99 -15.86 -22.45
C THR B 199 6.41 -14.41 -22.55
N THR B 200 6.78 -13.78 -21.45
CA THR B 200 7.17 -12.36 -21.49
C THR B 200 8.45 -12.20 -22.30
N LEU B 201 9.42 -13.08 -22.09
CA LEU B 201 10.68 -12.99 -22.87
C LEU B 201 10.38 -13.06 -24.37
N LEU B 202 9.54 -14.00 -24.77
CA LEU B 202 9.15 -14.12 -26.19
C LEU B 202 8.40 -12.88 -26.65
N ASP B 203 7.48 -12.38 -25.83
CA ASP B 203 6.74 -11.13 -26.14
C ASP B 203 7.68 -9.95 -26.34
N LEU B 204 8.77 -9.92 -25.58
CA LEU B 204 9.77 -8.83 -25.68
C LEU B 204 10.66 -8.95 -26.91
N GLY B 205 10.48 -10.04 -27.67
CA GLY B 205 11.23 -10.24 -28.91
C GLY B 205 12.38 -11.20 -28.80
N ALA B 206 12.54 -11.88 -27.66
CA ALA B 206 13.59 -12.91 -27.56
C ALA B 206 13.32 -14.06 -28.51
N SER B 207 14.33 -14.50 -29.21
CA SER B 207 14.22 -15.68 -30.07
C SER B 207 14.08 -16.94 -29.23
N PRO B 208 13.20 -17.86 -29.63
CA PRO B 208 13.16 -19.17 -28.98
C PRO B 208 14.27 -20.13 -29.40
N ASP B 209 15.11 -19.71 -30.33
CA ASP B 209 16.18 -20.55 -30.90
C ASP B 209 17.56 -20.21 -30.37
N TYR B 210 17.72 -19.38 -29.36
CA TYR B 210 19.08 -19.01 -28.90
C TYR B 210 19.89 -20.24 -28.54
N LYS B 211 21.16 -20.25 -28.94
CA LYS B 211 22.02 -21.44 -28.72
C LYS B 211 22.88 -21.25 -27.50
N ASP B 212 23.14 -22.34 -26.79
CA ASP B 212 24.03 -22.34 -25.62
C ASP B 212 25.45 -22.64 -26.04
N SER B 213 26.32 -22.96 -25.10
CA SER B 213 27.75 -23.20 -25.42
C SER B 213 27.88 -24.44 -26.31
N ARG B 214 27.04 -25.43 -26.03
CA ARG B 214 27.07 -26.71 -26.77
C ARG B 214 26.47 -26.56 -28.17
N GLY B 215 25.51 -25.67 -28.27
CA GLY B 215 24.79 -25.37 -29.52
C GLY B 215 23.34 -25.82 -29.45
N LEU B 216 22.86 -26.12 -28.25
CA LEU B 216 21.51 -26.65 -27.99
C LEU B 216 20.59 -25.49 -27.62
N THR B 217 19.37 -25.57 -28.14
CA THR B 217 18.35 -24.51 -28.03
C THR B 217 17.51 -24.76 -26.78
N PRO B 218 16.67 -23.77 -26.41
CA PRO B 218 15.80 -23.95 -25.24
C PRO B 218 14.85 -25.13 -25.43
N LEU B 219 14.35 -25.28 -26.66
CA LEU B 219 13.44 -26.41 -26.96
C LEU B 219 14.13 -27.74 -26.69
N TYR B 220 15.39 -27.85 -27.06
CA TYR B 220 16.16 -29.07 -26.83
C TYR B 220 16.24 -29.34 -25.34
N HIS B 221 16.56 -28.28 -24.59
CA HIS B 221 16.68 -28.42 -23.11
C HIS B 221 15.39 -28.89 -22.51
N SER B 222 14.24 -28.43 -23.04
CA SER B 222 12.95 -28.79 -22.41
C SER B 222 12.73 -30.28 -22.57
N ALA B 223 13.10 -30.82 -23.73
CA ALA B 223 12.91 -32.25 -24.03
C ALA B 223 13.81 -33.08 -23.12
N LEU B 224 15.01 -32.60 -22.83
CA LEU B 224 15.93 -33.31 -21.91
C LEU B 224 15.41 -33.28 -20.48
N GLY B 225 14.91 -32.14 -20.07
CA GLY B 225 14.40 -31.87 -18.72
C GLY B 225 13.09 -32.54 -18.33
N GLY B 226 12.15 -32.64 -19.26
CA GLY B 226 10.84 -33.20 -18.96
C GLY B 226 10.02 -32.32 -18.02
N GLY B 227 9.10 -32.98 -17.34
CA GLY B 227 8.21 -32.31 -16.38
C GLY B 227 7.06 -31.62 -17.09
N ASP B 228 6.56 -30.54 -16.51
CA ASP B 228 5.46 -29.78 -17.13
C ASP B 228 5.86 -29.41 -18.56
N ALA B 229 5.03 -29.76 -19.52
CA ALA B 229 5.39 -29.60 -20.94
C ALA B 229 4.90 -28.26 -21.47
N ARG B 230 4.39 -27.40 -20.61
CA ARG B 230 3.82 -26.13 -21.09
C ARG B 230 4.89 -25.30 -21.80
N CYS B 231 6.09 -25.24 -21.23
CA CYS B 231 7.16 -24.41 -21.79
C CYS B 231 7.55 -24.92 -23.17
N CYS B 232 7.65 -26.25 -23.29
CA CYS B 232 7.90 -26.89 -24.59
C CYS B 232 6.88 -26.39 -25.62
N GLU B 233 5.60 -26.44 -25.27
CA GLU B 233 4.52 -26.03 -26.18
C GLU B 233 4.67 -24.54 -26.51
N LEU B 234 5.00 -23.71 -25.52
CA LEU B 234 5.11 -22.25 -25.73
C LEU B 234 6.22 -21.95 -26.73
N LEU B 235 7.35 -22.63 -26.59
CA LEU B 235 8.47 -22.43 -27.55
C LEU B 235 8.02 -22.82 -28.95
N LEU B 236 7.45 -24.01 -29.07
CA LEU B 236 7.03 -24.52 -30.40
C LEU B 236 5.99 -23.62 -31.03
N HIS B 237 5.08 -23.09 -30.20
CA HIS B 237 4.01 -22.18 -30.67
C HIS B 237 4.60 -20.89 -31.23
N ASP B 238 5.74 -20.48 -30.69
CA ASP B 238 6.42 -19.24 -31.16
C ASP B 238 7.44 -19.57 -32.25
N HIS B 239 7.20 -20.62 -33.04
CA HIS B 239 7.98 -21.03 -34.24
C HIS B 239 9.40 -21.48 -33.85
N ALA B 240 9.60 -22.04 -32.66
CA ALA B 240 10.92 -22.63 -32.32
C ALA B 240 11.33 -23.67 -33.37
N GLN B 241 12.58 -23.63 -33.77
CA GLN B 241 13.13 -24.58 -34.76
C GLN B 241 13.21 -25.97 -34.15
N LEU B 242 12.92 -26.95 -34.98
CA LEU B 242 13.07 -28.37 -34.61
C LEU B 242 14.27 -28.97 -35.34
N GLY B 243 14.66 -30.13 -34.85
CA GLY B 243 15.72 -30.92 -35.50
C GLY B 243 17.11 -30.56 -35.05
N THR B 244 17.26 -29.87 -33.93
CA THR B 244 18.58 -29.60 -33.36
C THR B 244 19.26 -30.91 -32.95
N THR B 245 20.53 -31.05 -33.22
CA THR B 245 21.27 -32.29 -32.88
C THR B 245 22.36 -31.98 -31.88
N ASP B 246 22.71 -32.96 -31.07
CA ASP B 246 23.91 -32.87 -30.22
C ASP B 246 25.09 -33.50 -30.97
N GLU B 247 26.17 -33.78 -30.27
CA GLU B 247 27.41 -34.27 -30.95
C GLU B 247 27.19 -35.66 -31.57
N ASN B 248 26.26 -36.42 -30.98
CA ASN B 248 26.00 -37.80 -31.42
C ASN B 248 24.77 -37.89 -32.33
N GLY B 249 24.18 -36.76 -32.67
CA GLY B 249 23.09 -36.72 -33.64
C GLY B 249 21.73 -36.97 -33.05
N TRP B 250 21.61 -36.96 -31.73
CA TRP B 250 20.27 -37.06 -31.11
C TRP B 250 19.50 -35.75 -31.34
N GLN B 251 18.28 -35.86 -31.83
CA GLN B 251 17.35 -34.72 -31.94
C GLN B 251 16.43 -34.69 -30.73
N GLU B 252 15.50 -33.74 -30.72
CA GLU B 252 14.66 -33.54 -29.51
C GLU B 252 13.85 -34.79 -29.22
N ILE B 253 13.30 -35.42 -30.24
CA ILE B 253 12.47 -36.62 -30.00
C ILE B 253 13.30 -37.78 -29.47
N HIS B 254 14.57 -37.89 -29.86
CA HIS B 254 15.45 -38.95 -29.31
C HIS B 254 15.57 -38.78 -27.80
N GLN B 255 15.80 -37.54 -27.36
CA GLN B 255 15.98 -37.29 -25.91
C GLN B 255 14.68 -37.53 -25.17
N ALA B 256 13.57 -37.02 -25.68
CA ALA B 256 12.27 -37.20 -25.01
C ALA B 256 11.99 -38.68 -24.82
N CYS B 257 12.29 -39.46 -25.86
CA CYS B 257 12.00 -40.92 -25.82
C CYS B 257 12.90 -41.63 -24.81
N ARG B 258 14.18 -41.31 -24.78
CA ARG B 258 15.09 -41.98 -23.82
C ARG B 258 14.60 -41.84 -22.38
N PHE B 259 14.07 -40.68 -22.03
CA PHE B 259 13.68 -40.41 -20.64
C PHE B 259 12.19 -40.60 -20.42
N GLY B 260 11.43 -40.96 -21.45
CA GLY B 260 9.99 -41.19 -21.25
C GLY B 260 9.19 -39.92 -21.07
N HIS B 261 9.62 -38.81 -21.66
CA HIS B 261 8.86 -37.55 -21.59
C HIS B 261 7.82 -37.52 -22.67
N VAL B 262 6.73 -38.22 -22.42
CA VAL B 262 5.71 -38.51 -23.45
C VAL B 262 4.95 -37.23 -23.84
N GLN B 263 4.72 -36.30 -22.93
CA GLN B 263 4.02 -35.02 -23.21
C GLN B 263 4.89 -34.19 -24.17
N HIS B 264 6.20 -34.12 -23.88
CA HIS B 264 7.14 -33.39 -24.76
C HIS B 264 7.14 -34.05 -26.13
N LEU B 265 7.19 -35.36 -26.18
CA LEU B 265 7.14 -36.05 -27.49
C LEU B 265 5.91 -35.69 -28.29
N GLU B 266 4.75 -35.72 -27.69
CA GLU B 266 3.50 -35.45 -28.42
C GLU B 266 3.47 -34.02 -28.98
N HIS B 267 3.90 -33.05 -28.17
CA HIS B 267 3.99 -31.65 -28.65
C HIS B 267 4.94 -31.58 -29.86
N LEU B 268 6.10 -32.17 -29.71
CA LEU B 268 7.15 -32.11 -30.76
C LEU B 268 6.61 -32.75 -32.03
N LEU B 269 5.94 -33.88 -31.88
CA LEU B 269 5.37 -34.59 -33.04
C LEU B 269 4.27 -33.75 -33.66
N PHE B 270 3.42 -33.14 -32.86
CA PHE B 270 2.33 -32.31 -33.41
C PHE B 270 2.91 -31.17 -34.24
N TYR B 271 4.01 -30.61 -33.79
CA TYR B 271 4.60 -29.43 -34.45
C TYR B 271 5.58 -29.79 -35.55
N GLY B 272 5.63 -31.04 -35.98
CA GLY B 272 6.35 -31.43 -37.19
C GLY B 272 7.67 -32.13 -36.99
N ALA B 273 7.99 -32.60 -35.79
CA ALA B 273 9.30 -33.24 -35.56
C ALA B 273 9.47 -34.39 -36.53
N ASN B 274 10.67 -34.52 -37.08
CA ASN B 274 11.02 -35.57 -38.05
C ASN B 274 11.15 -36.92 -37.35
N MET B 275 10.17 -37.80 -37.54
CA MET B 275 10.13 -39.07 -36.80
C MET B 275 11.24 -40.02 -37.27
N GLY B 276 11.57 -39.91 -38.56
CA GLY B 276 12.54 -40.76 -39.24
C GLY B 276 13.95 -40.27 -39.06
N ALA B 277 14.17 -39.15 -38.38
CA ALA B 277 15.53 -38.69 -38.06
C ALA B 277 16.29 -39.78 -37.35
N GLN B 278 17.54 -39.98 -37.75
CA GLN B 278 18.41 -41.00 -37.16
C GLN B 278 19.60 -40.29 -36.55
N ASN B 279 20.08 -40.85 -35.45
CA ASN B 279 21.31 -40.31 -34.79
C ASN B 279 22.53 -40.97 -35.42
N ALA B 280 23.66 -40.86 -34.71
CA ALA B 280 24.96 -41.32 -35.23
C ALA B 280 24.99 -42.82 -35.46
N SER B 281 24.25 -43.55 -34.62
CA SER B 281 24.15 -45.01 -34.67
C SER B 281 23.10 -45.46 -35.68
N GLY B 282 22.36 -44.51 -36.24
CA GLY B 282 21.29 -44.89 -37.17
C GLY B 282 19.99 -45.14 -36.47
N ASN B 283 19.94 -44.90 -35.16
CA ASN B 283 18.71 -45.15 -34.36
C ASN B 283 17.73 -44.02 -34.54
N THR B 284 16.49 -44.35 -34.82
CA THR B 284 15.38 -43.38 -34.81
C THR B 284 14.86 -43.28 -33.39
N ALA B 285 13.89 -42.38 -33.20
CA ALA B 285 13.24 -42.23 -31.89
C ALA B 285 12.66 -43.58 -31.45
N LEU B 286 12.11 -44.34 -32.41
CA LEU B 286 11.49 -45.64 -32.05
C LEU B 286 12.55 -46.62 -31.56
N HIS B 287 13.71 -46.65 -32.21
CA HIS B 287 14.84 -47.45 -31.69
C HIS B 287 15.16 -47.03 -30.27
N ILE B 288 15.20 -45.72 -30.01
CA ILE B 288 15.54 -45.23 -28.66
C ILE B 288 14.51 -45.74 -27.67
N CYS B 289 13.23 -45.66 -28.00
CA CYS B 289 12.19 -46.27 -27.13
C CYS B 289 12.50 -47.74 -26.86
N ALA B 290 12.91 -48.47 -27.89
CA ALA B 290 13.15 -49.91 -27.73
C ALA B 290 14.34 -50.17 -26.83
N LEU B 291 15.36 -49.34 -26.96
CA LEU B 291 16.59 -49.44 -26.13
C LEU B 291 16.30 -49.18 -24.65
N TYR B 292 15.44 -48.22 -24.35
CA TYR B 292 15.22 -47.77 -22.96
C TYR B 292 13.90 -48.26 -22.38
N ASN B 293 13.20 -49.13 -23.11
CA ASN B 293 11.92 -49.73 -22.66
C ASN B 293 10.89 -48.66 -22.36
N GLN B 294 10.77 -47.69 -23.26
CA GLN B 294 9.79 -46.59 -23.08
C GLN B 294 8.55 -46.90 -23.91
N GLU B 295 7.67 -47.74 -23.39
CA GLU B 295 6.55 -48.26 -24.18
C GLU B 295 5.53 -47.15 -24.48
N SER B 296 5.25 -46.23 -23.55
CA SER B 296 4.24 -45.16 -23.77
C SER B 296 4.69 -44.32 -24.95
N CYS B 297 5.97 -43.93 -24.97
CA CYS B 297 6.53 -43.12 -26.07
C CYS B 297 6.45 -43.93 -27.37
N ALA B 298 6.77 -45.21 -27.30
CA ALA B 298 6.76 -46.03 -28.53
C ALA B 298 5.33 -46.08 -29.07
N ARG B 299 4.35 -46.15 -28.19
CA ARG B 299 2.95 -46.21 -28.62
C ARG B 299 2.57 -44.94 -29.38
N VAL B 300 3.00 -43.79 -28.88
CA VAL B 300 2.70 -42.50 -29.53
C VAL B 300 3.32 -42.46 -30.92
N LEU B 301 4.58 -42.89 -31.03
CA LEU B 301 5.27 -42.89 -32.34
C LEU B 301 4.53 -43.77 -33.34
N LEU B 302 4.20 -44.99 -32.95
CA LEU B 302 3.49 -45.91 -33.87
C LEU B 302 2.14 -45.31 -34.24
N TYR B 303 1.43 -44.80 -33.25
CA TYR B 303 0.07 -44.26 -33.43
C TYR B 303 0.07 -43.13 -34.46
N ARG B 304 1.13 -42.35 -34.48
CA ARG B 304 1.21 -41.16 -35.36
C ARG B 304 1.92 -41.46 -36.66
N GLY B 305 2.30 -42.71 -36.89
CA GLY B 305 2.75 -43.11 -38.23
C GLY B 305 4.24 -43.33 -38.37
N ALA B 306 4.97 -43.55 -37.29
CA ALA B 306 6.42 -43.82 -37.43
C ALA B 306 6.63 -45.07 -38.29
N ASN B 307 7.71 -45.06 -39.07
CA ASN B 307 8.07 -46.22 -39.91
C ASN B 307 8.86 -47.17 -39.04
N LYS B 308 8.32 -48.37 -38.84
CA LYS B 308 8.92 -49.30 -37.87
C LYS B 308 9.96 -50.19 -38.57
N ASP B 309 10.04 -50.10 -39.89
CA ASP B 309 10.96 -50.97 -40.66
C ASP B 309 12.35 -50.37 -40.77
N VAL B 310 12.59 -49.16 -40.31
CA VAL B 310 13.89 -48.49 -40.47
C VAL B 310 14.97 -49.30 -39.76
N ARG B 311 16.06 -49.55 -40.45
CA ARG B 311 17.20 -50.27 -39.86
C ARG B 311 18.26 -49.26 -39.43
N ASN B 312 18.84 -49.47 -38.26
CA ASN B 312 19.98 -48.61 -37.86
C ASN B 312 21.26 -49.13 -38.55
N TYR B 313 22.40 -48.57 -38.20
CA TYR B 313 23.63 -48.89 -38.95
C TYR B 313 24.22 -50.25 -38.53
N ASN B 314 23.66 -50.91 -37.53
CA ASN B 314 23.97 -52.34 -37.24
C ASN B 314 22.93 -53.23 -37.91
N SER B 315 22.12 -52.69 -38.82
CA SER B 315 21.08 -53.42 -39.59
C SER B 315 19.96 -53.92 -38.69
N GLN B 316 19.67 -53.22 -37.60
CA GLN B 316 18.63 -53.66 -36.66
C GLN B 316 17.39 -52.79 -36.81
N THR B 317 16.22 -53.43 -36.78
CA THR B 317 14.95 -52.71 -36.68
C THR B 317 14.69 -52.36 -35.22
N ALA B 318 13.72 -51.48 -34.97
CA ALA B 318 13.32 -51.14 -33.59
C ALA B 318 12.87 -52.40 -32.84
N PHE B 319 12.09 -53.22 -33.52
CA PHE B 319 11.64 -54.51 -32.93
C PHE B 319 12.86 -55.32 -32.50
N GLN B 320 13.82 -55.45 -33.39
CA GLN B 320 14.99 -56.31 -33.11
C GLN B 320 15.78 -55.73 -31.94
N VAL B 321 15.89 -54.41 -31.90
CA VAL B 321 16.59 -53.74 -30.76
C VAL B 321 15.87 -54.05 -29.46
N ALA B 322 14.54 -53.97 -29.45
CA ALA B 322 13.77 -54.26 -28.23
C ALA B 322 14.03 -55.67 -27.73
N ILE B 323 13.99 -56.65 -28.64
CA ILE B 323 14.25 -58.07 -28.28
C ILE B 323 15.63 -58.19 -27.65
N ILE B 324 16.63 -57.58 -28.27
CA ILE B 324 18.04 -57.73 -27.82
C ILE B 324 18.21 -57.11 -26.44
N ALA B 325 17.45 -56.07 -26.19
CA ALA B 325 17.49 -55.31 -24.91
C ALA B 325 16.77 -56.09 -23.82
N GLY B 326 15.84 -56.98 -24.20
CA GLY B 326 15.07 -57.69 -23.16
C GLY B 326 13.70 -57.08 -22.95
N ASN B 327 13.32 -56.12 -23.82
CA ASN B 327 11.98 -55.51 -23.71
C ASN B 327 11.00 -56.26 -24.58
N PHE B 328 10.60 -57.41 -24.09
CA PHE B 328 9.75 -58.32 -24.86
C PHE B 328 8.34 -57.77 -24.99
N GLU B 329 7.81 -57.19 -23.93
CA GLU B 329 6.46 -56.61 -23.96
C GLU B 329 6.41 -55.47 -24.98
N LEU B 330 7.42 -54.60 -24.92
CA LEU B 330 7.50 -53.49 -25.89
C LEU B 330 7.63 -54.05 -27.31
N ALA B 331 8.47 -55.06 -27.48
CA ALA B 331 8.69 -55.64 -28.82
C ALA B 331 7.39 -56.16 -29.40
N GLU B 332 6.57 -56.80 -28.58
CA GLU B 332 5.27 -57.34 -29.08
C GLU B 332 4.35 -56.20 -29.52
N VAL B 333 4.38 -55.07 -28.83
CA VAL B 333 3.57 -53.90 -29.22
C VAL B 333 3.97 -53.45 -30.62
N ILE B 334 5.28 -53.39 -30.85
CA ILE B 334 5.79 -52.99 -32.19
C ILE B 334 5.39 -54.03 -33.23
N LYS B 335 5.59 -55.29 -32.91
CA LYS B 335 5.34 -56.38 -33.88
C LYS B 335 3.89 -56.40 -34.34
N THR B 336 2.98 -56.29 -33.40
CA THR B 336 1.52 -56.36 -33.58
C THR B 336 0.93 -55.16 -34.32
N HIS B 337 1.65 -54.03 -34.31
CA HIS B 337 1.09 -52.76 -34.81
C HIS B 337 0.83 -52.90 -36.32
N LYS B 338 -0.28 -52.37 -36.78
CA LYS B 338 -0.55 -52.34 -38.23
C LYS B 338 -0.70 -50.92 -38.73
N ASP B 339 -0.53 -50.78 -40.02
CA ASP B 339 -0.66 -49.44 -40.68
C ASP B 339 -2.06 -48.89 -40.51
N SER B 340 -3.04 -49.78 -40.42
CA SER B 340 -4.46 -49.39 -40.25
C SER B 340 -4.67 -48.66 -38.92
N ASP B 341 -3.78 -48.95 -37.95
CA ASP B 341 -3.88 -48.35 -36.60
C ASP B 341 -3.45 -46.88 -36.58
N VAL B 342 -2.64 -46.44 -37.54
CA VAL B 342 -2.04 -45.09 -37.52
C VAL B 342 -3.12 -44.05 -37.74
N VAL B 343 -3.10 -43.00 -36.94
CA VAL B 343 -4.02 -41.86 -37.12
C VAL B 343 -3.17 -40.62 -37.27
N PRO B 344 -3.05 -40.08 -38.50
CA PRO B 344 -2.30 -38.83 -38.71
C PRO B 344 -2.94 -37.67 -38.00
N PHE B 345 -2.13 -36.67 -37.65
CA PHE B 345 -2.68 -35.52 -36.93
C PHE B 345 -3.80 -34.86 -37.73
N ARG B 346 -4.91 -34.54 -37.05
CA ARG B 346 -6.13 -34.02 -37.70
C ARG B 346 -5.85 -32.61 -38.19
N GLU B 347 -5.16 -31.83 -37.36
CA GLU B 347 -4.98 -30.38 -37.59
C GLU B 347 -3.51 -30.00 -37.62
N THR B 348 -3.20 -29.03 -38.45
CA THR B 348 -1.87 -28.43 -38.46
C THR B 348 -1.77 -27.39 -37.36
N PRO B 349 -0.54 -27.11 -36.88
CA PRO B 349 -0.32 -26.11 -35.85
C PRO B 349 -0.65 -24.70 -36.32
N SER B 350 -1.06 -23.91 -35.36
CA SER B 350 -1.18 -22.44 -35.51
C SER B 350 -0.16 -21.82 -34.60
N TYR B 351 0.39 -20.67 -34.98
CA TYR B 351 1.53 -20.09 -34.25
C TYR B 351 1.22 -18.67 -33.83
N ALA B 352 1.94 -18.21 -32.81
CA ALA B 352 1.76 -16.82 -32.34
C ALA B 352 2.30 -15.87 -33.41
N LYS B 353 1.62 -14.76 -33.68
CA LYS B 353 2.00 -13.82 -34.77
C LYS B 353 3.35 -13.19 -34.44
N ARG B 354 3.50 -12.72 -33.19
CA ARG B 354 4.71 -12.05 -32.65
C ARG B 354 5.53 -11.33 -33.74
N PHE C 6 -39.95 0.79 18.82
CA PHE C 6 -40.37 1.36 17.52
C PHE C 6 -40.96 2.76 17.73
N ALA C 7 -41.35 3.42 16.65
CA ALA C 7 -41.53 4.89 16.58
C ALA C 7 -42.91 5.33 17.10
N VAL C 8 -43.08 6.63 17.29
CA VAL C 8 -44.36 7.22 17.77
C VAL C 8 -44.75 8.42 16.92
N VAL C 9 -46.05 8.65 16.79
CA VAL C 9 -46.55 9.75 15.92
C VAL C 9 -46.45 11.08 16.70
N VAL C 10 -45.78 12.02 16.10
CA VAL C 10 -45.50 13.39 16.62
C VAL C 10 -45.97 14.38 15.55
N ARG C 11 -46.59 15.43 16.00
CA ARG C 11 -47.05 16.58 15.18
C ARG C 11 -45.90 17.57 15.09
N VAL C 12 -45.42 17.88 13.90
CA VAL C 12 -44.29 18.81 13.72
C VAL C 12 -44.87 20.01 12.99
N GLY C 13 -44.69 21.15 13.64
CA GLY C 13 -45.06 22.44 13.01
C GLY C 13 -43.90 23.10 12.33
N ILE C 14 -44.05 23.50 11.07
CA ILE C 14 -43.03 24.23 10.31
C ILE C 14 -43.56 25.64 10.05
N PRO C 15 -43.31 26.56 10.98
CA PRO C 15 -43.86 27.92 10.83
C PRO C 15 -43.43 28.69 9.59
N ASP C 16 -42.21 28.44 9.11
CA ASP C 16 -41.73 29.13 7.90
C ASP C 16 -42.52 28.66 6.68
N LEU C 17 -43.03 27.44 6.72
CA LEU C 17 -43.80 26.89 5.59
C LEU C 17 -45.29 27.04 5.85
N GLN C 18 -45.69 27.44 7.05
CA GLN C 18 -47.15 27.48 7.37
C GLN C 18 -47.76 26.10 7.17
N GLN C 19 -47.05 25.10 7.65
CA GLN C 19 -47.43 23.68 7.46
C GLN C 19 -47.26 22.94 8.77
N THR C 20 -48.13 21.99 9.03
CA THR C 20 -47.98 21.05 10.15
C THR C 20 -48.06 19.66 9.57
N LYS C 21 -47.20 18.78 10.04
CA LYS C 21 -47.23 17.37 9.55
C LYS C 21 -47.19 16.39 10.70
N CYS C 22 -47.98 15.32 10.62
CA CYS C 22 -47.88 14.20 11.59
C CYS C 22 -46.96 13.15 10.98
N LEU C 23 -45.85 12.89 11.62
CA LEU C 23 -45.00 11.74 11.22
C LEU C 23 -44.55 10.97 12.44
N ARG C 24 -44.18 9.75 12.16
CA ARG C 24 -43.67 8.76 13.13
C ARG C 24 -42.19 9.05 13.35
N LEU C 25 -41.80 9.37 14.56
CA LEU C 25 -40.39 9.58 14.92
C LEU C 25 -39.93 8.52 15.91
N ASP C 26 -38.65 8.16 15.83
CA ASP C 26 -38.06 7.08 16.63
C ASP C 26 -37.33 7.69 17.82
N PRO C 27 -37.87 7.51 19.06
CA PRO C 27 -37.29 8.11 20.25
C PRO C 27 -35.91 7.55 20.61
N THR C 28 -35.68 6.30 20.27
CA THR C 28 -34.41 5.65 20.63
C THR C 28 -33.28 6.31 19.81
N ALA C 29 -33.55 6.60 18.54
CA ALA C 29 -32.56 7.11 17.59
C ALA C 29 -32.22 8.57 17.89
N PRO C 30 -31.03 9.00 17.37
CA PRO C 30 -30.58 10.37 17.58
C PRO C 30 -31.56 11.37 17.01
N VAL C 31 -31.57 12.55 17.60
CA VAL C 31 -32.39 13.68 17.09
C VAL C 31 -32.11 13.89 15.62
N TRP C 32 -30.86 13.76 15.23
CA TRP C 32 -30.43 13.94 13.83
C TRP C 32 -31.27 13.05 12.91
N ALA C 33 -31.55 11.83 13.37
CA ALA C 33 -32.27 10.86 12.56
C ALA C 33 -33.73 11.28 12.39
N ALA C 34 -34.34 11.80 13.44
CA ALA C 34 -35.70 12.34 13.36
C ALA C 34 -35.71 13.54 12.42
N LYS C 35 -34.70 14.40 12.51
CA LYS C 35 -34.62 15.57 11.63
C LYS C 35 -34.59 15.12 10.18
N GLN C 36 -33.82 14.07 9.90
CA GLN C 36 -33.73 13.54 8.52
C GLN C 36 -35.10 13.12 8.03
N ARG C 37 -35.87 12.45 8.88
CA ARG C 37 -37.22 11.99 8.50
C ARG C 37 -38.10 13.19 8.18
N VAL C 38 -37.98 14.25 8.95
CA VAL C 38 -38.79 15.46 8.69
C VAL C 38 -38.38 16.04 7.35
N LEU C 39 -37.07 16.19 7.15
CA LEU C 39 -36.57 16.81 5.90
C LEU C 39 -37.04 16.00 4.70
N CYS C 40 -36.97 14.66 4.75
CA CYS C 40 -37.48 13.82 3.63
C CYS C 40 -38.94 14.11 3.33
N LYS C 41 -39.80 14.26 4.33
CA LYS C 41 -41.26 14.56 4.11
C LYS C 41 -41.45 15.92 3.44
N LEU C 42 -40.53 16.84 3.73
CA LEU C 42 -40.72 18.23 3.18
C LEU C 42 -40.45 18.27 1.68
N ASN C 43 -39.48 17.48 1.22
CA ASN C 43 -39.11 17.36 -0.20
C ASN C 43 -38.61 18.72 -0.71
N HIS C 44 -37.58 19.21 -0.03
CA HIS C 44 -36.76 20.39 -0.43
C HIS C 44 -37.53 21.70 -0.42
N SER C 45 -38.59 21.78 0.38
CA SER C 45 -39.40 23.02 0.46
C SER C 45 -38.54 24.19 0.97
N LEU C 46 -37.68 23.90 1.95
CA LEU C 46 -36.97 24.90 2.76
C LEU C 46 -35.67 25.30 2.07
N GLN C 47 -35.28 26.54 2.30
CA GLN C 47 -33.91 27.02 1.93
C GLN C 47 -32.94 26.73 3.06
N ASP C 48 -31.73 26.27 2.73
CA ASP C 48 -30.68 25.97 3.73
C ASP C 48 -31.27 25.04 4.79
N ALA C 49 -31.83 23.96 4.30
CA ALA C 49 -32.60 23.00 5.10
C ALA C 49 -31.76 22.36 6.20
N LEU C 50 -30.46 22.22 5.98
CA LEU C 50 -29.62 21.56 7.00
C LEU C 50 -29.52 22.38 8.28
N ASN C 51 -29.84 23.66 8.21
CA ASN C 51 -29.70 24.55 9.37
C ASN C 51 -31.03 24.75 10.07
N TYR C 52 -32.04 24.00 9.70
CA TYR C 52 -33.27 23.93 10.49
C TYR C 52 -33.09 22.86 11.56
N GLY C 53 -33.73 23.05 12.70
CA GLY C 53 -33.63 22.11 13.81
C GLY C 53 -34.96 21.93 14.48
N LEU C 54 -35.13 20.76 15.08
CA LEU C 54 -36.32 20.51 15.91
C LEU C 54 -36.28 21.43 17.11
N PHE C 55 -37.48 21.91 17.49
CA PHE C 55 -37.61 23.04 18.43
C PHE C 55 -38.66 22.70 19.47
N GLN C 56 -38.31 22.81 20.74
CA GLN C 56 -39.30 22.59 21.81
C GLN C 56 -39.92 23.94 22.11
N PRO C 57 -41.24 24.12 21.89
CA PRO C 57 -41.88 25.40 22.10
C PRO C 57 -41.77 25.77 23.58
N PRO C 58 -41.74 27.06 23.94
CA PRO C 58 -41.70 27.45 25.35
C PRO C 58 -42.87 26.83 26.11
N SER C 59 -42.58 26.13 27.19
CA SER C 59 -43.57 25.49 28.08
C SER C 59 -43.89 26.43 29.24
N ARG C 60 -44.77 26.03 30.15
CA ARG C 60 -45.08 26.84 31.36
C ARG C 60 -43.78 27.06 32.15
N GLY C 61 -43.39 28.33 32.35
CA GLY C 61 -42.17 28.74 33.06
C GLY C 61 -40.90 28.27 32.37
N ARG C 62 -40.98 27.73 31.16
CA ARG C 62 -39.80 27.15 30.46
C ARG C 62 -39.64 27.86 29.11
N ALA C 63 -38.42 28.30 28.78
CA ALA C 63 -38.10 28.99 27.52
C ALA C 63 -38.00 27.96 26.40
N GLY C 64 -38.19 28.39 25.15
CA GLY C 64 -38.12 27.50 23.98
C GLY C 64 -36.67 27.12 23.77
N LYS C 65 -36.42 25.89 23.36
CA LYS C 65 -35.04 25.45 23.13
C LYS C 65 -34.96 24.57 21.90
N PHE C 66 -33.86 24.70 21.18
CA PHE C 66 -33.53 23.74 20.11
C PHE C 66 -33.15 22.40 20.72
N LEU C 67 -33.61 21.33 20.12
CA LEU C 67 -33.18 19.98 20.50
C LEU C 67 -31.73 19.79 20.05
N ASP C 68 -30.97 19.08 20.87
CA ASP C 68 -29.60 18.67 20.51
C ASP C 68 -29.67 17.56 19.46
N GLU C 69 -29.11 17.81 18.31
CA GLU C 69 -29.01 16.78 17.23
C GLU C 69 -28.43 15.45 17.69
N GLU C 70 -27.34 15.48 18.44
CA GLU C 70 -26.62 14.23 18.74
C GLU C 70 -27.25 13.47 19.91
N ARG C 71 -27.97 14.17 20.77
CA ARG C 71 -28.74 13.51 21.85
C ARG C 71 -29.89 12.69 21.28
N LEU C 72 -30.22 11.62 21.96
CA LEU C 72 -31.34 10.76 21.50
C LEU C 72 -32.66 11.51 21.68
N LEU C 73 -33.59 11.20 20.78
CA LEU C 73 -34.86 11.96 20.75
C LEU C 73 -35.63 11.81 22.06
N GLN C 74 -35.49 10.63 22.66
CA GLN C 74 -36.25 10.21 23.85
C GLN C 74 -35.87 11.09 25.05
N ASP C 75 -34.72 11.77 24.96
CA ASP C 75 -34.13 12.56 26.08
C ASP C 75 -35.07 13.69 26.48
N TYR C 76 -35.75 14.28 25.52
CA TYR C 76 -36.69 15.39 25.75
C TYR C 76 -38.09 14.83 25.93
N PRO C 77 -38.62 14.77 27.18
CA PRO C 77 -39.99 14.30 27.38
C PRO C 77 -40.94 15.28 26.70
N PRO C 78 -41.93 14.78 25.94
CA PRO C 78 -42.83 15.67 25.19
C PRO C 78 -43.89 16.31 26.08
N ASN C 79 -44.39 17.48 25.68
CA ASN C 79 -45.52 18.16 26.36
C ASN C 79 -46.74 17.24 26.32
N LEU C 80 -47.43 17.05 27.44
CA LEU C 80 -48.56 16.10 27.53
C LEU C 80 -49.87 16.83 27.33
N ASP C 81 -49.84 18.14 27.10
CA ASP C 81 -51.06 18.97 26.87
C ASP C 81 -51.79 18.45 25.64
N THR C 82 -51.04 18.14 24.58
CA THR C 82 -51.60 17.70 23.28
C THR C 82 -51.68 16.18 23.25
N PRO C 83 -52.74 15.63 22.63
CA PRO C 83 -52.89 14.18 22.45
C PRO C 83 -51.73 13.61 21.61
N LEU C 84 -51.29 14.36 20.61
CA LEU C 84 -50.09 14.01 19.83
C LEU C 84 -48.98 14.95 20.23
N PRO C 85 -47.78 14.42 20.54
CA PRO C 85 -46.70 15.26 21.04
C PRO C 85 -46.33 16.30 20.00
N TYR C 86 -45.90 17.49 20.42
CA TYR C 86 -45.78 18.61 19.45
C TYR C 86 -44.36 19.19 19.46
N LEU C 87 -43.77 19.21 18.28
CA LEU C 87 -42.44 19.81 18.07
C LEU C 87 -42.56 20.80 16.92
N GLU C 88 -41.58 21.70 16.82
CA GLU C 88 -41.50 22.64 15.69
C GLU C 88 -40.16 22.48 15.01
N PHE C 89 -40.09 22.95 13.77
CA PHE C 89 -38.93 22.90 12.89
C PHE C 89 -38.63 24.34 12.59
N ARG C 90 -37.51 24.84 13.11
CA ARG C 90 -37.18 26.28 13.02
C ARG C 90 -35.76 26.44 12.53
N TYR C 91 -35.48 27.52 11.84
CA TYR C 91 -34.10 27.85 11.45
C TYR C 91 -33.29 28.23 12.69
N LYS C 92 -32.00 27.86 12.66
CA LYS C 92 -31.12 28.08 13.83
C LYS C 92 -30.65 29.53 13.83
N ARG C 93 -31.43 30.33 14.56
CA ARG C 93 -31.19 31.77 14.76
C ARG C 93 -30.80 32.01 16.21
N ARG C 94 -30.20 33.15 16.48
CA ARG C 94 -29.72 33.44 17.85
C ARG C 94 -30.88 33.39 18.82
N VAL C 95 -30.69 32.69 19.94
CA VAL C 95 -31.77 32.61 20.96
C VAL C 95 -31.59 33.77 21.92
N TYR C 96 -32.43 34.79 21.78
CA TYR C 96 -32.34 36.02 22.57
C TYR C 96 -32.99 35.75 23.94
N ALA C 97 -32.58 36.50 24.96
CA ALA C 97 -33.13 36.44 26.34
C ALA C 97 -34.33 37.39 26.47
N GLN C 98 -34.74 37.71 27.71
CA GLN C 98 -35.88 38.61 28.02
C GLN C 98 -35.72 39.94 27.27
N ASN C 99 -34.50 40.46 27.22
CA ASN C 99 -34.15 41.73 26.52
C ASN C 99 -34.54 41.63 25.04
N LEU C 100 -35.11 42.69 24.49
CA LEU C 100 -35.53 42.76 23.05
C LEU C 100 -34.66 43.76 22.27
N ILE C 101 -34.47 43.50 20.98
CA ILE C 101 -33.61 44.33 20.08
C ILE C 101 -34.42 45.50 19.51
N ASP C 102 -35.72 45.54 19.78
CA ASP C 102 -36.68 46.62 19.38
C ASP C 102 -37.01 46.55 17.88
N ASP C 103 -36.70 45.42 17.23
CA ASP C 103 -37.10 45.08 15.83
C ASP C 103 -36.36 45.94 14.80
N LYS C 104 -36.49 47.26 14.82
CA LYS C 104 -35.98 48.15 13.74
C LYS C 104 -34.44 48.11 13.78
N GLN C 105 -33.86 48.09 14.97
CA GLN C 105 -32.39 48.06 15.16
C GLN C 105 -31.83 46.75 14.60
N PHE C 106 -32.56 45.65 14.79
CA PHE C 106 -32.22 44.30 14.29
C PHE C 106 -32.02 44.35 12.78
N ALA C 107 -32.89 45.04 12.04
CA ALA C 107 -32.76 45.21 10.57
C ALA C 107 -31.46 45.96 10.23
N LYS C 108 -31.15 46.99 11.01
CA LYS C 108 -29.96 47.85 10.80
C LYS C 108 -28.71 47.02 11.08
N LEU C 109 -28.77 46.18 12.12
CA LEU C 109 -27.61 45.34 12.56
C LEU C 109 -27.26 44.32 11.47
N HIS C 110 -28.23 43.79 10.73
CA HIS C 110 -28.04 42.62 9.84
C HIS C 110 -28.09 43.00 8.36
N THR C 111 -27.75 44.24 8.03
CA THR C 111 -27.66 44.66 6.62
C THR C 111 -26.49 43.92 5.97
N LYS C 112 -26.56 43.75 4.66
CA LYS C 112 -25.49 43.05 3.90
C LYS C 112 -24.13 43.65 4.24
N ALA C 113 -24.03 44.97 4.21
CA ALA C 113 -22.77 45.70 4.49
C ALA C 113 -22.28 45.40 5.91
N ASN C 114 -23.20 45.42 6.85
CA ASN C 114 -22.86 45.24 8.28
C ASN C 114 -22.44 43.80 8.54
N LEU C 115 -23.09 42.85 7.88
CA LEU C 115 -22.69 41.45 8.02
C LEU C 115 -21.32 41.23 7.39
N LYS C 116 -21.05 41.90 6.29
CA LYS C 116 -19.71 41.80 5.67
C LYS C 116 -18.65 42.42 6.58
N LYS C 117 -18.95 43.59 7.15
CA LYS C 117 -18.06 44.21 8.13
C LYS C 117 -17.77 43.26 9.31
N PHE C 118 -18.81 42.59 9.77
CA PHE C 118 -18.70 41.66 10.92
C PHE C 118 -17.76 40.53 10.54
N MET C 119 -17.98 39.92 9.36
CA MET C 119 -17.06 38.88 8.89
C MET C 119 -15.60 39.37 8.84
N ASP C 120 -15.39 40.60 8.41
CA ASP C 120 -14.03 41.17 8.38
C ASP C 120 -13.43 41.27 9.77
N TYR C 121 -14.22 41.68 10.75
CA TYR C 121 -13.75 41.68 12.16
C TYR C 121 -13.33 40.27 12.59
N VAL C 122 -14.14 39.28 12.24
CA VAL C 122 -13.76 37.89 12.60
C VAL C 122 -12.42 37.54 11.92
N GLN C 123 -12.30 37.82 10.63
CA GLN C 123 -11.08 37.52 9.84
C GLN C 123 -9.86 38.20 10.43
N LEU C 124 -10.02 39.46 10.88
CA LEU C 124 -8.91 40.26 11.44
C LEU C 124 -8.66 39.94 12.92
N HIS C 125 -9.48 39.04 13.47
CA HIS C 125 -9.35 38.59 14.89
C HIS C 125 -9.59 39.76 15.83
N SER C 126 -10.50 40.65 15.45
CA SER C 126 -10.87 41.82 16.28
C SER C 126 -11.92 41.40 17.29
N THR C 127 -11.47 40.68 18.31
CA THR C 127 -12.42 40.04 19.24
C THR C 127 -13.32 41.05 19.93
N ASP C 128 -12.77 42.18 20.34
CA ASP C 128 -13.55 43.13 21.16
C ASP C 128 -14.69 43.74 20.35
N LYS C 129 -14.40 44.02 19.08
CA LYS C 129 -15.39 44.63 18.16
C LYS C 129 -16.48 43.61 17.82
N VAL C 130 -16.09 42.35 17.65
CA VAL C 130 -17.05 41.24 17.46
C VAL C 130 -17.98 41.14 18.66
N ALA C 131 -17.39 41.15 19.85
CA ALA C 131 -18.19 41.01 21.10
C ALA C 131 -19.18 42.15 21.26
N ARG C 132 -18.74 43.37 20.97
CA ARG C 132 -19.65 44.53 21.13
C ARG C 132 -20.84 44.45 20.18
N LEU C 133 -20.63 43.97 18.96
CA LEU C 133 -21.74 43.81 18.01
C LEU C 133 -22.67 42.68 18.47
N LEU C 134 -22.11 41.60 18.97
CA LEU C 134 -22.95 40.52 19.54
C LEU C 134 -23.74 41.04 20.74
N ASP C 135 -23.10 41.83 21.60
CA ASP C 135 -23.77 42.41 22.78
C ASP C 135 -24.95 43.29 22.35
N LYS C 136 -24.83 43.96 21.22
CA LYS C 136 -25.91 44.80 20.70
C LYS C 136 -27.02 43.99 20.06
N GLY C 137 -26.80 42.70 19.81
CA GLY C 137 -27.84 41.81 19.31
C GLY C 137 -27.59 41.20 17.95
N LEU C 138 -26.38 41.31 17.39
CA LEU C 138 -26.15 40.66 16.09
C LEU C 138 -26.28 39.15 16.23
N ASP C 139 -26.94 38.56 15.24
CA ASP C 139 -27.11 37.10 15.10
C ASP C 139 -25.93 36.60 14.28
N PRO C 140 -25.03 35.82 14.92
CA PRO C 140 -23.86 35.25 14.23
C PRO C 140 -24.13 34.00 13.38
N ASN C 141 -25.37 33.56 13.36
CA ASN C 141 -25.81 32.39 12.57
C ASN C 141 -26.20 32.85 11.19
N PHE C 142 -25.20 33.15 10.37
CA PHE C 142 -25.44 33.57 8.96
C PHE C 142 -24.25 33.17 8.12
N HIS C 143 -24.40 33.28 6.81
CA HIS C 143 -23.31 32.98 5.84
C HIS C 143 -22.81 34.24 5.16
N ASP C 144 -21.49 34.33 5.04
CA ASP C 144 -20.96 35.37 4.14
C ASP C 144 -21.30 34.97 2.72
N PRO C 145 -21.81 35.89 1.87
CA PRO C 145 -22.13 35.51 0.50
C PRO C 145 -20.98 34.94 -0.34
N ASP C 146 -19.80 35.51 -0.16
CA ASP C 146 -18.62 35.14 -0.98
C ASP C 146 -18.00 33.83 -0.49
N SER C 147 -17.72 33.73 0.79
CA SER C 147 -16.97 32.59 1.36
C SER C 147 -17.86 31.38 1.60
N GLY C 148 -19.13 31.62 1.92
CA GLY C 148 -20.05 30.55 2.32
C GLY C 148 -19.84 30.11 3.76
N GLU C 149 -19.02 30.85 4.49
CA GLU C 149 -18.64 30.49 5.87
C GLU C 149 -19.47 31.32 6.85
N CYS C 150 -19.76 30.70 8.00
CA CYS C 150 -20.41 31.44 9.09
C CYS C 150 -19.32 31.98 10.00
N PRO C 151 -19.62 32.95 10.87
CA PRO C 151 -18.59 33.46 11.78
C PRO C 151 -17.83 32.37 12.55
N LEU C 152 -18.57 31.43 13.09
CA LEU C 152 -17.93 30.36 13.90
C LEU C 152 -17.05 29.47 13.05
N SER C 153 -17.51 29.09 11.86
CA SER C 153 -16.74 28.19 10.98
C SER C 153 -15.48 28.89 10.49
N LEU C 154 -15.58 30.18 10.21
CA LEU C 154 -14.39 30.96 9.80
C LEU C 154 -13.41 31.08 10.95
N ALA C 155 -13.90 31.43 12.15
CA ALA C 155 -13.03 31.59 13.32
C ALA C 155 -12.30 30.30 13.61
N ALA C 156 -12.95 29.16 13.35
CA ALA C 156 -12.34 27.84 13.63
C ALA C 156 -11.07 27.60 12.81
N GLN C 157 -10.97 28.27 11.67
CA GLN C 157 -9.84 28.08 10.76
C GLN C 157 -8.68 29.01 11.09
N LEU C 158 -8.96 30.15 11.73
CA LEU C 158 -7.90 31.10 12.08
C LEU C 158 -7.08 30.60 13.27
N ASP C 159 -5.82 31.03 13.29
CA ASP C 159 -4.91 30.69 14.39
C ASP C 159 -5.35 31.35 15.69
N ASN C 160 -5.07 30.66 16.79
CA ASN C 160 -5.32 31.17 18.16
C ASN C 160 -6.78 31.61 18.28
N ALA C 161 -7.68 30.73 17.85
CA ALA C 161 -9.10 31.10 17.71
C ALA C 161 -9.87 30.98 19.02
N THR C 162 -9.29 30.56 20.13
CA THR C 162 -10.12 30.23 21.30
C THR C 162 -10.87 31.48 21.79
N ASP C 163 -10.20 32.62 21.78
CA ASP C 163 -10.87 33.86 22.24
C ASP C 163 -12.09 34.16 21.36
N LEU C 164 -11.91 34.13 20.05
CA LEU C 164 -13.03 34.41 19.14
C LEU C 164 -14.19 33.42 19.34
N LEU C 165 -13.82 32.16 19.43
CA LEU C 165 -14.81 31.06 19.51
C LEU C 165 -15.65 31.23 20.76
N LYS C 166 -15.00 31.55 21.89
CA LYS C 166 -15.73 31.74 23.14
C LYS C 166 -16.70 32.92 23.03
N VAL C 167 -16.24 34.02 22.50
CA VAL C 167 -17.10 35.23 22.36
C VAL C 167 -18.26 34.95 21.42
N LEU C 168 -18.03 34.24 20.32
CA LEU C 168 -19.15 33.92 19.39
C LEU C 168 -20.17 33.00 20.06
N ARG C 169 -19.68 32.00 20.78
CA ARG C 169 -20.62 31.07 21.47
C ARG C 169 -21.40 31.80 22.56
N ASN C 170 -20.76 32.69 23.32
CA ASN C 170 -21.44 33.54 24.34
C ASN C 170 -22.50 34.43 23.68
N GLY C 171 -22.24 34.81 22.45
CA GLY C 171 -23.10 35.72 21.67
C GLY C 171 -24.18 34.95 20.97
N GLY C 172 -24.35 33.67 21.22
CA GLY C 172 -25.49 32.92 20.63
C GLY C 172 -25.18 32.14 19.40
N ALA C 173 -23.91 31.97 19.01
CA ALA C 173 -23.61 31.14 17.82
C ALA C 173 -23.91 29.67 18.12
N HIS C 174 -24.71 29.03 17.29
CA HIS C 174 -24.96 27.59 17.44
C HIS C 174 -23.70 26.82 17.03
N LEU C 175 -23.33 25.83 17.83
CA LEU C 175 -22.06 25.10 17.58
C LEU C 175 -22.15 24.22 16.35
N ASP C 176 -23.36 23.83 15.97
CA ASP C 176 -23.61 22.93 14.84
C ASP C 176 -24.12 23.70 13.61
N PHE C 177 -24.11 25.02 13.65
CA PHE C 177 -24.45 25.78 12.43
C PHE C 177 -23.48 25.34 11.35
N ARG C 178 -24.05 24.87 10.24
CA ARG C 178 -23.30 24.40 9.08
C ARG C 178 -23.09 25.52 8.09
N THR C 179 -22.05 25.37 7.29
CA THR C 179 -21.75 26.33 6.20
C THR C 179 -22.60 25.96 4.99
N ARG C 180 -22.49 26.76 3.94
CA ARG C 180 -23.29 26.55 2.71
C ARG C 180 -22.99 25.15 2.15
N ASP C 181 -21.77 24.65 2.39
CA ASP C 181 -21.35 23.32 1.88
C ASP C 181 -21.70 22.21 2.86
N GLY C 182 -22.31 22.54 3.99
CA GLY C 182 -22.75 21.50 4.95
C GLY C 182 -21.73 21.13 6.02
N LEU C 183 -20.68 21.93 6.20
CA LEU C 183 -19.66 21.61 7.23
C LEU C 183 -19.92 22.38 8.50
N THR C 184 -19.77 21.74 9.65
CA THR C 184 -19.84 22.47 10.94
C THR C 184 -18.47 23.03 11.24
N ALA C 185 -18.45 23.91 12.23
CA ALA C 185 -17.20 24.50 12.76
C ALA C 185 -16.18 23.42 13.16
N VAL C 186 -16.71 22.32 13.70
CA VAL C 186 -15.84 21.20 14.15
C VAL C 186 -15.19 20.55 12.94
N HIS C 187 -15.93 20.34 11.86
CA HIS C 187 -15.33 19.86 10.59
C HIS C 187 -14.20 20.79 10.18
N CYS C 188 -14.43 22.09 10.23
CA CYS C 188 -13.47 23.05 9.65
C CYS C 188 -12.18 23.06 10.45
N ALA C 189 -12.27 23.06 11.78
CA ALA C 189 -11.07 22.98 12.63
C ALA C 189 -10.30 21.70 12.36
N THR C 190 -11.02 20.60 12.21
CA THR C 190 -10.36 19.29 11.96
C THR C 190 -9.63 19.33 10.63
N ARG C 191 -10.32 19.79 9.59
CA ARG C 191 -9.74 19.83 8.22
C ARG C 191 -8.48 20.71 8.17
N GLN C 192 -8.49 21.79 8.94
CA GLN C 192 -7.33 22.70 8.97
C GLN C 192 -6.25 22.22 9.93
N ARG C 193 -6.51 21.14 10.67
CA ARG C 193 -5.59 20.64 11.71
C ARG C 193 -5.30 21.77 12.69
N ASN C 194 -6.36 22.47 13.07
CA ASN C 194 -6.33 23.54 14.08
C ASN C 194 -6.66 22.93 15.43
N ALA C 195 -5.65 22.45 16.15
CA ALA C 195 -5.91 21.67 17.37
C ALA C 195 -6.49 22.56 18.47
N GLY C 196 -6.00 23.79 18.56
CA GLY C 196 -6.49 24.76 19.54
C GLY C 196 -7.96 25.03 19.36
N ALA C 197 -8.37 25.26 18.11
CA ALA C 197 -9.78 25.59 17.82
C ALA C 197 -10.63 24.37 18.09
N LEU C 198 -10.17 23.21 17.67
CA LEU C 198 -10.94 21.97 17.89
C LEU C 198 -11.14 21.74 19.37
N THR C 199 -10.09 21.86 20.17
CA THR C 199 -10.22 21.63 21.62
C THR C 199 -11.22 22.58 22.22
N THR C 200 -11.19 23.83 21.83
CA THR C 200 -12.12 24.83 22.41
C THR C 200 -13.56 24.49 22.02
N LEU C 201 -13.76 24.14 20.75
CA LEU C 201 -15.12 23.77 20.30
C LEU C 201 -15.65 22.60 21.14
N LEU C 202 -14.84 21.59 21.34
CA LEU C 202 -15.24 20.43 22.17
C LEU C 202 -15.48 20.86 23.61
N ASP C 203 -14.61 21.71 24.15
CA ASP C 203 -14.79 22.25 25.51
C ASP C 203 -16.11 23.02 25.65
N LEU C 204 -16.53 23.70 24.58
CA LEU C 204 -17.82 24.42 24.60
C LEU C 204 -19.03 23.49 24.48
N GLY C 205 -18.80 22.21 24.29
CA GLY C 205 -19.85 21.21 24.22
C GLY C 205 -20.22 20.77 22.82
N ALA C 206 -19.45 21.14 21.83
CA ALA C 206 -19.68 20.65 20.46
C ALA C 206 -19.47 19.14 20.37
N SER C 207 -20.39 18.48 19.73
CA SER C 207 -20.26 17.03 19.49
C SER C 207 -19.13 16.77 18.49
N PRO C 208 -18.32 15.73 18.75
CA PRO C 208 -17.34 15.29 17.75
C PRO C 208 -17.94 14.46 16.61
N ASP C 209 -19.25 14.18 16.68
CA ASP C 209 -19.91 13.29 15.71
C ASP C 209 -20.80 14.05 14.74
N TYR C 210 -20.71 15.38 14.63
CA TYR C 210 -21.63 16.10 13.72
C TYR C 210 -21.50 15.58 12.29
N LYS C 211 -22.63 15.41 11.61
CA LYS C 211 -22.63 14.89 10.23
C LYS C 211 -22.72 16.04 9.24
N ASP C 212 -22.06 15.86 8.10
CA ASP C 212 -22.09 16.86 7.01
C ASP C 212 -23.22 16.52 6.04
N SER C 213 -23.15 17.05 4.83
CA SER C 213 -24.17 16.78 3.80
C SER C 213 -24.19 15.29 3.41
N ARG C 214 -23.01 14.68 3.40
CA ARG C 214 -22.85 13.28 2.96
C ARG C 214 -22.96 12.32 4.13
N GLY C 215 -23.09 12.82 5.34
CA GLY C 215 -23.22 11.94 6.50
C GLY C 215 -21.90 11.64 7.16
N LEU C 216 -20.83 12.26 6.67
CA LEU C 216 -19.45 11.99 7.18
C LEU C 216 -19.13 12.91 8.34
N THR C 217 -18.49 12.34 9.34
CA THR C 217 -18.11 13.01 10.59
C THR C 217 -16.76 13.68 10.46
N PRO C 218 -16.41 14.55 11.42
CA PRO C 218 -15.09 15.18 11.41
C PRO C 218 -13.95 14.15 11.42
N LEU C 219 -14.14 13.09 12.20
CA LEU C 219 -13.12 12.02 12.28
C LEU C 219 -12.89 11.41 10.90
N TYR C 220 -13.96 11.19 10.16
CA TYR C 220 -13.86 10.64 8.80
C TYR C 220 -13.04 11.59 7.93
N HIS C 221 -13.36 12.87 8.02
CA HIS C 221 -12.64 13.89 7.22
C HIS C 221 -11.17 13.86 7.55
N SER C 222 -10.80 13.66 8.82
CA SER C 222 -9.37 13.73 9.20
C SER C 222 -8.63 12.59 8.53
N ALA C 223 -9.26 11.42 8.47
CA ALA C 223 -8.65 10.22 7.86
C ALA C 223 -8.48 10.41 6.37
N LEU C 224 -9.41 11.11 5.72
CA LEU C 224 -9.30 11.42 4.28
C LEU C 224 -8.19 12.42 4.01
N GLY C 225 -8.11 13.42 4.87
CA GLY C 225 -7.14 14.54 4.77
C GLY C 225 -5.70 14.22 5.10
N GLY C 226 -5.44 13.33 6.05
CA GLY C 226 -4.06 13.03 6.44
C GLY C 226 -3.41 14.19 7.17
N GLY C 227 -2.09 14.17 7.12
CA GLY C 227 -1.26 15.21 7.73
C GLY C 227 -1.16 15.03 9.22
N ASP C 228 -0.97 16.13 9.95
CA ASP C 228 -0.85 16.07 11.41
C ASP C 228 -2.03 15.29 12.00
N ALA C 229 -1.74 14.27 12.78
CA ALA C 229 -2.77 13.36 13.28
C ALA C 229 -3.27 13.83 14.64
N ARG C 230 -2.84 15.00 15.09
CA ARG C 230 -3.24 15.46 16.45
C ARG C 230 -4.76 15.62 16.50
N CYS C 231 -5.34 16.21 15.47
CA CYS C 231 -6.80 16.48 15.49
C CYS C 231 -7.58 15.16 15.51
N CYS C 232 -7.12 14.19 14.76
CA CYS C 232 -7.69 12.86 14.72
C CYS C 232 -7.73 12.28 16.13
N GLU C 233 -6.65 12.44 16.90
CA GLU C 233 -6.53 11.85 18.24
C GLU C 233 -7.32 12.67 19.23
N LEU C 234 -7.50 13.97 18.99
CA LEU C 234 -8.30 14.80 19.93
C LEU C 234 -9.75 14.41 19.78
N LEU C 235 -10.18 14.17 18.55
CA LEU C 235 -11.58 13.72 18.32
C LEU C 235 -11.80 12.38 19.02
N LEU C 236 -10.91 11.44 18.77
CA LEU C 236 -11.08 10.08 19.32
C LEU C 236 -11.04 10.11 20.84
N HIS C 237 -10.20 10.98 21.40
CA HIS C 237 -10.04 11.16 22.85
C HIS C 237 -11.35 11.67 23.46
N ASP C 238 -12.11 12.46 22.68
CA ASP C 238 -13.39 13.02 23.19
C ASP C 238 -14.56 12.10 22.79
N HIS C 239 -14.32 10.80 22.68
CA HIS C 239 -15.33 9.74 22.45
C HIS C 239 -15.94 9.82 21.06
N ALA C 240 -15.24 10.37 20.06
CA ALA C 240 -15.78 10.40 18.68
C ALA C 240 -16.16 9.00 18.21
N GLN C 241 -17.32 8.90 17.57
CA GLN C 241 -17.80 7.60 17.06
C GLN C 241 -16.93 7.14 15.89
N LEU C 242 -16.70 5.84 15.87
CA LEU C 242 -15.99 5.18 14.76
C LEU C 242 -16.97 4.41 13.89
N GLY C 243 -16.48 4.02 12.73
CA GLY C 243 -17.22 3.11 11.84
C GLY C 243 -18.15 3.80 10.87
N THR C 244 -17.97 5.10 10.68
CA THR C 244 -18.77 5.84 9.69
C THR C 244 -18.50 5.31 8.28
N THR C 245 -19.52 5.16 7.48
CA THR C 245 -19.38 4.66 6.10
C THR C 245 -19.77 5.71 5.10
N ASP C 246 -19.11 5.67 3.94
CA ASP C 246 -19.55 6.51 2.80
C ASP C 246 -20.51 5.69 1.94
N GLU C 247 -20.76 6.12 0.71
CA GLU C 247 -21.76 5.46 -0.14
C GLU C 247 -21.33 4.03 -0.51
N ASN C 248 -20.02 3.82 -0.55
CA ASN C 248 -19.43 2.53 -0.97
C ASN C 248 -18.98 1.70 0.23
N GLY C 249 -19.24 2.15 1.44
CA GLY C 249 -18.97 1.35 2.63
C GLY C 249 -17.54 1.43 3.13
N TRP C 250 -16.79 2.40 2.66
CA TRP C 250 -15.43 2.61 3.22
C TRP C 250 -15.55 3.23 4.61
N GLN C 251 -14.91 2.64 5.61
CA GLN C 251 -14.83 3.25 6.94
C GLN C 251 -13.55 4.09 7.04
N GLU C 252 -13.31 4.67 8.21
CA GLU C 252 -12.15 5.58 8.37
C GLU C 252 -10.86 4.85 8.07
N ILE C 253 -10.71 3.63 8.54
CA ILE C 253 -9.46 2.87 8.33
C ILE C 253 -9.25 2.57 6.84
N HIS C 254 -10.32 2.34 6.08
CA HIS C 254 -10.16 2.10 4.62
C HIS C 254 -9.53 3.33 3.97
N GLN C 255 -10.02 4.52 4.32
CA GLN C 255 -9.50 5.76 3.71
C GLN C 255 -8.06 6.00 4.14
N ALA C 256 -7.77 5.86 5.43
CA ALA C 256 -6.40 6.08 5.93
C ALA C 256 -5.43 5.17 5.18
N CYS C 257 -5.84 3.93 4.99
CA CYS C 257 -4.95 2.93 4.33
C CYS C 257 -4.73 3.26 2.87
N ARG C 258 -5.78 3.66 2.14
CA ARG C 258 -5.61 3.97 0.71
C ARG C 258 -4.56 5.06 0.50
N PHE C 259 -4.54 6.04 1.37
CA PHE C 259 -3.64 7.19 1.18
C PHE C 259 -2.38 7.08 2.00
N GLY C 260 -2.20 6.02 2.78
CA GLY C 260 -0.97 5.84 3.54
C GLY C 260 -0.86 6.76 4.74
N HIS C 261 -2.00 7.12 5.35
CA HIS C 261 -1.97 7.96 6.56
C HIS C 261 -1.80 7.07 7.78
N VAL C 262 -0.54 6.71 8.01
CA VAL C 262 -0.22 5.65 8.99
C VAL C 262 -0.45 6.14 10.42
N GLN C 263 -0.26 7.42 10.73
CA GLN C 263 -0.50 7.94 12.11
C GLN C 263 -2.01 7.91 12.37
N HIS C 264 -2.83 8.31 11.39
CA HIS C 264 -4.30 8.23 11.54
C HIS C 264 -4.70 6.78 11.75
N LEU C 265 -4.14 5.88 10.95
CA LEU C 265 -4.46 4.45 11.14
C LEU C 265 -4.19 3.98 12.55
N GLU C 266 -3.01 4.26 13.08
CA GLU C 266 -2.63 3.78 14.42
C GLU C 266 -3.56 4.31 15.51
N HIS C 267 -3.88 5.60 15.42
CA HIS C 267 -4.86 6.20 16.38
C HIS C 267 -6.18 5.45 16.32
N LEU C 268 -6.68 5.28 15.09
CA LEU C 268 -8.02 4.68 14.88
C LEU C 268 -8.02 3.27 15.45
N LEU C 269 -6.96 2.52 15.18
CA LEU C 269 -6.86 1.13 15.68
C LEU C 269 -6.78 1.13 17.19
N PHE C 270 -5.99 2.02 17.76
CA PHE C 270 -5.85 2.07 19.23
C PHE C 270 -7.20 2.33 19.88
N TYR C 271 -8.03 3.14 19.25
CA TYR C 271 -9.32 3.52 19.85
C TYR C 271 -10.44 2.56 19.44
N GLY C 272 -10.13 1.42 18.87
CA GLY C 272 -11.11 0.36 18.68
C GLY C 272 -11.63 0.16 17.27
N ALA C 273 -11.08 0.80 16.26
CA ALA C 273 -11.64 0.67 14.89
C ALA C 273 -11.71 -0.80 14.51
N ASN C 274 -12.81 -1.17 13.88
CA ASN C 274 -13.08 -2.56 13.46
C ASN C 274 -12.20 -2.94 12.26
N MET C 275 -11.18 -3.74 12.49
CA MET C 275 -10.19 -4.08 11.43
C MET C 275 -10.83 -4.92 10.33
N GLY C 276 -11.81 -5.73 10.73
CA GLY C 276 -12.48 -6.70 9.84
C GLY C 276 -13.60 -6.08 9.08
N ALA C 277 -13.88 -4.79 9.24
CA ALA C 277 -14.95 -4.15 8.46
C ALA C 277 -14.65 -4.26 6.97
N GLN C 278 -15.67 -4.64 6.20
CA GLN C 278 -15.57 -4.76 4.76
C GLN C 278 -16.40 -3.68 4.12
N ASN C 279 -15.93 -3.17 2.98
CA ASN C 279 -16.70 -2.17 2.21
C ASN C 279 -17.64 -2.90 1.26
N ALA C 280 -18.14 -2.18 0.26
CA ALA C 280 -19.12 -2.74 -0.70
C ALA C 280 -18.53 -3.88 -1.52
N SER C 281 -17.24 -3.78 -1.80
CA SER C 281 -16.51 -4.80 -2.57
C SER C 281 -16.04 -5.95 -1.69
N GLY C 282 -16.32 -5.86 -0.40
CA GLY C 282 -15.86 -6.93 0.51
C GLY C 282 -14.46 -6.73 0.97
N ASN C 283 -13.82 -5.62 0.61
CA ASN C 283 -12.41 -5.36 0.94
C ASN C 283 -12.28 -4.86 2.36
N THR C 284 -11.38 -5.45 3.13
CA THR C 284 -11.00 -4.94 4.45
C THR C 284 -9.92 -3.88 4.24
N ALA C 285 -9.53 -3.26 5.34
CA ALA C 285 -8.45 -2.28 5.33
C ALA C 285 -7.19 -2.90 4.71
N LEU C 286 -6.95 -4.18 5.04
CA LEU C 286 -5.73 -4.85 4.55
C LEU C 286 -5.80 -5.01 3.04
N HIS C 287 -6.96 -5.37 2.51
CA HIS C 287 -7.15 -5.40 1.04
C HIS C 287 -6.81 -4.04 0.46
N ILE C 288 -7.27 -2.97 1.09
CA ILE C 288 -7.02 -1.61 0.56
C ILE C 288 -5.53 -1.36 0.52
N CYS C 289 -4.81 -1.69 1.59
CA CYS C 289 -3.32 -1.58 1.54
C CYS C 289 -2.75 -2.36 0.36
N ALA C 290 -3.27 -3.55 0.11
CA ALA C 290 -2.70 -4.41 -0.94
C ALA C 290 -2.96 -3.80 -2.30
N LEU C 291 -4.13 -3.23 -2.48
CA LEU C 291 -4.53 -2.59 -3.76
C LEU C 291 -3.69 -1.36 -4.06
N TYR C 292 -3.35 -0.57 -3.06
CA TYR C 292 -2.68 0.72 -3.28
C TYR C 292 -1.21 0.69 -2.92
N ASN C 293 -0.67 -0.48 -2.60
CA ASN C 293 0.75 -0.68 -2.28
C ASN C 293 1.15 0.19 -1.10
N GLN C 294 0.34 0.16 -0.05
CA GLN C 294 0.65 0.92 1.19
C GLN C 294 1.25 -0.04 2.19
N GLU C 295 2.48 -0.41 1.95
CA GLU C 295 3.18 -1.42 2.78
C GLU C 295 3.30 -0.90 4.21
N SER C 296 3.45 0.41 4.42
CA SER C 296 3.67 0.98 5.78
C SER C 296 2.44 0.67 6.64
N CYS C 297 1.28 0.97 6.08
CA CYS C 297 -0.03 0.71 6.75
C CYS C 297 -0.27 -0.79 6.90
N ALA C 298 0.10 -1.58 5.91
CA ALA C 298 -0.25 -3.02 5.96
C ALA C 298 0.42 -3.66 7.16
N ARG C 299 1.65 -3.24 7.41
CA ARG C 299 2.45 -3.79 8.53
C ARG C 299 1.79 -3.48 9.85
N VAL C 300 1.25 -2.29 10.03
CA VAL C 300 0.57 -1.94 11.32
C VAL C 300 -0.66 -2.80 11.47
N LEU C 301 -1.44 -3.00 10.43
CA LEU C 301 -2.65 -3.86 10.53
C LEU C 301 -2.27 -5.29 10.95
N LEU C 302 -1.30 -5.87 10.27
CA LEU C 302 -0.88 -7.24 10.59
C LEU C 302 -0.35 -7.30 12.02
N TYR C 303 0.48 -6.33 12.37
CA TYR C 303 1.15 -6.26 13.68
C TYR C 303 0.14 -6.24 14.81
N ARG C 304 -1.00 -5.59 14.58
CA ARG C 304 -2.03 -5.44 15.62
C ARG C 304 -3.09 -6.52 15.53
N GLY C 305 -2.95 -7.47 14.62
CA GLY C 305 -3.78 -8.67 14.62
C GLY C 305 -4.87 -8.72 13.58
N ALA C 306 -4.81 -7.92 12.52
CA ALA C 306 -5.80 -8.03 11.43
C ALA C 306 -5.79 -9.44 10.85
N ASN C 307 -6.95 -9.94 10.46
CA ASN C 307 -7.10 -11.29 9.89
C ASN C 307 -6.73 -11.17 8.43
N LYS C 308 -5.72 -11.92 8.01
CA LYS C 308 -5.20 -11.78 6.64
C LYS C 308 -5.93 -12.75 5.71
N ASP C 309 -6.74 -13.63 6.25
CA ASP C 309 -7.40 -14.68 5.43
C ASP C 309 -8.73 -14.20 4.87
N VAL C 310 -9.20 -13.01 5.28
CA VAL C 310 -10.56 -12.56 4.92
C VAL C 310 -10.66 -12.40 3.40
N ARG C 311 -11.71 -12.96 2.83
CA ARG C 311 -11.91 -12.90 1.38
C ARG C 311 -12.89 -11.79 1.03
N ASN C 312 -12.59 -11.03 -0.02
CA ASN C 312 -13.57 -10.04 -0.50
C ASN C 312 -14.64 -10.74 -1.34
N TYR C 313 -15.56 -9.99 -1.92
CA TYR C 313 -16.68 -10.65 -2.61
C TYR C 313 -16.25 -11.15 -4.00
N ASN C 314 -15.02 -10.91 -4.43
CA ASN C 314 -14.43 -11.60 -5.62
C ASN C 314 -13.62 -12.80 -5.14
N SER C 315 -13.78 -13.23 -3.89
CA SER C 315 -13.15 -14.44 -3.29
C SER C 315 -11.64 -14.27 -3.14
N GLN C 316 -11.15 -13.04 -3.02
CA GLN C 316 -9.72 -12.79 -2.99
C GLN C 316 -9.30 -12.43 -1.57
N THR C 317 -8.16 -12.98 -1.14
CA THR C 317 -7.51 -12.53 0.10
C THR C 317 -6.70 -11.28 -0.19
N ALA C 318 -6.25 -10.59 0.85
CA ALA C 318 -5.36 -9.42 0.71
C ALA C 318 -4.09 -9.82 -0.05
N PHE C 319 -3.52 -10.96 0.32
CA PHE C 319 -2.34 -11.48 -0.39
C PHE C 319 -2.62 -11.57 -1.88
N GLN C 320 -3.73 -12.20 -2.23
CA GLN C 320 -4.06 -12.43 -3.65
C GLN C 320 -4.25 -11.10 -4.36
N VAL C 321 -4.89 -10.15 -3.69
CA VAL C 321 -5.07 -8.79 -4.26
C VAL C 321 -3.72 -8.15 -4.52
N ALA C 322 -2.79 -8.24 -3.57
CA ALA C 322 -1.45 -7.65 -3.73
C ALA C 322 -0.73 -8.21 -4.95
N ILE C 323 -0.77 -9.55 -5.10
CA ILE C 323 -0.13 -10.21 -6.26
C ILE C 323 -0.70 -9.67 -7.56
N ILE C 324 -2.04 -9.59 -7.63
CA ILE C 324 -2.73 -9.20 -8.88
C ILE C 324 -2.39 -7.75 -9.22
N ALA C 325 -2.19 -6.96 -8.20
CA ALA C 325 -1.88 -5.51 -8.33
C ALA C 325 -0.43 -5.33 -8.74
N GLY C 326 0.44 -6.31 -8.45
CA GLY C 326 1.85 -6.10 -8.80
C GLY C 326 2.68 -5.72 -7.61
N ASN C 327 2.08 -5.73 -6.42
CA ASN C 327 2.85 -5.39 -5.20
C ASN C 327 3.40 -6.66 -4.58
N PHE C 328 4.47 -7.14 -5.18
CA PHE C 328 5.04 -8.45 -4.82
C PHE C 328 5.73 -8.38 -3.47
N GLU C 329 6.43 -7.29 -3.21
CA GLU C 329 7.13 -7.13 -1.92
C GLU C 329 6.11 -7.08 -0.80
N LEU C 330 5.04 -6.28 -0.99
CA LEU C 330 3.97 -6.20 0.02
C LEU C 330 3.35 -7.59 0.20
N ALA C 331 3.09 -8.29 -0.90
CA ALA C 331 2.44 -9.61 -0.82
C ALA C 331 3.28 -10.56 0.01
N GLU C 332 4.60 -10.53 -0.14
CA GLU C 332 5.46 -11.45 0.64
C GLU C 332 5.38 -11.11 2.13
N VAL C 333 5.26 -9.83 2.47
CA VAL C 333 5.11 -9.44 3.89
C VAL C 333 3.85 -10.06 4.46
N ILE C 334 2.77 -9.99 3.71
CA ILE C 334 1.49 -10.60 4.16
C ILE C 334 1.64 -12.11 4.27
N LYS C 335 2.22 -12.73 3.26
CA LYS C 335 2.33 -14.20 3.20
C LYS C 335 3.10 -14.74 4.40
N THR C 336 4.24 -14.12 4.69
CA THR C 336 5.16 -14.64 5.73
C THR C 336 4.73 -14.27 7.14
N HIS C 337 3.74 -13.40 7.27
CA HIS C 337 3.31 -12.94 8.62
C HIS C 337 2.74 -14.14 9.39
N LYS C 338 3.10 -14.22 10.65
CA LYS C 338 2.63 -15.34 11.52
C LYS C 338 1.93 -14.77 12.71
N ASP C 339 1.14 -15.62 13.36
CA ASP C 339 0.38 -15.21 14.55
C ASP C 339 1.31 -14.77 15.66
N SER C 340 2.49 -15.39 15.72
CA SER C 340 3.46 -15.09 16.79
C SER C 340 3.95 -13.65 16.70
N ASP C 341 3.86 -13.07 15.50
CA ASP C 341 4.31 -11.67 15.25
C ASP C 341 3.36 -10.63 15.82
N VAL C 342 2.10 -10.98 16.09
CA VAL C 342 1.08 -10.01 16.53
C VAL C 342 1.42 -9.51 17.93
N VAL C 343 1.33 -8.20 18.12
CA VAL C 343 1.48 -7.61 19.47
C VAL C 343 0.22 -6.83 19.76
N PRO C 344 -0.63 -7.36 20.65
CA PRO C 344 -1.83 -6.63 21.09
C PRO C 344 -1.47 -5.36 21.84
N PHE C 345 -2.37 -4.40 21.80
CA PHE C 345 -2.10 -3.09 22.42
C PHE C 345 -1.80 -3.24 23.91
N ARG C 346 -0.79 -2.48 24.38
CA ARG C 346 -0.26 -2.54 25.74
C ARG C 346 -1.33 -2.02 26.69
N GLU C 347 -1.96 -0.94 26.34
CA GLU C 347 -2.90 -0.26 27.25
C GLU C 347 -4.14 0.16 26.49
N THR C 348 -5.22 0.32 27.25
CA THR C 348 -6.49 0.80 26.71
C THR C 348 -6.47 2.31 26.62
N PRO C 349 -7.31 2.89 25.73
CA PRO C 349 -7.40 4.31 25.54
C PRO C 349 -7.92 5.05 26.75
N SER C 350 -7.48 6.29 26.82
CA SER C 350 -7.95 7.27 27.83
C SER C 350 -8.82 8.32 27.16
N TYR C 351 -9.89 8.71 27.83
CA TYR C 351 -10.90 9.58 27.25
C TYR C 351 -11.09 10.86 28.04
N ALA C 352 -11.68 11.83 27.37
CA ALA C 352 -12.00 13.14 27.99
C ALA C 352 -13.03 12.93 29.12
N LYS C 353 -12.90 13.71 30.20
CA LYS C 353 -13.79 13.66 31.40
C LYS C 353 -15.25 13.89 30.98
N ARG C 354 -15.50 14.90 30.15
CA ARG C 354 -16.87 15.28 29.71
C ARG C 354 -17.56 14.02 29.18
N PHE D 6 15.22 21.66 58.26
CA PHE D 6 15.83 21.72 56.90
C PHE D 6 16.14 20.31 56.39
N ALA D 7 17.31 20.13 55.77
CA ALA D 7 17.72 18.95 55.01
C ALA D 7 18.55 18.02 55.90
N VAL D 8 18.97 16.87 55.39
CA VAL D 8 19.64 15.79 56.18
C VAL D 8 20.91 15.31 55.48
N VAL D 9 21.79 14.69 56.25
CA VAL D 9 23.13 14.28 55.80
C VAL D 9 23.00 13.03 54.93
N VAL D 10 23.56 13.07 53.75
CA VAL D 10 23.53 11.95 52.77
C VAL D 10 24.95 11.77 52.27
N ARG D 11 25.36 10.54 52.08
CA ARG D 11 26.63 10.17 51.41
C ARG D 11 26.33 10.07 49.90
N VAL D 12 27.07 10.86 49.12
CA VAL D 12 26.88 10.86 47.65
C VAL D 12 28.18 10.34 47.08
N GLY D 13 28.02 9.26 46.32
CA GLY D 13 29.15 8.64 45.62
C GLY D 13 29.29 9.16 44.22
N ILE D 14 30.51 9.52 43.80
CA ILE D 14 30.74 9.96 42.40
C ILE D 14 31.73 9.01 41.75
N PRO D 15 31.23 7.94 41.13
CA PRO D 15 32.09 6.91 40.56
C PRO D 15 33.09 7.40 39.51
N ASP D 16 32.72 8.40 38.75
CA ASP D 16 33.61 8.94 37.70
C ASP D 16 34.78 9.66 38.34
N LEU D 17 34.59 10.19 39.54
CA LEU D 17 35.67 10.91 40.25
C LEU D 17 36.37 10.03 41.27
N GLN D 18 35.82 8.83 41.52
CA GLN D 18 36.36 7.95 42.59
C GLN D 18 36.33 8.71 43.91
N GLN D 19 35.22 9.38 44.19
CA GLN D 19 35.11 10.24 45.37
C GLN D 19 33.76 10.02 46.03
N THR D 20 33.69 10.19 47.33
CA THR D 20 32.38 10.20 48.02
C THR D 20 32.34 11.44 48.89
N LYS D 21 31.23 12.15 48.85
CA LYS D 21 31.10 13.37 49.68
C LYS D 21 29.82 13.35 50.50
N CYS D 22 29.92 13.79 51.75
CA CYS D 22 28.76 13.79 52.68
C CYS D 22 28.25 15.21 52.76
N LEU D 23 27.01 15.44 52.38
CA LEU D 23 26.44 16.82 52.45
C LEU D 23 24.99 16.75 52.93
N ARG D 24 24.56 17.89 53.40
CA ARG D 24 23.16 18.12 53.82
C ARG D 24 22.33 18.41 52.59
N LEU D 25 21.32 17.59 52.34
CA LEU D 25 20.33 17.81 51.27
C LEU D 25 18.97 18.02 51.88
N ASP D 26 18.15 18.84 51.19
CA ASP D 26 16.79 19.21 51.64
C ASP D 26 15.80 18.31 50.92
N PRO D 27 15.14 17.37 51.64
CA PRO D 27 14.21 16.43 51.01
C PRO D 27 12.87 17.05 50.63
N THR D 28 12.56 18.20 51.19
CA THR D 28 11.32 18.93 50.89
C THR D 28 11.58 20.01 49.86
N ALA D 29 12.48 19.74 48.93
CA ALA D 29 12.81 20.60 47.78
C ALA D 29 13.00 19.70 46.56
N PRO D 30 12.90 20.28 45.34
CA PRO D 30 13.05 19.48 44.12
C PRO D 30 14.42 18.82 44.04
N VAL D 31 14.45 17.69 43.35
CA VAL D 31 15.72 16.97 43.14
C VAL D 31 16.73 17.88 42.48
N TRP D 32 16.26 18.76 41.59
CA TRP D 32 17.13 19.74 40.92
C TRP D 32 17.94 20.54 41.94
N ALA D 33 17.28 20.89 43.04
CA ALA D 33 17.90 21.71 44.09
C ALA D 33 19.01 20.95 44.79
N ALA D 34 18.76 19.67 45.07
CA ALA D 34 19.79 18.79 45.66
C ALA D 34 20.94 18.64 44.69
N LYS D 35 20.64 18.49 43.41
CA LYS D 35 21.70 18.34 42.39
C LYS D 35 22.59 19.57 42.40
N GLN D 36 21.97 20.75 42.50
CA GLN D 36 22.73 22.02 42.51
C GLN D 36 23.71 22.01 43.68
N ARG D 37 23.24 21.57 44.84
CA ARG D 37 24.09 21.56 46.05
C ARG D 37 25.28 20.64 45.82
N VAL D 38 25.04 19.49 45.18
CA VAL D 38 26.15 18.55 44.94
C VAL D 38 27.13 19.19 43.99
N LEU D 39 26.61 19.76 42.91
CA LEU D 39 27.50 20.34 41.88
C LEU D 39 28.42 21.38 42.52
N CYS D 40 27.87 22.25 43.38
CA CYS D 40 28.69 23.30 44.04
C CYS D 40 29.86 22.69 44.81
N LYS D 41 29.65 21.60 45.56
CA LYS D 41 30.79 20.92 46.23
C LYS D 41 31.82 20.48 45.19
N LEU D 42 31.36 20.23 43.97
CA LEU D 42 32.22 19.61 42.94
C LEU D 42 33.21 20.57 42.29
N ASN D 43 32.97 21.86 42.31
CA ASN D 43 33.90 22.89 41.80
C ASN D 43 34.40 22.57 40.39
N HIS D 44 33.46 22.21 39.53
CA HIS D 44 33.67 21.97 38.08
C HIS D 44 34.53 20.73 37.80
N SER D 45 34.55 19.77 38.72
CA SER D 45 35.38 18.56 38.49
C SER D 45 34.95 17.82 37.20
N LEU D 46 33.64 17.75 36.98
CA LEU D 46 33.00 16.90 35.97
C LEU D 46 32.99 17.63 34.62
N GLN D 47 33.08 16.87 33.55
CA GLN D 47 32.74 17.34 32.18
C GLN D 47 31.22 17.27 31.99
N ASP D 48 30.64 18.27 31.31
CA ASP D 48 29.21 18.23 30.93
C ASP D 48 28.36 17.94 32.16
N ALA D 49 28.61 18.70 33.21
CA ALA D 49 28.12 18.37 34.57
C ALA D 49 26.60 18.39 34.65
N LEU D 50 25.95 19.21 33.82
CA LEU D 50 24.48 19.31 33.85
C LEU D 50 23.81 17.96 33.53
N ASN D 51 24.51 17.09 32.81
CA ASN D 51 23.93 15.81 32.44
C ASN D 51 24.17 14.74 33.47
N TYR D 52 24.95 15.03 34.50
CA TYR D 52 24.98 14.11 35.64
C TYR D 52 23.65 14.19 36.39
N GLY D 53 23.25 13.07 36.97
CA GLY D 53 22.03 13.03 37.77
C GLY D 53 22.22 12.19 38.99
N LEU D 54 21.45 12.48 40.03
CA LEU D 54 21.42 11.63 41.22
C LEU D 54 20.87 10.26 40.84
N PHE D 55 21.45 9.22 41.46
CA PHE D 55 21.28 7.84 40.97
C PHE D 55 20.98 6.93 42.15
N GLN D 56 19.90 6.16 42.04
CA GLN D 56 19.58 5.21 43.12
C GLN D 56 20.21 3.88 42.76
N PRO D 57 21.18 3.39 43.56
CA PRO D 57 21.83 2.12 43.29
C PRO D 57 20.82 0.98 43.37
N PRO D 58 20.97 -0.08 42.57
CA PRO D 58 20.04 -1.21 42.60
C PRO D 58 19.92 -1.76 44.03
N SER D 59 18.70 -1.89 44.54
CA SER D 59 18.43 -2.45 45.88
C SER D 59 17.73 -3.80 45.73
N ARG D 60 17.58 -4.53 46.84
CA ARG D 60 16.83 -5.82 46.88
C ARG D 60 15.42 -5.56 46.35
N GLY D 61 15.01 -6.32 45.33
CA GLY D 61 13.68 -6.22 44.69
C GLY D 61 13.52 -4.92 43.92
N ARG D 62 14.64 -4.30 43.55
CA ARG D 62 14.64 -3.05 42.75
C ARG D 62 15.81 -3.07 41.77
N ALA D 63 15.69 -2.31 40.68
CA ALA D 63 16.76 -2.04 39.69
C ALA D 63 17.19 -0.58 39.83
N GLY D 64 18.35 -0.23 39.27
CA GLY D 64 18.93 1.13 39.36
C GLY D 64 18.10 2.12 38.62
N LYS D 65 17.86 3.30 39.19
CA LYS D 65 17.03 4.27 38.46
C LYS D 65 17.50 5.68 38.75
N PHE D 66 17.50 6.52 37.72
CA PHE D 66 17.78 7.94 37.93
C PHE D 66 16.58 8.60 38.59
N LEU D 67 16.87 9.48 39.53
CA LEU D 67 15.86 10.34 40.16
C LEU D 67 15.34 11.31 39.11
N ASP D 68 14.07 11.63 39.19
CA ASP D 68 13.43 12.74 38.46
C ASP D 68 13.91 14.06 39.06
N GLU D 69 14.39 14.90 38.19
CA GLU D 69 14.83 16.29 38.57
C GLU D 69 13.71 17.14 39.16
N GLU D 70 12.54 17.08 38.57
CA GLU D 70 11.42 17.95 39.00
C GLU D 70 10.63 17.39 40.19
N ARG D 71 10.76 16.10 40.40
CA ARG D 71 10.15 15.44 41.58
C ARG D 71 10.92 15.83 42.85
N LEU D 72 10.20 15.89 43.96
CA LEU D 72 10.86 16.27 45.21
C LEU D 72 11.78 15.16 45.67
N LEU D 73 12.85 15.56 46.35
CA LEU D 73 13.88 14.59 46.78
C LEU D 73 13.29 13.60 47.76
N GLN D 74 12.33 14.01 48.55
CA GLN D 74 11.74 13.19 49.63
C GLN D 74 10.99 12.00 49.03
N ASP D 75 10.64 12.10 47.74
CA ASP D 75 9.74 11.14 47.06
C ASP D 75 10.41 9.77 46.99
N TYR D 76 11.73 9.73 46.88
CA TYR D 76 12.51 8.48 46.85
C TYR D 76 12.99 8.15 48.24
N PRO D 77 12.35 7.21 48.97
CA PRO D 77 12.78 6.89 50.33
C PRO D 77 14.17 6.27 50.24
N PRO D 78 15.12 6.68 51.12
CA PRO D 78 16.48 6.14 51.08
C PRO D 78 16.54 4.73 51.69
N ASN D 79 17.50 3.93 51.23
CA ASN D 79 17.78 2.58 51.77
C ASN D 79 18.11 2.72 53.26
N LEU D 80 17.53 1.87 54.09
CA LEU D 80 17.77 1.88 55.55
C LEU D 80 18.92 0.92 55.89
N ASP D 81 19.48 0.22 54.89
CA ASP D 81 20.64 -0.68 55.09
C ASP D 81 21.83 0.12 55.63
N THR D 82 22.06 1.31 55.08
CA THR D 82 23.21 2.16 55.51
C THR D 82 22.72 3.17 56.54
N PRO D 83 23.53 3.45 57.58
CA PRO D 83 23.16 4.43 58.61
C PRO D 83 23.02 5.83 58.02
N LEU D 84 23.87 6.15 57.05
CA LEU D 84 23.75 7.42 56.29
C LEU D 84 23.20 7.08 54.92
N PRO D 85 22.17 7.81 54.45
CA PRO D 85 21.54 7.47 53.18
C PRO D 85 22.55 7.56 52.04
N TYR D 86 22.41 6.71 51.02
CA TYR D 86 23.47 6.64 49.99
C TYR D 86 22.89 6.86 48.60
N LEU D 87 23.42 7.86 47.91
CA LEU D 87 23.04 8.14 46.51
C LEU D 87 24.30 8.18 45.69
N GLU D 88 24.17 8.06 44.37
CA GLU D 88 25.31 8.25 43.46
C GLU D 88 24.98 9.35 42.47
N PHE D 89 26.04 9.93 41.89
CA PHE D 89 25.98 10.98 40.89
C PHE D 89 26.59 10.36 39.65
N ARG D 90 25.76 10.12 38.64
CA ARG D 90 26.20 9.40 37.44
C ARG D 90 25.81 10.17 36.19
N TYR D 91 26.57 10.03 35.14
CA TYR D 91 26.22 10.61 33.84
C TYR D 91 24.98 9.93 33.28
N LYS D 92 24.15 10.68 32.57
CA LYS D 92 22.88 10.13 32.05
C LYS D 92 23.18 9.38 30.75
N ARG D 93 23.41 8.09 30.95
CA ARG D 93 23.67 7.13 29.85
C ARG D 93 22.45 6.23 29.68
N ARG D 94 22.30 5.62 28.51
CA ARG D 94 21.13 4.77 28.28
C ARG D 94 21.12 3.67 29.33
N VAL D 95 19.93 3.41 29.91
CA VAL D 95 19.80 2.26 30.83
C VAL D 95 19.43 1.04 30.01
N TYR D 96 20.39 0.13 29.85
CA TYR D 96 20.18 -1.18 29.23
C TYR D 96 19.74 -2.07 30.38
N ALA D 97 18.51 -2.57 30.34
CA ALA D 97 17.95 -3.47 31.37
C ALA D 97 18.05 -4.89 30.83
N GLN D 98 18.61 -5.80 31.64
CA GLN D 98 18.74 -7.26 31.37
C GLN D 98 19.80 -7.53 30.29
N ASN D 99 19.63 -6.99 29.08
CA ASN D 99 20.49 -7.31 27.90
C ASN D 99 21.93 -6.90 28.21
N LEU D 100 22.89 -7.76 27.83
CA LEU D 100 24.34 -7.47 27.99
C LEU D 100 25.01 -7.48 26.63
N ILE D 101 25.12 -6.30 26.00
CA ILE D 101 25.87 -6.10 24.72
C ILE D 101 27.36 -6.29 25.04
N ASP D 102 28.12 -6.88 24.11
CA ASP D 102 29.59 -7.10 24.29
C ASP D 102 30.27 -5.73 24.41
N ASP D 103 31.22 -5.60 25.34
CA ASP D 103 32.03 -4.36 25.54
C ASP D 103 32.66 -3.94 24.20
N LYS D 104 33.25 -4.89 23.48
CA LYS D 104 33.89 -4.63 22.17
C LYS D 104 32.79 -4.25 21.16
N GLN D 105 31.66 -4.94 21.21
CA GLN D 105 30.52 -4.72 20.28
C GLN D 105 29.95 -3.33 20.53
N PHE D 106 29.82 -2.94 21.81
CA PHE D 106 29.25 -1.63 22.21
C PHE D 106 30.16 -0.53 21.65
N ALA D 107 31.48 -0.72 21.72
CA ALA D 107 32.49 0.24 21.24
C ALA D 107 32.32 0.49 19.73
N LYS D 108 32.05 -0.57 18.96
CA LYS D 108 31.90 -0.50 17.48
C LYS D 108 30.66 0.36 17.16
N LEU D 109 29.62 0.24 17.98
CA LEU D 109 28.33 0.96 17.83
C LEU D 109 28.54 2.47 18.01
N HIS D 110 29.43 2.89 18.91
CA HIS D 110 29.53 4.31 19.35
C HIS D 110 30.79 5.00 18.81
N THR D 111 31.30 4.56 17.67
CA THR D 111 32.47 5.23 17.03
C THR D 111 32.02 6.61 16.57
N LYS D 112 32.96 7.53 16.45
CA LYS D 112 32.67 8.91 15.96
C LYS D 112 31.86 8.84 14.65
N ALA D 113 32.31 8.03 13.71
CA ALA D 113 31.64 7.87 12.39
C ALA D 113 30.21 7.39 12.57
N ASN D 114 30.03 6.41 13.44
CA ASN D 114 28.70 5.78 13.62
C ASN D 114 27.77 6.73 14.35
N LEU D 115 28.30 7.51 15.29
CA LEU D 115 27.46 8.52 15.97
C LEU D 115 27.07 9.62 14.98
N LYS D 116 27.98 9.97 14.08
CA LYS D 116 27.64 10.97 13.04
C LYS D 116 26.57 10.40 12.10
N LYS D 117 26.76 9.16 11.68
CA LYS D 117 25.75 8.48 10.84
C LYS D 117 24.39 8.48 11.52
N PHE D 118 24.38 8.23 12.83
CA PHE D 118 23.13 8.19 13.61
C PHE D 118 22.46 9.55 13.56
N MET D 119 23.20 10.62 13.85
CA MET D 119 22.62 11.99 13.73
C MET D 119 22.11 12.25 12.32
N ASP D 120 22.78 11.79 11.29
CA ASP D 120 22.26 11.96 9.90
C ASP D 120 20.92 11.26 9.71
N TYR D 121 20.80 10.05 10.24
CA TYR D 121 19.49 9.33 10.20
C TYR D 121 18.42 10.16 10.88
N VAL D 122 18.73 10.72 12.04
CA VAL D 122 17.73 11.56 12.74
C VAL D 122 17.35 12.75 11.85
N GLN D 123 18.37 13.43 11.32
CA GLN D 123 18.29 14.59 10.42
C GLN D 123 17.34 14.28 9.25
N LEU D 124 17.53 13.12 8.64
CA LEU D 124 16.79 12.68 7.43
C LEU D 124 15.44 12.07 7.78
N HIS D 125 15.15 11.97 9.09
CA HIS D 125 13.87 11.41 9.60
C HIS D 125 13.73 9.95 9.20
N SER D 126 14.85 9.23 9.21
CA SER D 126 14.86 7.80 8.87
C SER D 126 14.54 6.99 10.12
N THR D 127 13.28 7.03 10.52
CA THR D 127 12.88 6.48 11.84
C THR D 127 13.21 5.00 11.96
N ASP D 128 12.96 4.25 10.91
CA ASP D 128 13.21 2.79 10.92
C ASP D 128 14.68 2.48 11.11
N LYS D 129 15.56 3.28 10.50
CA LYS D 129 17.01 3.02 10.60
C LYS D 129 17.50 3.42 11.98
N VAL D 130 16.95 4.50 12.52
CA VAL D 130 17.24 4.96 13.91
C VAL D 130 16.77 3.88 14.86
N ALA D 131 15.57 3.36 14.68
CA ALA D 131 15.01 2.34 15.58
C ALA D 131 15.87 1.08 15.60
N ARG D 132 16.32 0.64 14.44
CA ARG D 132 17.12 -0.61 14.36
C ARG D 132 18.42 -0.43 15.14
N LEU D 133 19.05 0.74 15.00
CA LEU D 133 20.33 1.00 15.71
C LEU D 133 20.07 1.07 17.21
N LEU D 134 18.99 1.70 17.64
CA LEU D 134 18.64 1.71 19.07
C LEU D 134 18.42 0.29 19.60
N ASP D 135 17.73 -0.53 18.82
CA ASP D 135 17.46 -1.93 19.23
C ASP D 135 18.77 -2.70 19.40
N LYS D 136 19.76 -2.36 18.60
CA LYS D 136 21.09 -3.00 18.70
C LYS D 136 21.89 -2.50 19.90
N GLY D 137 21.46 -1.41 20.55
CA GLY D 137 22.00 -1.05 21.87
C GLY D 137 22.68 0.32 21.91
N LEU D 138 22.56 1.08 20.85
CA LEU D 138 23.16 2.42 20.79
C LEU D 138 22.54 3.29 21.87
N ASP D 139 23.41 4.06 22.50
CA ASP D 139 23.05 5.07 23.52
C ASP D 139 22.82 6.38 22.81
N PRO D 140 21.56 6.86 22.77
CA PRO D 140 21.19 8.13 22.14
C PRO D 140 21.47 9.37 23.00
N ASN D 141 22.01 9.16 24.18
CA ASN D 141 22.38 10.25 25.12
C ASN D 141 23.79 10.71 24.81
N PHE D 142 23.95 11.45 23.71
CA PHE D 142 25.27 11.98 23.32
C PHE D 142 25.08 13.26 22.55
N HIS D 143 26.18 13.97 22.33
CA HIS D 143 26.18 15.24 21.56
C HIS D 143 26.87 15.08 20.23
N ASP D 144 26.25 15.66 19.20
CA ASP D 144 26.93 15.80 17.92
C ASP D 144 28.08 16.76 18.12
N PRO D 145 29.31 16.46 17.64
CA PRO D 145 30.41 17.40 17.83
C PRO D 145 30.20 18.80 17.22
N ASP D 146 29.64 18.84 16.03
CA ASP D 146 29.46 20.09 15.26
C ASP D 146 28.26 20.87 15.78
N SER D 147 27.13 20.19 15.90
CA SER D 147 25.81 20.79 16.21
C SER D 147 25.65 21.16 17.69
N GLY D 148 26.25 20.37 18.56
CA GLY D 148 26.07 20.48 20.00
C GLY D 148 24.74 19.96 20.48
N GLU D 149 24.05 19.23 19.62
CA GLU D 149 22.66 18.77 19.87
C GLU D 149 22.65 17.26 20.13
N CYS D 150 21.70 16.82 20.94
CA CYS D 150 21.54 15.38 21.15
C CYS D 150 20.48 14.88 20.19
N PRO D 151 20.36 13.57 19.95
CA PRO D 151 19.31 13.08 19.05
C PRO D 151 17.91 13.59 19.37
N LEU D 152 17.56 13.56 20.65
CA LEU D 152 16.21 14.00 21.06
C LEU D 152 16.00 15.49 20.80
N SER D 153 16.98 16.31 21.14
CA SER D 153 16.85 17.78 20.99
C SER D 153 16.79 18.14 19.51
N LEU D 154 17.55 17.43 18.68
CA LEU D 154 17.48 17.66 17.23
C LEU D 154 16.14 17.23 16.68
N ALA D 155 15.66 16.05 17.05
CA ALA D 155 14.36 15.54 16.58
C ALA D 155 13.26 16.52 16.93
N ALA D 156 13.38 17.16 18.10
CA ALA D 156 12.34 18.06 18.61
C ALA D 156 12.07 19.27 17.72
N GLN D 157 13.09 19.67 16.98
CA GLN D 157 13.00 20.82 16.06
C GLN D 157 12.38 20.46 14.70
N LEU D 158 12.54 19.21 14.28
CA LEU D 158 12.12 18.81 12.92
C LEU D 158 10.61 18.55 12.86
N ASP D 159 10.10 18.72 11.66
CA ASP D 159 8.64 18.61 11.42
C ASP D 159 8.17 17.17 11.64
N ASN D 160 6.98 17.05 12.21
CA ASN D 160 6.30 15.73 12.36
C ASN D 160 7.22 14.76 13.10
N ALA D 161 7.72 15.25 14.22
CA ALA D 161 8.76 14.55 15.00
C ALA D 161 8.18 13.49 15.92
N THR D 162 6.88 13.31 16.01
CA THR D 162 6.31 12.42 17.05
C THR D 162 6.87 11.01 16.93
N ASP D 163 6.99 10.49 15.73
CA ASP D 163 7.49 9.10 15.56
C ASP D 163 8.92 9.00 16.06
N LEU D 164 9.76 9.94 15.65
CA LEU D 164 11.18 9.95 16.10
C LEU D 164 11.28 10.06 17.62
N LEU D 165 10.49 10.96 18.19
CA LEU D 165 10.56 11.20 19.65
C LEU D 165 10.17 9.95 20.41
N LYS D 166 9.09 9.30 19.98
CA LYS D 166 8.64 8.05 20.65
C LYS D 166 9.69 6.96 20.49
N VAL D 167 10.22 6.80 19.28
CA VAL D 167 11.25 5.76 19.03
C VAL D 167 12.49 6.01 19.88
N LEU D 168 12.92 7.26 19.96
CA LEU D 168 14.13 7.62 20.73
C LEU D 168 13.89 7.36 22.22
N ARG D 169 12.73 7.74 22.72
CA ARG D 169 12.42 7.49 24.14
C ARG D 169 12.34 6.00 24.45
N ASN D 170 11.74 5.21 23.56
CA ASN D 170 11.74 3.72 23.68
C ASN D 170 13.17 3.16 23.71
N GLY D 171 14.06 3.83 22.98
CA GLY D 171 15.48 3.52 22.81
C GLY D 171 16.28 3.89 24.01
N GLY D 172 15.71 4.48 25.04
CA GLY D 172 16.48 4.91 26.22
C GLY D 172 16.94 6.35 26.23
N ALA D 173 16.45 7.19 25.32
CA ALA D 173 16.84 8.62 25.36
C ALA D 173 16.20 9.31 26.57
N HIS D 174 17.01 9.95 27.38
CA HIS D 174 16.50 10.66 28.57
C HIS D 174 15.77 11.92 28.12
N LEU D 175 14.60 12.15 28.68
CA LEU D 175 13.77 13.31 28.28
C LEU D 175 14.40 14.63 28.70
N ASP D 176 15.24 14.60 29.74
CA ASP D 176 15.85 15.82 30.28
C ASP D 176 17.31 15.93 29.86
N PHE D 177 17.78 15.08 28.98
CA PHE D 177 19.18 15.22 28.51
C PHE D 177 19.28 16.58 27.88
N ARG D 178 20.24 17.36 28.34
CA ARG D 178 20.49 18.73 27.85
C ARG D 178 21.52 18.73 26.76
N THR D 179 21.47 19.77 25.95
CA THR D 179 22.44 19.97 24.85
C THR D 179 23.68 20.62 25.41
N ARG D 180 24.69 20.79 24.57
CA ARG D 180 25.97 21.38 25.03
C ARG D 180 25.71 22.76 25.62
N ASP D 181 24.66 23.45 25.13
CA ASP D 181 24.31 24.82 25.61
C ASP D 181 23.42 24.78 26.83
N GLY D 182 23.05 23.60 27.30
CA GLY D 182 22.20 23.48 28.52
C GLY D 182 20.71 23.47 28.28
N LEU D 183 20.26 23.27 27.05
CA LEU D 183 18.81 23.26 26.74
C LEU D 183 18.30 21.83 26.69
N THR D 184 17.12 21.60 27.24
CA THR D 184 16.45 20.29 27.09
C THR D 184 15.70 20.26 25.79
N ALA D 185 15.29 19.05 25.39
CA ALA D 185 14.45 18.87 24.19
C ALA D 185 13.18 19.72 24.26
N VAL D 186 12.65 19.87 25.47
CA VAL D 186 11.41 20.68 25.69
C VAL D 186 11.69 22.13 25.35
N HIS D 187 12.82 22.66 25.80
CA HIS D 187 13.25 24.03 25.42
C HIS D 187 13.30 24.14 23.90
N CYS D 188 13.89 23.15 23.23
CA CYS D 188 14.14 23.27 21.78
C CYS D 188 12.83 23.26 21.00
N ALA D 189 11.90 22.39 21.36
CA ALA D 189 10.58 22.37 20.71
C ALA D 189 9.86 23.69 20.94
N THR D 190 9.95 24.20 22.16
CA THR D 190 9.27 25.47 22.51
C THR D 190 9.86 26.61 21.69
N ARG D 191 11.19 26.70 21.65
CA ARG D 191 11.88 27.79 20.92
C ARG D 191 11.55 27.77 19.43
N GLN D 192 11.38 26.57 18.87
CA GLN D 192 11.06 26.44 17.44
C GLN D 192 9.56 26.57 17.19
N ARG D 193 8.77 26.69 18.24
CA ARG D 193 7.28 26.73 18.14
C ARG D 193 6.82 25.48 17.39
N ASN D 194 7.40 24.35 17.77
CA ASN D 194 7.02 23.02 17.26
C ASN D 194 5.99 22.43 18.20
N ALA D 195 4.71 22.68 17.95
CA ALA D 195 3.65 22.26 18.88
C ALA D 195 3.54 20.75 18.93
N GLY D 196 3.68 20.10 17.78
CA GLY D 196 3.61 18.63 17.70
C GLY D 196 4.66 17.98 18.56
N ALA D 197 5.90 18.48 18.45
CA ALA D 197 7.03 17.88 19.20
C ALA D 197 6.83 18.14 20.68
N LEU D 198 6.43 19.36 21.02
CA LEU D 198 6.22 19.71 22.43
C LEU D 198 5.15 18.81 23.04
N THR D 199 4.02 18.65 22.34
CA THR D 199 2.93 17.84 22.90
C THR D 199 3.40 16.41 23.12
N THR D 200 4.16 15.86 22.20
CA THR D 200 4.61 14.46 22.34
C THR D 200 5.58 14.35 23.51
N LEU D 201 6.49 15.31 23.65
CA LEU D 201 7.44 15.27 24.79
C LEU D 201 6.66 15.27 26.10
N LEU D 202 5.68 16.14 26.22
CA LEU D 202 4.85 16.18 27.44
C LEU D 202 4.06 14.89 27.63
N ASP D 203 3.51 14.35 26.54
CA ASP D 203 2.81 13.05 26.58
C ASP D 203 3.73 11.93 27.07
N LEU D 204 5.00 12.00 26.70
CA LEU D 204 5.99 10.98 27.13
C LEU D 204 6.40 11.13 28.60
N GLY D 205 5.92 12.18 29.25
CA GLY D 205 6.17 12.42 30.67
C GLY D 205 7.24 13.45 30.94
N ALA D 206 7.70 14.17 29.94
CA ALA D 206 8.67 15.25 30.16
C ALA D 206 8.06 16.37 30.99
N SER D 207 8.78 16.83 31.99
CA SER D 207 8.34 18.00 32.77
C SER D 207 8.41 19.26 31.90
N PRO D 208 7.38 20.12 32.01
CA PRO D 208 7.45 21.44 31.37
C PRO D 208 8.26 22.48 32.14
N ASP D 209 8.81 22.07 33.29
CA ASP D 209 9.53 23.00 34.19
C ASP D 209 11.04 22.81 34.12
N TYR D 210 11.57 22.06 33.16
CA TYR D 210 13.03 21.86 33.09
C TYR D 210 13.78 23.18 33.02
N LYS D 211 14.86 23.29 33.78
CA LYS D 211 15.66 24.54 33.84
C LYS D 211 16.94 24.36 33.02
N ASP D 212 17.39 25.45 32.43
CA ASP D 212 18.61 25.45 31.59
C ASP D 212 19.81 25.83 32.43
N SER D 213 20.90 26.26 31.78
CA SER D 213 22.10 26.71 32.51
C SER D 213 21.80 27.92 33.39
N ARG D 214 20.96 28.82 32.88
CA ARG D 214 20.65 30.09 33.56
C ARG D 214 19.44 29.94 34.49
N GLY D 215 18.83 28.77 34.55
CA GLY D 215 17.74 28.54 35.49
C GLY D 215 16.39 28.90 34.92
N LEU D 216 16.34 29.09 33.58
CA LEU D 216 15.12 29.55 32.89
C LEU D 216 14.37 28.35 32.33
N THR D 217 13.05 28.41 32.43
CA THR D 217 12.14 27.34 31.98
C THR D 217 11.78 27.54 30.51
N PRO D 218 11.23 26.48 29.89
CA PRO D 218 10.75 26.60 28.53
C PRO D 218 9.71 27.72 28.38
N LEU D 219 8.84 27.85 29.37
CA LEU D 219 7.81 28.92 29.36
C LEU D 219 8.47 30.29 29.29
N TYR D 220 9.53 30.48 30.04
CA TYR D 220 10.28 31.75 30.04
C TYR D 220 10.83 32.01 28.65
N HIS D 221 11.42 30.98 28.07
CA HIS D 221 11.98 31.12 26.69
C HIS D 221 10.90 31.51 25.72
N SER D 222 9.68 30.98 25.87
CA SER D 222 8.62 31.26 24.88
C SER D 222 8.25 32.73 24.95
N ALA D 223 8.22 33.27 26.16
CA ALA D 223 7.87 34.68 26.37
C ALA D 223 8.94 35.59 25.78
N LEU D 224 10.19 35.19 25.86
CA LEU D 224 11.30 35.97 25.27
C LEU D 224 11.24 35.92 23.74
N GLY D 225 10.96 34.75 23.21
CA GLY D 225 10.88 34.48 21.76
C GLY D 225 9.70 35.07 21.01
N GLY D 226 8.53 35.12 21.63
CA GLY D 226 7.34 35.60 20.94
C GLY D 226 6.86 34.65 19.86
N GLY D 227 6.16 35.24 18.91
CA GLY D 227 5.65 34.52 17.73
C GLY D 227 4.41 33.73 18.07
N ASP D 228 4.19 32.63 17.38
CA ASP D 228 3.00 31.78 17.63
C ASP D 228 2.95 31.41 19.11
N ALA D 229 1.83 31.72 19.75
CA ALA D 229 1.71 31.56 21.21
C ALA D 229 1.21 30.17 21.57
N ARG D 230 1.07 29.28 20.59
CA ARG D 230 0.50 27.95 20.88
C ARG D 230 1.38 27.21 21.88
N CYS D 231 2.70 27.26 21.72
CA CYS D 231 3.58 26.49 22.60
C CYS D 231 3.49 27.01 24.03
N CYS D 232 3.42 28.33 24.17
CA CYS D 232 3.21 28.95 25.48
C CYS D 232 1.96 28.35 26.13
N GLU D 233 0.86 28.31 25.39
CA GLU D 233 -0.42 27.80 25.92
C GLU D 233 -0.27 26.32 26.27
N LEU D 234 0.42 25.55 25.44
CA LEU D 234 0.57 24.09 25.68
C LEU D 234 1.34 23.85 26.97
N LEU D 235 2.39 24.60 27.20
CA LEU D 235 3.15 24.47 28.47
C LEU D 235 2.25 24.79 29.65
N LEU D 236 1.57 25.91 29.59
CA LEU D 236 0.71 26.35 30.71
C LEU D 236 -0.41 25.35 30.95
N HIS D 237 -0.95 24.77 29.89
CA HIS D 237 -2.02 23.76 29.96
C HIS D 237 -1.52 22.51 30.67
N ASP D 238 -0.23 22.23 30.55
CA ASP D 238 0.36 21.03 31.21
C ASP D 238 0.91 21.40 32.60
N HIS D 239 0.33 22.40 33.25
CA HIS D 239 0.64 22.89 34.62
C HIS D 239 2.05 23.45 34.74
N ALA D 240 2.59 24.02 33.68
CA ALA D 240 3.93 24.67 33.76
C ALA D 240 3.95 25.73 34.86
N GLN D 241 5.05 25.74 35.62
CA GLN D 241 5.23 26.72 36.69
C GLN D 241 5.44 28.11 36.11
N LEU D 242 4.88 29.08 36.80
CA LEU D 242 5.03 30.50 36.44
C LEU D 242 5.93 31.19 37.45
N GLY D 243 6.37 32.38 37.10
CA GLY D 243 7.09 33.26 38.03
C GLY D 243 8.58 33.02 38.06
N THR D 244 9.13 32.37 37.06
CA THR D 244 10.58 32.19 36.93
C THR D 244 11.25 33.56 36.76
N THR D 245 12.37 33.76 37.43
CA THR D 245 13.08 35.06 37.38
C THR D 245 14.44 34.88 36.75
N ASP D 246 14.89 35.93 36.08
CA ASP D 246 16.29 35.98 35.60
C ASP D 246 17.13 36.68 36.66
N GLU D 247 18.35 37.07 36.31
CA GLU D 247 19.28 37.64 37.34
C GLU D 247 18.75 38.98 37.87
N ASN D 248 17.98 39.68 37.04
CA ASN D 248 17.47 41.02 37.37
C ASN D 248 16.03 40.99 37.88
N GLY D 249 15.46 39.79 38.02
CA GLY D 249 14.14 39.66 38.63
C GLY D 249 12.99 39.80 37.66
N TRP D 250 13.27 39.82 36.36
CA TRP D 250 12.18 39.85 35.37
C TRP D 250 11.46 38.51 35.34
N GLN D 251 10.15 38.50 35.45
CA GLN D 251 9.33 37.28 35.29
C GLN D 251 8.83 37.21 33.84
N GLU D 252 8.05 36.19 33.54
CA GLU D 252 7.65 35.98 32.13
C GLU D 252 6.84 37.15 31.62
N ILE D 253 5.95 37.69 32.43
CA ILE D 253 5.13 38.83 31.98
C ILE D 253 5.98 40.07 31.70
N HIS D 254 7.06 40.27 32.47
CA HIS D 254 7.95 41.42 32.20
C HIS D 254 8.54 41.30 30.80
N GLN D 255 9.00 40.11 30.43
CA GLN D 255 9.63 39.91 29.11
C GLN D 255 8.59 40.06 28.01
N ALA D 256 7.43 39.45 28.17
CA ALA D 256 6.37 39.53 27.13
C ALA D 256 6.03 40.99 26.88
N CYS D 257 5.94 41.77 27.96
CA CYS D 257 5.55 43.19 27.82
C CYS D 257 6.63 43.99 27.14
N ARG D 258 7.90 43.78 27.49
CA ARG D 258 8.98 44.58 26.86
C ARG D 258 8.96 44.44 25.34
N PHE D 259 8.67 43.24 24.85
CA PHE D 259 8.76 42.98 23.40
C PHE D 259 7.40 43.02 22.74
N GLY D 260 6.33 43.29 23.47
CA GLY D 260 5.01 43.41 22.85
C GLY D 260 4.43 42.08 22.43
N HIS D 261 4.74 40.99 23.13
CA HIS D 261 4.15 39.68 22.83
C HIS D 261 2.82 39.54 23.54
N VAL D 262 1.81 40.16 22.94
CA VAL D 262 0.51 40.34 23.61
C VAL D 262 -0.23 39.00 23.76
N GLN D 263 -0.09 38.06 22.83
CA GLN D 263 -0.76 36.74 22.94
C GLN D 263 -0.12 35.96 24.10
N HIS D 264 1.20 36.00 24.22
CA HIS D 264 1.89 35.36 25.36
C HIS D 264 1.41 35.99 26.66
N LEU D 265 1.34 37.31 26.70
CA LEU D 265 0.83 37.97 27.92
C LEU D 265 -0.55 37.50 28.32
N GLU D 266 -1.48 37.44 27.38
CA GLU D 266 -2.87 37.04 27.70
C GLU D 266 -2.94 35.61 28.25
N HIS D 267 -2.19 34.69 27.61
CA HIS D 267 -2.14 33.30 28.11
C HIS D 267 -1.61 33.29 29.56
N LEU D 268 -0.50 33.97 29.77
CA LEU D 268 0.16 33.97 31.09
C LEU D 268 -0.79 34.52 32.14
N LEU D 269 -1.45 35.60 31.81
CA LEU D 269 -2.41 36.24 32.75
C LEU D 269 -3.60 35.32 32.97
N PHE D 270 -4.10 34.68 31.93
CA PHE D 270 -5.25 33.76 32.11
C PHE D 270 -4.89 32.65 33.06
N TYR D 271 -3.66 32.17 33.00
CA TYR D 271 -3.24 31.03 33.83
C TYR D 271 -2.73 31.44 35.20
N GLY D 272 -2.90 32.69 35.61
CA GLY D 272 -2.62 33.14 36.96
C GLY D 272 -1.36 33.93 37.17
N ALA D 273 -0.65 34.35 36.14
CA ALA D 273 0.64 35.04 36.36
C ALA D 273 0.43 36.24 37.28
N ASN D 274 1.37 36.42 38.19
CA ASN D 274 1.33 37.50 39.20
C ASN D 274 1.60 38.85 38.55
N MET D 275 0.57 39.67 38.42
CA MET D 275 0.68 40.96 37.72
C MET D 275 1.52 41.95 38.52
N GLY D 276 1.44 41.81 39.85
CA GLY D 276 2.08 42.72 40.81
C GLY D 276 3.53 42.37 41.06
N ALA D 277 4.05 41.32 40.43
CA ALA D 277 5.47 40.98 40.56
C ALA D 277 6.32 42.16 40.10
N GLN D 278 7.36 42.45 40.88
CA GLN D 278 8.29 43.53 40.57
C GLN D 278 9.66 42.93 40.34
N ASN D 279 10.41 43.53 39.43
CA ASN D 279 11.80 43.09 39.18
C ASN D 279 12.74 43.83 40.14
N ALA D 280 14.02 43.81 39.82
CA ALA D 280 15.07 44.36 40.70
C ALA D 280 14.93 45.86 40.90
N SER D 281 14.42 46.54 39.88
CA SER D 281 14.20 48.00 39.90
C SER D 281 12.85 48.34 40.52
N GLY D 282 12.05 47.32 40.85
CA GLY D 282 10.72 47.60 41.40
C GLY D 282 9.70 47.78 40.33
N ASN D 283 10.04 47.55 39.07
CA ASN D 283 9.10 47.74 37.94
C ASN D 283 8.20 46.53 37.83
N THR D 284 6.89 46.78 37.72
CA THR D 284 5.92 45.72 37.40
C THR D 284 5.85 45.61 35.89
N ALA D 285 5.05 44.64 35.44
CA ALA D 285 4.82 44.46 34.01
C ALA D 285 4.31 45.77 33.40
N LEU D 286 3.44 46.47 34.14
CA LEU D 286 2.86 47.72 33.61
C LEU D 286 3.93 48.77 33.41
N HIS D 287 4.85 48.89 34.38
CA HIS D 287 6.01 49.79 34.22
C HIS D 287 6.74 49.44 32.93
N ILE D 288 6.96 48.14 32.71
CA ILE D 288 7.73 47.70 31.52
C ILE D 288 7.01 48.17 30.25
N CYS D 289 5.71 47.99 30.18
CA CYS D 289 4.93 48.55 29.03
C CYS D 289 5.17 50.04 28.88
N ALA D 290 5.18 50.77 30.00
CA ALA D 290 5.30 52.24 29.91
C ALA D 290 6.68 52.63 29.41
N LEU D 291 7.70 51.89 29.86
CA LEU D 291 9.10 52.15 29.44
C LEU D 291 9.31 51.88 27.96
N TYR D 292 8.68 50.86 27.41
CA TYR D 292 8.97 50.42 26.03
C TYR D 292 7.86 50.78 25.06
N ASN D 293 6.88 51.56 25.52
CA ASN D 293 5.76 52.06 24.68
C ASN D 293 4.99 50.89 24.08
N GLN D 294 4.67 49.91 24.92
CA GLN D 294 3.87 48.75 24.46
C GLN D 294 2.45 48.98 24.92
N GLU D 295 1.75 49.88 24.28
CA GLU D 295 0.34 50.19 24.62
C GLU D 295 -0.53 48.94 24.42
N SER D 296 -0.16 48.07 23.49
CA SER D 296 -0.93 46.83 23.17
C SER D 296 -1.10 46.00 24.44
N CYS D 297 0.01 45.78 25.10
CA CYS D 297 0.12 44.96 26.31
C CYS D 297 -0.41 45.73 27.50
N ALA D 298 -0.19 47.03 27.52
CA ALA D 298 -0.59 47.82 28.72
C ALA D 298 -2.10 47.76 28.86
N ARG D 299 -2.80 47.82 27.74
CA ARG D 299 -4.28 47.76 27.78
C ARG D 299 -4.76 46.44 28.35
N VAL D 300 -4.14 45.35 27.99
CA VAL D 300 -4.52 44.01 28.51
C VAL D 300 -4.29 43.97 30.03
N LEU D 301 -3.15 44.48 30.48
CA LEU D 301 -2.86 44.49 31.93
C LEU D 301 -3.93 45.28 32.70
N LEU D 302 -4.21 46.50 32.23
CA LEU D 302 -5.23 47.33 32.91
C LEU D 302 -6.59 46.65 32.87
N TYR D 303 -6.93 46.11 31.72
CA TYR D 303 -8.25 45.47 31.48
C TYR D 303 -8.48 44.32 32.44
N ARG D 304 -7.41 43.62 32.79
CA ARG D 304 -7.50 42.44 33.68
C ARG D 304 -7.28 42.80 35.13
N GLY D 305 -7.07 44.07 35.44
CA GLY D 305 -7.05 44.54 36.82
C GLY D 305 -5.71 44.86 37.40
N ALA D 306 -4.65 45.02 36.60
CA ALA D 306 -3.33 45.36 37.16
C ALA D 306 -3.40 46.69 37.91
N ASN D 307 -2.66 46.79 39.00
CA ASN D 307 -2.69 47.97 39.88
C ASN D 307 -1.75 48.99 39.27
N LYS D 308 -2.30 50.14 38.92
CA LYS D 308 -1.50 51.19 38.27
C LYS D 308 -0.84 52.10 39.31
N ASP D 309 -1.15 51.92 40.59
CA ASP D 309 -0.60 52.81 41.64
C ASP D 309 0.74 52.30 42.16
N VAL D 310 1.17 51.12 41.74
CA VAL D 310 2.41 50.51 42.25
C VAL D 310 3.60 51.40 41.91
N ARG D 311 4.43 51.69 42.90
CA ARG D 311 5.61 52.55 42.65
C ARG D 311 6.83 51.66 42.52
N ASN D 312 7.70 51.94 41.56
CA ASN D 312 8.99 51.23 41.52
C ASN D 312 9.91 51.79 42.59
N TYR D 313 11.10 51.24 42.74
CA TYR D 313 11.93 51.69 43.90
C TYR D 313 12.43 53.10 43.65
N ASN D 314 12.13 53.63 42.47
CA ASN D 314 12.44 55.04 42.12
C ASN D 314 11.29 55.94 42.56
N SER D 315 10.27 55.38 43.25
CA SER D 315 9.03 56.14 43.63
C SER D 315 8.21 56.51 42.39
N GLN D 316 8.33 55.77 41.30
CA GLN D 316 7.60 56.15 40.08
C GLN D 316 6.45 55.20 39.83
N THR D 317 5.31 55.74 39.45
CA THR D 317 4.17 54.95 38.94
C THR D 317 4.42 54.62 37.48
N ALA D 318 3.66 53.68 36.94
CA ALA D 318 3.71 53.36 35.50
C ALA D 318 3.40 54.61 34.67
N PHE D 319 2.38 55.34 35.09
CA PHE D 319 2.00 56.61 34.43
C PHE D 319 3.22 57.52 34.38
N GLN D 320 3.86 57.70 35.51
CA GLN D 320 5.00 58.66 35.59
C GLN D 320 6.13 58.18 34.69
N VAL D 321 6.37 56.88 34.68
CA VAL D 321 7.42 56.31 33.78
C VAL D 321 7.07 56.59 32.33
N ALA D 322 5.81 56.40 31.94
CA ALA D 322 5.39 56.65 30.54
C ALA D 322 5.67 58.10 30.13
N ILE D 323 5.31 59.04 31.01
CA ILE D 323 5.55 60.48 30.73
C ILE D 323 7.03 60.73 30.53
N ILE D 324 7.86 60.19 31.42
CA ILE D 324 9.32 60.46 31.40
C ILE D 324 9.92 59.89 30.13
N ALA D 325 9.37 58.78 29.67
CA ALA D 325 9.83 58.05 28.48
C ALA D 325 9.40 58.78 27.23
N GLY D 326 8.31 59.57 27.30
CA GLY D 326 7.85 60.25 26.07
C GLY D 326 6.69 59.54 25.44
N ASN D 327 6.15 58.53 26.11
CA ASN D 327 4.95 57.83 25.57
C ASN D 327 3.71 58.48 26.14
N PHE D 328 3.36 59.61 25.54
CA PHE D 328 2.26 60.44 26.02
C PHE D 328 0.91 59.77 25.79
N GLU D 329 0.75 59.15 24.62
CA GLU D 329 -0.51 58.46 24.31
C GLU D 329 -0.73 57.32 25.28
N LEU D 330 0.32 56.53 25.50
CA LEU D 330 0.24 55.40 26.46
C LEU D 330 -0.09 55.97 27.85
N ALA D 331 0.57 57.05 28.24
CA ALA D 331 0.36 57.62 29.58
C ALA D 331 -1.10 58.01 29.76
N GLU D 332 -1.71 58.59 28.73
CA GLU D 332 -3.13 59.01 28.85
C GLU D 332 -4.02 57.79 29.02
N VAL D 333 -3.71 56.68 28.38
CA VAL D 333 -4.50 55.43 28.56
C VAL D 333 -4.45 54.99 30.02
N ILE D 334 -3.28 55.05 30.61
CA ILE D 334 -3.12 54.67 32.04
C ILE D 334 -3.88 55.66 32.91
N LYS D 335 -3.71 56.94 32.64
CA LYS D 335 -4.32 57.99 33.49
C LYS D 335 -5.83 57.88 33.52
N THR D 336 -6.41 57.71 32.36
CA THR D 336 -7.85 57.68 32.07
C THR D 336 -8.52 56.44 32.64
N HIS D 337 -7.76 55.36 32.81
CA HIS D 337 -8.34 54.04 33.13
C HIS D 337 -8.99 54.11 34.51
N LYS D 338 -10.14 53.49 34.61
CA LYS D 338 -10.90 53.50 35.88
C LYS D 338 -11.17 52.06 36.30
N ASP D 339 -11.50 51.90 37.57
CA ASP D 339 -11.71 50.55 38.14
C ASP D 339 -12.88 49.86 37.47
N SER D 340 -13.87 50.66 37.07
CA SER D 340 -15.09 50.12 36.44
C SER D 340 -14.77 49.45 35.10
N ASP D 341 -13.65 49.83 34.50
CA ASP D 341 -13.22 49.24 33.20
C ASP D 341 -12.69 47.83 33.32
N VAL D 342 -12.24 47.42 34.49
CA VAL D 342 -11.59 46.09 34.68
C VAL D 342 -12.62 44.99 34.50
N VAL D 343 -12.27 43.96 33.76
CA VAL D 343 -13.12 42.77 33.59
C VAL D 343 -12.31 41.58 34.01
N PRO D 344 -12.59 41.01 35.21
CA PRO D 344 -11.87 39.82 35.68
C PRO D 344 -12.12 38.63 34.78
N PHE D 345 -11.16 37.71 34.76
CA PHE D 345 -11.38 36.52 33.89
C PHE D 345 -12.64 35.78 34.34
N ARG D 346 -13.51 35.40 33.39
CA ARG D 346 -14.84 34.85 33.71
C ARG D 346 -14.65 33.45 34.29
N GLU D 347 -13.75 32.70 33.68
CA GLU D 347 -13.61 31.25 33.92
C GLU D 347 -12.16 30.91 34.24
N THR D 348 -12.01 29.84 34.99
CA THR D 348 -10.71 29.29 35.34
C THR D 348 -10.17 28.46 34.19
N PRO D 349 -8.83 28.32 34.13
CA PRO D 349 -8.16 27.54 33.10
C PRO D 349 -8.50 26.05 33.19
N SER D 350 -8.36 25.44 32.05
CA SER D 350 -8.34 23.96 31.91
C SER D 350 -6.92 23.43 31.86
N TYR D 351 -6.66 22.38 32.62
CA TYR D 351 -5.32 21.76 32.66
C TYR D 351 -5.37 20.31 32.19
N ALA D 352 -4.30 19.86 31.56
CA ALA D 352 -4.16 18.46 31.14
C ALA D 352 -4.13 17.57 32.39
N LYS D 353 -4.69 16.37 32.29
CA LYS D 353 -4.74 15.38 33.41
C LYS D 353 -3.39 14.73 33.69
N ARG D 354 -2.42 14.77 32.76
CA ARG D 354 -1.11 14.07 32.83
C ARG D 354 -0.55 14.15 34.26
N MET E 5 52.72 11.45 -28.17
CA MET E 5 52.87 10.12 -28.81
C MET E 5 53.03 10.29 -30.31
N THR E 6 53.79 9.42 -30.97
CA THR E 6 53.90 9.40 -32.44
C THR E 6 53.35 8.07 -32.97
N GLU E 7 52.65 8.13 -34.09
CA GLU E 7 51.97 6.96 -34.69
C GLU E 7 52.69 6.64 -36.00
N TYR E 8 53.10 5.39 -36.19
CA TYR E 8 53.78 4.96 -37.45
C TYR E 8 52.93 3.92 -38.15
N LYS E 9 52.55 4.16 -39.38
CA LYS E 9 51.67 3.23 -40.14
C LYS E 9 52.60 2.38 -41.00
N LEU E 10 52.70 1.10 -40.70
CA LEU E 10 53.59 0.17 -41.44
C LEU E 10 52.71 -0.79 -42.22
N VAL E 11 53.07 -1.05 -43.47
CA VAL E 11 52.34 -2.01 -44.33
C VAL E 11 53.31 -3.10 -44.74
N VAL E 12 52.94 -4.35 -44.50
CA VAL E 12 53.78 -5.50 -44.89
C VAL E 12 53.31 -5.97 -46.25
N VAL E 13 54.20 -5.88 -47.23
CA VAL E 13 53.86 -6.16 -48.64
C VAL E 13 54.74 -7.30 -49.12
N GLY E 14 54.17 -8.30 -49.78
CA GLY E 14 54.96 -9.42 -50.32
C GLY E 14 54.13 -10.45 -51.02
N ALA E 15 54.79 -11.42 -51.64
CA ALA E 15 54.17 -12.51 -52.40
C ALA E 15 53.46 -13.47 -51.44
N GLY E 16 52.61 -14.34 -51.98
CA GLY E 16 51.91 -15.38 -51.20
C GLY E 16 52.88 -16.33 -50.55
N GLY E 17 52.63 -16.70 -49.30
CA GLY E 17 53.46 -17.62 -48.49
C GLY E 17 54.89 -17.13 -48.28
N VAL E 18 55.11 -15.83 -48.17
CA VAL E 18 56.48 -15.25 -48.05
C VAL E 18 56.85 -15.05 -46.58
N GLY E 19 55.89 -15.21 -45.66
CA GLY E 19 56.12 -15.05 -44.22
C GLY E 19 55.73 -13.69 -43.68
N LYS E 20 54.93 -12.91 -44.41
CA LYS E 20 54.46 -11.59 -43.92
C LYS E 20 53.59 -11.77 -42.68
N SER E 21 52.66 -12.72 -42.70
CA SER E 21 51.78 -12.98 -41.53
C SER E 21 52.62 -13.41 -40.33
N ALA E 22 53.58 -14.33 -40.53
CA ALA E 22 54.40 -14.90 -39.44
C ALA E 22 55.29 -13.82 -38.83
N LEU E 23 55.85 -12.92 -39.65
CA LEU E 23 56.69 -11.79 -39.17
C LEU E 23 55.85 -10.89 -38.26
N THR E 24 54.65 -10.55 -38.71
CA THR E 24 53.77 -9.58 -38.00
C THR E 24 53.36 -10.19 -36.66
N ILE E 25 53.01 -11.47 -36.67
CA ILE E 25 52.58 -12.19 -35.43
C ILE E 25 53.76 -12.23 -34.46
N GLN E 26 54.97 -12.48 -34.94
CA GLN E 26 56.16 -12.57 -34.05
C GLN E 26 56.35 -11.24 -33.34
N LEU E 27 56.27 -10.12 -34.06
CA LEU E 27 56.55 -8.81 -33.44
C LEU E 27 55.48 -8.52 -32.40
N ILE E 28 54.21 -8.75 -32.75
CA ILE E 28 53.05 -8.39 -31.88
C ILE E 28 52.84 -9.45 -30.79
N GLN E 29 52.91 -10.73 -31.13
CA GLN E 29 52.49 -11.84 -30.24
C GLN E 29 53.71 -12.58 -29.66
N ASN E 30 54.89 -12.37 -30.24
CA ASN E 30 56.16 -12.97 -29.75
C ASN E 30 56.03 -14.50 -29.77
N HIS E 31 55.44 -15.05 -30.84
CA HIS E 31 55.18 -16.50 -31.02
C HIS E 31 55.14 -16.85 -32.52
N PHE E 32 55.40 -18.10 -32.87
CA PHE E 32 55.52 -18.55 -34.28
C PHE E 32 54.30 -19.33 -34.78
N VAL E 33 53.74 -18.91 -35.91
CA VAL E 33 52.59 -19.57 -36.60
C VAL E 33 53.08 -20.64 -37.58
N ASP E 34 52.82 -21.91 -37.31
CA ASP E 34 53.32 -23.05 -38.12
C ASP E 34 52.49 -23.22 -39.41
N GLU E 35 51.16 -23.13 -39.34
CA GLU E 35 50.27 -23.48 -40.50
C GLU E 35 50.00 -22.24 -41.36
N TYR E 36 49.74 -22.46 -42.65
CA TYR E 36 49.59 -21.41 -43.70
C TYR E 36 48.10 -21.09 -43.85
N ASP E 37 47.66 -19.98 -43.28
CA ASP E 37 46.29 -19.44 -43.51
C ASP E 37 46.44 -18.14 -44.30
N PRO E 38 46.01 -18.12 -45.57
CA PRO E 38 46.16 -16.94 -46.42
C PRO E 38 45.42 -15.73 -45.87
N THR E 39 46.06 -14.57 -45.91
CA THR E 39 45.52 -13.30 -45.41
C THR E 39 44.73 -12.57 -46.50
N ILE E 40 43.74 -11.80 -46.10
CA ILE E 40 43.03 -10.85 -47.01
C ILE E 40 43.58 -9.47 -46.66
N GLU E 41 43.36 -9.05 -45.41
CA GLU E 41 44.00 -7.86 -44.83
C GLU E 41 43.75 -7.85 -43.32
N ASP E 42 44.82 -7.80 -42.54
CA ASP E 42 44.76 -7.84 -41.06
C ASP E 42 45.51 -6.63 -40.52
N SER E 43 45.00 -6.03 -39.44
CA SER E 43 45.62 -4.84 -38.82
C SER E 43 45.95 -5.15 -37.36
N TYR E 44 47.09 -4.63 -36.90
CA TYR E 44 47.55 -4.79 -35.51
C TYR E 44 48.05 -3.44 -35.02
N ARG E 45 47.93 -3.21 -33.72
CA ARG E 45 48.50 -2.01 -33.06
C ARG E 45 49.30 -2.46 -31.85
N LYS E 46 50.51 -1.96 -31.73
CA LYS E 46 51.36 -2.28 -30.56
C LYS E 46 52.18 -1.06 -30.19
N GLN E 47 52.32 -0.84 -28.89
CA GLN E 47 53.09 0.28 -28.32
C GLN E 47 54.47 -0.23 -27.92
N VAL E 48 55.52 0.40 -28.43
CA VAL E 48 56.92 -0.06 -28.26
C VAL E 48 57.78 1.17 -28.02
N VAL E 49 58.98 0.92 -27.51
CA VAL E 49 60.00 1.98 -27.30
C VAL E 49 61.08 1.77 -28.35
N ILE E 50 61.25 2.72 -29.26
CA ILE E 50 62.32 2.64 -30.28
C ILE E 50 63.23 3.85 -30.09
N ASP E 51 64.51 3.59 -29.84
CA ASP E 51 65.56 4.63 -29.66
C ASP E 51 65.13 5.59 -28.56
N GLY E 52 64.61 5.05 -27.45
CA GLY E 52 64.21 5.81 -26.25
C GLY E 52 63.01 6.73 -26.49
N GLU E 53 62.16 6.40 -27.46
CA GLU E 53 60.86 7.09 -27.67
C GLU E 53 59.76 6.03 -27.71
N THR E 54 58.68 6.27 -26.95
CA THR E 54 57.46 5.44 -26.94
C THR E 54 56.74 5.66 -28.28
N CYS E 55 56.36 4.58 -28.92
CA CYS E 55 55.88 4.55 -30.32
C CYS E 55 54.53 3.84 -30.39
N LEU E 56 53.57 4.34 -31.14
CA LEU E 56 52.46 3.46 -31.60
C LEU E 56 52.82 2.94 -32.97
N LEU E 57 52.83 1.62 -33.13
CA LEU E 57 52.96 0.99 -34.47
C LEU E 57 51.58 0.54 -34.94
N ASP E 58 51.16 1.05 -36.09
CA ASP E 58 49.98 0.54 -36.83
C ASP E 58 50.51 -0.42 -37.88
N ILE E 59 50.35 -1.71 -37.70
CA ILE E 59 50.93 -2.68 -38.68
C ILE E 59 49.81 -3.29 -39.48
N LEU E 60 49.93 -3.25 -40.79
CA LEU E 60 48.94 -3.86 -41.69
C LEU E 60 49.60 -5.02 -42.42
N ASP E 61 49.10 -6.23 -42.20
CA ASP E 61 49.54 -7.44 -42.93
C ASP E 61 48.60 -7.61 -44.11
N THR E 62 49.11 -7.50 -45.34
CA THR E 62 48.31 -7.48 -46.59
C THR E 62 48.26 -8.89 -47.20
N ALA E 63 47.44 -9.08 -48.23
CA ALA E 63 47.29 -10.40 -48.89
C ALA E 63 48.34 -10.59 -49.99
N GLY E 64 49.04 -11.71 -49.95
CA GLY E 64 50.07 -12.06 -50.93
C GLY E 64 49.45 -12.47 -52.27
N GLN E 65 48.23 -13.01 -52.26
CA GLN E 65 47.61 -13.63 -53.45
C GLN E 65 47.13 -12.54 -54.41
N GLU E 66 47.06 -12.93 -55.69
CA GLU E 66 46.53 -12.14 -56.84
C GLU E 66 45.06 -11.75 -56.59
N GLU E 67 44.31 -12.62 -55.92
CA GLU E 67 42.84 -12.48 -55.72
C GLU E 67 42.55 -11.12 -55.06
N TYR E 68 43.31 -10.74 -54.03
CA TYR E 68 43.04 -9.51 -53.25
C TYR E 68 43.95 -8.38 -53.72
N SER E 69 44.19 -8.32 -55.04
CA SER E 69 44.99 -7.26 -55.71
C SER E 69 44.27 -5.91 -55.68
N ALA E 70 42.93 -5.93 -55.62
CA ALA E 70 42.05 -4.74 -55.68
C ALA E 70 42.37 -3.76 -54.55
N MET E 71 42.71 -4.27 -53.35
CA MET E 71 42.84 -3.45 -52.12
C MET E 71 44.17 -2.71 -52.13
N ARG E 72 45.07 -3.04 -53.08
CA ARG E 72 46.46 -2.54 -53.09
C ARG E 72 46.49 -1.01 -53.09
N ASP E 73 45.62 -0.38 -53.89
CA ASP E 73 45.67 1.10 -54.07
C ASP E 73 45.34 1.82 -52.76
N GLN E 74 44.30 1.37 -52.04
CA GLN E 74 43.84 2.04 -50.79
C GLN E 74 44.97 1.94 -49.75
N TYR E 75 45.57 0.75 -49.58
CA TYR E 75 46.53 0.54 -48.47
C TYR E 75 47.86 1.20 -48.80
N MET E 76 48.24 1.26 -50.09
CA MET E 76 49.48 1.94 -50.55
C MET E 76 49.38 3.45 -50.26
N ARG E 77 48.19 4.02 -50.44
CA ARG E 77 47.95 5.47 -50.19
C ARG E 77 48.12 5.78 -48.70
N THR E 78 47.51 4.98 -47.83
CA THR E 78 47.37 5.29 -46.39
C THR E 78 48.69 5.07 -45.65
N GLY E 79 49.45 4.02 -46.01
CA GLY E 79 50.61 3.56 -45.24
C GLY E 79 51.82 4.47 -45.43
N GLU E 80 52.49 4.85 -44.34
CA GLU E 80 53.68 5.75 -44.40
C GLU E 80 54.91 4.98 -44.86
N GLY E 81 55.07 3.74 -44.39
CA GLY E 81 56.24 2.90 -44.69
C GLY E 81 55.82 1.51 -45.12
N PHE E 82 56.67 0.83 -45.88
CA PHE E 82 56.37 -0.51 -46.43
C PHE E 82 57.51 -1.46 -46.13
N LEU E 83 57.17 -2.70 -45.78
CA LEU E 83 58.16 -3.78 -45.60
C LEU E 83 57.98 -4.72 -46.77
N CYS E 84 58.88 -4.71 -47.74
CA CYS E 84 58.79 -5.60 -48.92
C CYS E 84 59.47 -6.92 -48.57
N VAL E 85 58.69 -7.99 -48.48
CA VAL E 85 59.19 -9.28 -47.95
C VAL E 85 59.27 -10.29 -49.08
N PHE E 86 60.39 -10.99 -49.15
CA PHE E 86 60.59 -12.12 -50.08
C PHE E 86 61.19 -13.27 -49.29
N ALA E 87 60.87 -14.48 -49.72
CA ALA E 87 61.40 -15.72 -49.15
C ALA E 87 62.75 -15.99 -49.84
N ILE E 88 63.78 -16.29 -49.05
CA ILE E 88 65.12 -16.60 -49.64
C ILE E 88 65.02 -17.82 -50.57
N ASN E 89 64.27 -18.85 -50.20
CA ASN E 89 64.13 -20.11 -51.00
C ASN E 89 63.15 -19.91 -52.15
N ASN E 90 62.33 -18.87 -52.18
CA ASN E 90 61.41 -18.61 -53.34
C ASN E 90 62.04 -17.58 -54.29
N THR E 91 62.45 -17.95 -55.51
CA THR E 91 62.96 -16.97 -56.51
C THR E 91 61.82 -16.06 -57.00
N LYS E 92 60.62 -16.63 -57.18
CA LYS E 92 59.45 -15.89 -57.71
C LYS E 92 59.16 -14.69 -56.80
N SER E 93 59.25 -14.87 -55.47
CA SER E 93 58.98 -13.80 -54.49
C SER E 93 59.89 -12.61 -54.76
N PHE E 94 61.15 -12.86 -55.06
CA PHE E 94 62.16 -11.81 -55.37
C PHE E 94 61.69 -11.01 -56.59
N GLU E 95 61.23 -11.69 -57.64
CA GLU E 95 60.75 -11.00 -58.88
C GLU E 95 59.48 -10.19 -58.58
N ASP E 96 58.61 -10.73 -57.71
CA ASP E 96 57.32 -10.07 -57.34
C ASP E 96 57.61 -8.74 -56.64
N ILE E 97 58.76 -8.64 -55.98
CA ILE E 97 59.17 -7.46 -55.18
C ILE E 97 59.20 -6.25 -56.11
N HIS E 98 59.73 -6.40 -57.32
CA HIS E 98 59.84 -5.24 -58.26
C HIS E 98 58.45 -4.67 -58.51
N GLN E 99 57.47 -5.54 -58.78
CA GLN E 99 56.07 -5.11 -59.08
C GLN E 99 55.56 -4.30 -57.90
N TYR E 100 55.71 -4.83 -56.68
CA TYR E 100 55.20 -4.18 -55.45
C TYR E 100 55.88 -2.81 -55.29
N ARG E 101 57.20 -2.75 -55.49
CA ARG E 101 57.98 -1.49 -55.33
C ARG E 101 57.44 -0.46 -56.31
N GLU E 102 57.24 -0.86 -57.56
CA GLU E 102 56.78 0.07 -58.62
C GLU E 102 55.40 0.59 -58.25
N GLN E 103 54.50 -0.30 -57.80
CA GLN E 103 53.10 0.06 -57.45
C GLN E 103 53.13 1.09 -56.31
N ILE E 104 53.98 0.86 -55.31
CA ILE E 104 54.08 1.78 -54.12
C ILE E 104 54.53 3.14 -54.62
N LYS E 105 55.55 3.17 -55.49
CA LYS E 105 56.10 4.43 -56.03
C LYS E 105 55.04 5.15 -56.84
N ARG E 106 54.34 4.40 -57.70
CA ARG E 106 53.30 4.93 -58.61
C ARG E 106 52.17 5.53 -57.78
N VAL E 107 51.67 4.80 -56.79
CA VAL E 107 50.50 5.26 -55.99
C VAL E 107 50.96 6.42 -55.10
N LYS E 108 52.14 6.29 -54.49
CA LYS E 108 52.71 7.37 -53.65
C LYS E 108 53.15 8.56 -54.52
N ASP E 109 53.65 8.25 -55.72
CA ASP E 109 54.16 9.21 -56.75
C ASP E 109 55.42 9.92 -56.23
N SER E 110 56.18 9.28 -55.34
CA SER E 110 57.49 9.80 -54.89
C SER E 110 58.53 8.67 -54.99
N ASP E 111 59.69 8.94 -55.56
CA ASP E 111 60.82 7.97 -55.55
C ASP E 111 61.23 7.68 -54.10
N ASP E 112 61.27 8.71 -53.27
CA ASP E 112 61.73 8.56 -51.87
C ASP E 112 60.51 8.32 -50.98
N VAL E 113 60.28 7.08 -50.62
CA VAL E 113 59.25 6.66 -49.64
C VAL E 113 59.97 5.68 -48.73
N PRO E 114 59.79 5.75 -47.40
CA PRO E 114 60.42 4.78 -46.51
C PRO E 114 60.08 3.35 -46.95
N MET E 115 61.11 2.54 -47.15
CA MET E 115 60.98 1.13 -47.57
C MET E 115 62.13 0.33 -46.97
N VAL E 116 61.89 -0.94 -46.70
CA VAL E 116 62.93 -1.87 -46.18
C VAL E 116 62.78 -3.18 -46.94
N LEU E 117 63.89 -3.75 -47.38
CA LEU E 117 63.87 -5.04 -48.11
C LEU E 117 64.12 -6.15 -47.11
N VAL E 118 63.19 -7.10 -47.02
CA VAL E 118 63.31 -8.22 -46.02
C VAL E 118 63.39 -9.55 -46.75
N GLY E 119 64.40 -10.33 -46.41
CA GLY E 119 64.58 -11.70 -46.90
C GLY E 119 64.24 -12.66 -45.80
N ASN E 120 63.08 -13.31 -45.90
CA ASN E 120 62.59 -14.20 -44.82
C ASN E 120 63.11 -15.61 -45.05
N LYS E 121 62.77 -16.48 -44.08
CA LYS E 121 63.14 -17.92 -44.07
C LYS E 121 64.66 -18.02 -44.06
N CYS E 122 65.35 -17.14 -43.31
CA CYS E 122 66.82 -17.14 -43.15
C CYS E 122 67.27 -18.48 -42.59
N ASP E 123 66.49 -19.09 -41.70
CA ASP E 123 66.84 -20.38 -41.04
C ASP E 123 66.94 -21.51 -42.07
N LEU E 124 66.08 -21.53 -43.10
CA LEU E 124 66.07 -22.65 -44.10
C LEU E 124 67.47 -22.73 -44.75
N ALA E 125 68.06 -23.92 -44.81
CA ALA E 125 69.46 -24.12 -45.27
C ALA E 125 69.55 -23.91 -46.78
N ALA E 126 68.54 -24.35 -47.52
CA ALA E 126 68.50 -24.34 -49.00
C ALA E 126 67.96 -23.00 -49.47
N ARG E 127 68.84 -22.04 -49.73
CA ARG E 127 68.43 -20.68 -50.14
C ARG E 127 68.80 -20.51 -51.61
N THR E 128 67.84 -20.08 -52.41
CA THR E 128 68.09 -19.85 -53.86
C THR E 128 68.40 -18.37 -54.11
N VAL E 129 68.35 -17.52 -53.08
CA VAL E 129 68.68 -16.09 -53.26
C VAL E 129 69.90 -15.73 -52.41
N GLU E 130 70.94 -15.29 -53.10
CA GLU E 130 72.22 -14.80 -52.50
C GLU E 130 71.93 -13.58 -51.64
N SER E 131 72.59 -13.45 -50.50
CA SER E 131 72.49 -12.25 -49.65
C SER E 131 73.03 -11.05 -50.43
N ARG E 132 74.16 -11.25 -51.11
CA ARG E 132 74.86 -10.21 -51.91
C ARG E 132 73.95 -9.71 -53.05
N GLN E 133 73.30 -10.62 -53.76
CA GLN E 133 72.48 -10.22 -54.94
C GLN E 133 71.29 -9.41 -54.40
N ALA E 134 70.72 -9.80 -53.27
CA ALA E 134 69.60 -9.07 -52.62
C ALA E 134 70.10 -7.68 -52.22
N GLN E 135 71.30 -7.61 -51.66
CA GLN E 135 71.97 -6.36 -51.23
C GLN E 135 72.07 -5.39 -52.42
N ASP E 136 72.44 -5.89 -53.61
CA ASP E 136 72.55 -5.02 -54.82
C ASP E 136 71.21 -4.37 -55.13
N LEU E 137 70.13 -5.15 -55.08
CA LEU E 137 68.75 -4.67 -55.34
C LEU E 137 68.42 -3.57 -54.34
N ALA E 138 68.77 -3.76 -53.07
CA ALA E 138 68.52 -2.79 -51.99
C ALA E 138 69.28 -1.50 -52.30
N ARG E 139 70.53 -1.64 -52.76
CA ARG E 139 71.45 -0.48 -52.99
C ARG E 139 70.86 0.40 -54.08
N SER E 140 70.36 -0.20 -55.17
CA SER E 140 69.77 0.51 -56.32
C SER E 140 68.54 1.28 -55.81
N TYR E 141 67.75 0.61 -55.00
CA TYR E 141 66.49 1.15 -54.43
C TYR E 141 66.83 2.26 -53.42
N GLY E 142 67.96 2.15 -52.71
CA GLY E 142 68.42 3.18 -51.76
C GLY E 142 67.87 2.92 -50.38
N ILE E 143 67.40 1.68 -50.14
CA ILE E 143 66.80 1.26 -48.84
C ILE E 143 67.67 0.15 -48.27
N PRO E 144 67.59 -0.04 -46.93
CA PRO E 144 68.26 -1.13 -46.23
C PRO E 144 67.69 -2.51 -46.56
N TYR E 145 68.55 -3.53 -46.48
CA TYR E 145 68.17 -4.95 -46.64
C TYR E 145 68.45 -5.67 -45.32
N ILE E 146 67.47 -6.40 -44.81
CA ILE E 146 67.57 -7.14 -43.53
C ILE E 146 67.14 -8.58 -43.78
N GLU E 147 67.89 -9.52 -43.22
CA GLU E 147 67.54 -10.94 -43.30
C GLU E 147 66.84 -11.31 -42.00
N THR E 148 65.65 -11.90 -42.10
CA THR E 148 64.90 -12.32 -40.91
C THR E 148 64.50 -13.78 -40.97
N SER E 149 64.34 -14.34 -39.79
CA SER E 149 63.67 -15.64 -39.59
C SER E 149 62.49 -15.39 -38.67
N ALA E 150 61.28 -15.60 -39.16
CA ALA E 150 60.06 -15.55 -38.32
C ALA E 150 60.12 -16.69 -37.28
N LYS E 151 60.68 -17.83 -37.68
CA LYS E 151 60.72 -19.06 -36.85
C LYS E 151 61.53 -18.79 -35.58
N THR E 152 62.69 -18.17 -35.72
CA THR E 152 63.67 -17.98 -34.63
C THR E 152 63.64 -16.53 -34.16
N ARG E 153 62.74 -15.71 -34.70
CA ARG E 153 62.58 -14.27 -34.35
C ARG E 153 63.89 -13.52 -34.61
N GLN E 154 64.64 -13.92 -35.62
CA GLN E 154 65.96 -13.31 -35.90
C GLN E 154 65.76 -12.12 -36.84
N GLY E 155 66.06 -10.92 -36.34
CA GLY E 155 66.04 -9.66 -37.10
C GLY E 155 64.63 -9.12 -37.27
N VAL E 156 63.63 -9.77 -36.67
CA VAL E 156 62.21 -9.35 -36.81
C VAL E 156 62.08 -7.95 -36.21
N GLU E 157 62.61 -7.75 -35.00
CA GLU E 157 62.55 -6.43 -34.32
C GLU E 157 63.31 -5.43 -35.20
N ASP E 158 64.48 -5.84 -35.69
CA ASP E 158 65.35 -4.97 -36.51
C ASP E 158 64.62 -4.50 -37.76
N ALA E 159 63.95 -5.39 -38.47
CA ALA E 159 63.28 -5.05 -39.76
C ALA E 159 62.21 -3.99 -39.52
N PHE E 160 61.32 -4.20 -38.53
CA PHE E 160 60.19 -3.28 -38.26
C PHE E 160 60.74 -1.95 -37.73
N TYR E 161 61.69 -2.02 -36.81
CA TYR E 161 62.28 -0.83 -36.15
C TYR E 161 63.08 -0.05 -37.19
N THR E 162 63.77 -0.73 -38.11
CA THR E 162 64.56 -0.11 -39.21
C THR E 162 63.61 0.72 -40.05
N LEU E 163 62.45 0.17 -40.35
CA LEU E 163 61.45 0.84 -41.21
C LEU E 163 60.94 2.08 -40.48
N VAL E 164 60.74 1.98 -39.18
CA VAL E 164 60.26 3.14 -38.37
C VAL E 164 61.31 4.25 -38.47
N ARG E 165 62.58 3.86 -38.38
CA ARG E 165 63.71 4.82 -38.50
C ARG E 165 63.69 5.45 -39.89
N GLU E 166 63.44 4.65 -40.92
CA GLU E 166 63.38 5.15 -42.32
C GLU E 166 62.27 6.20 -42.41
N ILE E 167 61.12 5.93 -41.79
CA ILE E 167 59.92 6.81 -41.83
C ILE E 167 60.28 8.13 -41.19
N ARG E 168 61.06 8.11 -40.09
CA ARG E 168 61.48 9.34 -39.37
C ARG E 168 62.29 10.27 -40.27
N GLN E 169 63.12 9.72 -41.15
CA GLN E 169 63.92 10.52 -42.11
C GLN E 169 62.96 11.41 -42.91
N HIS E 170 62.04 10.83 -43.67
CA HIS E 170 61.02 11.59 -44.44
C HIS E 170 60.16 12.40 -43.45
N LYS E 171 59.73 11.78 -42.34
CA LYS E 171 58.90 12.46 -41.30
C LYS E 171 59.72 13.57 -40.65
N MET F 5 -61.03 39.73 7.65
CA MET F 5 -60.73 38.69 6.62
C MET F 5 -61.12 37.30 7.15
N THR F 6 -62.00 36.60 6.43
CA THR F 6 -62.64 35.36 6.93
C THR F 6 -61.63 34.21 6.86
N GLU F 7 -61.73 33.29 7.81
CA GLU F 7 -60.92 32.06 7.85
C GLU F 7 -61.83 30.88 7.54
N TYR F 8 -61.44 30.02 6.61
CA TYR F 8 -62.19 28.78 6.29
C TYR F 8 -61.39 27.58 6.75
N LYS F 9 -61.97 26.74 7.60
CA LYS F 9 -61.32 25.46 7.98
C LYS F 9 -61.84 24.39 7.03
N LEU F 10 -61.00 23.93 6.12
CA LEU F 10 -61.40 22.91 5.12
C LEU F 10 -60.72 21.60 5.49
N VAL F 11 -61.47 20.51 5.45
CA VAL F 11 -60.91 19.17 5.73
C VAL F 11 -61.06 18.33 4.48
N VAL F 12 -59.97 17.74 4.04
CA VAL F 12 -59.99 16.79 2.90
C VAL F 12 -60.19 15.39 3.46
N VAL F 13 -61.29 14.77 3.10
CA VAL F 13 -61.64 13.42 3.59
C VAL F 13 -61.76 12.49 2.40
N GLY F 14 -61.30 11.26 2.56
CA GLY F 14 -61.57 10.18 1.59
C GLY F 14 -60.62 9.02 1.77
N ALA F 15 -60.75 7.99 0.94
CA ALA F 15 -60.05 6.70 1.11
C ALA F 15 -58.57 6.86 0.79
N GLY F 16 -57.77 5.85 1.18
CA GLY F 16 -56.32 5.87 0.93
C GLY F 16 -56.05 5.83 -0.55
N GLY F 17 -54.99 6.52 -0.97
CA GLY F 17 -54.52 6.62 -2.37
C GLY F 17 -55.54 7.24 -3.32
N VAL F 18 -56.38 8.17 -2.82
CA VAL F 18 -57.49 8.74 -3.62
C VAL F 18 -57.03 10.04 -4.29
N GLY F 19 -55.88 10.58 -3.90
CA GLY F 19 -55.37 11.86 -4.43
C GLY F 19 -55.66 13.05 -3.52
N LYS F 20 -55.95 12.79 -2.24
CA LYS F 20 -56.25 13.86 -1.27
C LYS F 20 -55.03 14.76 -1.11
N SER F 21 -53.88 14.13 -0.85
CA SER F 21 -52.60 14.83 -0.63
C SER F 21 -52.23 15.58 -1.92
N ALA F 22 -52.35 14.96 -3.09
CA ALA F 22 -51.94 15.56 -4.39
C ALA F 22 -52.80 16.79 -4.68
N LEU F 23 -54.10 16.74 -4.40
CA LEU F 23 -55.02 17.89 -4.63
C LEU F 23 -54.59 19.06 -3.76
N THR F 24 -54.33 18.78 -2.49
CA THR F 24 -54.00 19.84 -1.50
C THR F 24 -52.68 20.49 -1.89
N ILE F 25 -51.70 19.68 -2.28
CA ILE F 25 -50.34 20.16 -2.69
C ILE F 25 -50.49 21.03 -3.93
N GLN F 26 -51.34 20.66 -4.89
CA GLN F 26 -51.51 21.46 -6.12
C GLN F 26 -52.02 22.85 -5.77
N LEU F 27 -53.02 22.93 -4.90
CA LEU F 27 -53.62 24.26 -4.58
C LEU F 27 -52.57 25.10 -3.86
N ILE F 28 -51.88 24.51 -2.89
CA ILE F 28 -50.93 25.26 -2.01
C ILE F 28 -49.59 25.48 -2.72
N GLN F 29 -49.04 24.46 -3.37
CA GLN F 29 -47.62 24.51 -3.82
C GLN F 29 -47.53 24.65 -5.34
N ASN F 30 -48.67 24.50 -6.05
CA ASN F 30 -48.73 24.55 -7.53
C ASN F 30 -47.79 23.47 -8.07
N HIS F 31 -47.82 22.29 -7.47
CA HIS F 31 -46.93 21.15 -7.78
C HIS F 31 -47.71 19.84 -7.70
N PHE F 32 -47.39 18.87 -8.56
CA PHE F 32 -48.03 17.53 -8.53
C PHE F 32 -47.06 16.51 -7.93
N VAL F 33 -47.51 15.81 -6.90
CA VAL F 33 -46.75 14.71 -6.23
C VAL F 33 -47.05 13.42 -7.01
N ASP F 34 -46.04 12.76 -7.56
CA ASP F 34 -46.21 11.45 -8.22
C ASP F 34 -46.19 10.33 -7.19
N GLU F 35 -45.26 10.36 -6.24
CA GLU F 35 -45.01 9.26 -5.25
C GLU F 35 -46.15 9.19 -4.22
N TYR F 36 -46.48 7.97 -3.76
CA TYR F 36 -47.59 7.71 -2.80
C TYR F 36 -46.98 7.66 -1.40
N ASP F 37 -47.12 8.74 -0.63
CA ASP F 37 -46.71 8.75 0.79
C ASP F 37 -47.98 8.88 1.63
N PRO F 38 -48.38 7.81 2.36
CA PRO F 38 -49.60 7.84 3.15
C PRO F 38 -49.58 8.91 4.24
N THR F 39 -50.67 9.67 4.33
CA THR F 39 -50.81 10.79 5.27
C THR F 39 -51.39 10.30 6.60
N ILE F 40 -51.00 10.94 7.69
CA ILE F 40 -51.68 10.77 9.00
C ILE F 40 -52.57 12.01 9.16
N GLU F 41 -51.93 13.18 9.25
CA GLU F 41 -52.63 14.49 9.33
C GLU F 41 -51.63 15.59 8.98
N ASP F 42 -51.92 16.33 7.92
CA ASP F 42 -51.07 17.45 7.43
C ASP F 42 -51.94 18.70 7.36
N SER F 43 -51.37 19.84 7.72
CA SER F 43 -52.07 21.14 7.73
C SER F 43 -51.38 22.11 6.78
N TYR F 44 -52.19 22.92 6.13
CA TYR F 44 -51.72 23.97 5.20
C TYR F 44 -52.52 25.22 5.49
N ARG F 45 -51.87 26.37 5.36
CA ARG F 45 -52.54 27.68 5.46
C ARG F 45 -52.12 28.51 4.27
N LYS F 46 -53.09 29.06 3.55
CA LYS F 46 -52.84 29.91 2.38
C LYS F 46 -53.93 30.96 2.29
N GLN F 47 -53.53 32.17 1.91
CA GLN F 47 -54.45 33.31 1.70
C GLN F 47 -54.71 33.42 0.20
N VAL F 48 -55.98 33.43 -0.18
CA VAL F 48 -56.37 33.54 -1.62
C VAL F 48 -57.53 34.51 -1.73
N VAL F 49 -57.81 34.95 -2.96
CA VAL F 49 -58.95 35.85 -3.25
C VAL F 49 -60.02 35.03 -3.97
N ILE F 50 -61.18 34.87 -3.37
CA ILE F 50 -62.31 34.14 -3.99
C ILE F 50 -63.49 35.09 -4.07
N ASP F 51 -64.02 35.30 -5.28
CA ASP F 51 -65.19 36.18 -5.55
C ASP F 51 -64.88 37.58 -5.00
N GLY F 52 -63.65 38.08 -5.22
CA GLY F 52 -63.23 39.44 -4.84
C GLY F 52 -63.17 39.64 -3.33
N GLU F 53 -62.94 38.58 -2.56
CA GLU F 53 -62.68 38.70 -1.10
C GLU F 53 -61.47 37.84 -0.75
N THR F 54 -60.58 38.33 0.13
CA THR F 54 -59.43 37.55 0.63
C THR F 54 -59.93 36.57 1.69
N CYS F 55 -59.59 35.29 1.50
CA CYS F 55 -59.93 34.20 2.43
C CYS F 55 -58.65 33.58 2.98
N LEU F 56 -58.58 33.40 4.30
CA LEU F 56 -57.49 32.60 4.91
C LEU F 56 -58.03 31.17 4.95
N LEU F 57 -57.44 30.29 4.15
CA LEU F 57 -57.85 28.87 4.09
C LEU F 57 -56.93 28.06 4.99
N ASP F 58 -57.53 27.38 5.99
CA ASP F 58 -56.84 26.36 6.78
C ASP F 58 -57.26 25.02 6.20
N ILE F 59 -56.36 24.37 5.50
CA ILE F 59 -56.68 23.06 4.88
C ILE F 59 -56.02 21.95 5.68
N LEU F 60 -56.83 20.95 6.02
CA LEU F 60 -56.37 19.75 6.75
C LEU F 60 -56.47 18.55 5.82
N ASP F 61 -55.34 17.99 5.41
CA ASP F 61 -55.28 16.75 4.60
C ASP F 61 -55.20 15.58 5.58
N THR F 62 -56.21 14.72 5.59
CA THR F 62 -56.37 13.66 6.61
C THR F 62 -55.91 12.32 6.06
N ALA F 63 -55.88 11.30 6.93
CA ALA F 63 -55.49 9.91 6.59
C ALA F 63 -56.66 9.14 5.99
N GLY F 64 -56.40 8.47 4.89
CA GLY F 64 -57.33 7.49 4.28
C GLY F 64 -57.27 6.17 5.02
N GLN F 65 -56.06 5.74 5.43
CA GLN F 65 -55.84 4.38 5.98
C GLN F 65 -56.43 4.23 7.38
N GLU F 66 -56.85 2.99 7.62
CA GLU F 66 -57.39 2.36 8.85
C GLU F 66 -56.37 2.42 9.99
N GLU F 67 -55.07 2.56 9.71
CA GLU F 67 -54.03 2.67 10.77
C GLU F 67 -54.37 3.84 11.70
N TYR F 68 -54.79 4.99 11.15
CA TYR F 68 -54.99 6.26 11.91
C TYR F 68 -56.43 6.77 11.75
N SER F 69 -57.42 5.88 11.95
CA SER F 69 -58.87 6.22 11.85
C SER F 69 -59.34 6.93 13.13
N ALA F 70 -58.64 6.75 14.25
CA ALA F 70 -59.03 7.28 15.59
C ALA F 70 -59.03 8.81 15.59
N MET F 71 -58.25 9.47 14.72
CA MET F 71 -58.10 10.95 14.67
C MET F 71 -59.27 11.58 13.93
N ARG F 72 -60.17 10.76 13.36
CA ARG F 72 -61.30 11.24 12.52
C ARG F 72 -62.18 12.19 13.34
N ASP F 73 -62.50 11.82 14.58
CA ASP F 73 -63.47 12.55 15.42
C ASP F 73 -62.95 13.97 15.73
N GLN F 74 -61.66 14.10 16.05
CA GLN F 74 -61.04 15.39 16.44
C GLN F 74 -61.19 16.41 15.31
N TYR F 75 -60.92 16.01 14.07
CA TYR F 75 -60.85 16.97 12.94
C TYR F 75 -62.27 17.24 12.41
N MET F 76 -63.19 16.29 12.49
CA MET F 76 -64.58 16.48 11.94
C MET F 76 -65.32 17.54 12.76
N ARG F 77 -65.08 17.64 14.06
CA ARG F 77 -65.71 18.69 14.90
C ARG F 77 -65.20 20.07 14.51
N THR F 78 -63.89 20.22 14.34
CA THR F 78 -63.21 21.54 14.15
C THR F 78 -63.43 22.04 12.72
N GLY F 79 -63.51 21.15 11.72
CA GLY F 79 -63.78 21.46 10.30
C GLY F 79 -65.12 22.15 10.04
N GLU F 80 -65.12 23.24 9.28
CA GLU F 80 -66.36 23.94 8.84
C GLU F 80 -66.88 23.29 7.55
N GLY F 81 -65.98 22.92 6.64
CA GLY F 81 -66.33 22.34 5.32
C GLY F 81 -65.54 21.08 5.06
N PHE F 82 -66.09 20.16 4.27
CA PHE F 82 -65.44 18.86 4.00
C PHE F 82 -65.40 18.60 2.50
N LEU F 83 -64.25 18.16 2.02
CA LEU F 83 -64.09 17.76 0.60
C LEU F 83 -64.02 16.23 0.57
N CYS F 84 -65.07 15.57 0.11
CA CYS F 84 -65.14 14.09 0.07
C CYS F 84 -64.56 13.64 -1.28
N VAL F 85 -63.44 12.95 -1.25
CA VAL F 85 -62.69 12.66 -2.50
C VAL F 85 -62.72 11.16 -2.77
N PHE F 86 -62.99 10.80 -4.02
CA PHE F 86 -62.92 9.41 -4.49
C PHE F 86 -62.19 9.39 -5.83
N ALA F 87 -61.54 8.28 -6.11
CA ALA F 87 -60.81 8.06 -7.37
C ALA F 87 -61.82 7.55 -8.40
N ILE F 88 -61.86 8.15 -9.58
CA ILE F 88 -62.78 7.66 -10.65
C ILE F 88 -62.41 6.22 -11.03
N ASN F 89 -61.12 5.86 -11.08
CA ASN F 89 -60.70 4.48 -11.45
C ASN F 89 -61.09 3.48 -10.35
N ASN F 90 -61.08 3.90 -9.08
CA ASN F 90 -61.22 2.96 -7.94
C ASN F 90 -62.67 2.97 -7.41
N THR F 91 -63.41 1.87 -7.56
CA THR F 91 -64.84 1.78 -7.14
C THR F 91 -64.96 1.82 -5.61
N LYS F 92 -64.02 1.19 -4.89
CA LYS F 92 -64.11 1.07 -3.40
C LYS F 92 -64.19 2.48 -2.78
N SER F 93 -63.36 3.40 -3.28
CA SER F 93 -63.27 4.79 -2.76
C SER F 93 -64.64 5.44 -2.86
N PHE F 94 -65.33 5.23 -3.98
CA PHE F 94 -66.66 5.81 -4.24
C PHE F 94 -67.64 5.33 -3.17
N GLU F 95 -67.60 4.03 -2.88
CA GLU F 95 -68.48 3.36 -1.88
C GLU F 95 -68.17 3.93 -0.48
N ASP F 96 -66.91 4.21 -0.19
CA ASP F 96 -66.43 4.69 1.13
C ASP F 96 -66.94 6.10 1.42
N ILE F 97 -67.32 6.86 0.38
CA ILE F 97 -67.76 8.27 0.54
C ILE F 97 -68.96 8.31 1.50
N HIS F 98 -69.88 7.37 1.36
CA HIS F 98 -71.12 7.34 2.17
C HIS F 98 -70.73 7.24 3.65
N GLN F 99 -69.78 6.37 3.98
CA GLN F 99 -69.34 6.18 5.40
C GLN F 99 -68.88 7.52 5.95
N TYR F 100 -68.03 8.22 5.20
CA TYR F 100 -67.46 9.52 5.63
C TYR F 100 -68.60 10.52 5.83
N ARG F 101 -69.54 10.56 4.88
CA ARG F 101 -70.67 11.54 4.92
C ARG F 101 -71.46 11.28 6.21
N GLU F 102 -71.78 10.02 6.50
CA GLU F 102 -72.59 9.67 7.69
C GLU F 102 -71.86 10.14 8.94
N GLN F 103 -70.55 9.85 9.04
CA GLN F 103 -69.74 10.18 10.23
C GLN F 103 -69.76 11.70 10.44
N ILE F 104 -69.58 12.46 9.36
CA ILE F 104 -69.50 13.94 9.42
C ILE F 104 -70.83 14.46 9.96
N LYS F 105 -71.95 13.93 9.43
CA LYS F 105 -73.30 14.41 9.80
C LYS F 105 -73.56 14.05 11.26
N ARG F 106 -73.20 12.81 11.63
CA ARG F 106 -73.44 12.28 13.00
C ARG F 106 -72.64 13.12 14.00
N VAL F 107 -71.36 13.32 13.74
CA VAL F 107 -70.44 14.02 14.68
C VAL F 107 -70.83 15.50 14.70
N LYS F 108 -71.10 16.07 13.53
CA LYS F 108 -71.51 17.49 13.38
C LYS F 108 -72.92 17.67 13.95
N ASP F 109 -73.79 16.66 13.78
CA ASP F 109 -75.21 16.64 14.24
C ASP F 109 -76.03 17.70 13.47
N SER F 110 -75.62 18.03 12.25
CA SER F 110 -76.40 18.94 11.37
C SER F 110 -76.54 18.27 10.01
N ASP F 111 -77.77 18.17 9.49
CA ASP F 111 -78.04 17.59 8.16
C ASP F 111 -77.32 18.45 7.11
N ASP F 112 -77.41 19.76 7.24
CA ASP F 112 -76.80 20.68 6.25
C ASP F 112 -75.40 21.03 6.74
N VAL F 113 -74.41 20.34 6.20
CA VAL F 113 -72.97 20.61 6.44
C VAL F 113 -72.39 20.95 5.08
N PRO F 114 -71.67 22.08 4.91
CA PRO F 114 -71.15 22.40 3.58
C PRO F 114 -70.22 21.26 3.14
N MET F 115 -70.45 20.73 1.94
CA MET F 115 -69.65 19.58 1.44
C MET F 115 -69.58 19.63 -0.08
N VAL F 116 -68.51 19.07 -0.62
CA VAL F 116 -68.32 18.97 -2.09
C VAL F 116 -67.85 17.55 -2.41
N LEU F 117 -68.44 16.95 -3.42
CA LEU F 117 -68.04 15.60 -3.87
C LEU F 117 -67.00 15.75 -4.99
N VAL F 118 -65.82 15.17 -4.80
CA VAL F 118 -64.71 15.32 -5.78
C VAL F 118 -64.34 13.95 -6.33
N GLY F 119 -64.33 13.84 -7.65
CA GLY F 119 -63.91 12.64 -8.38
C GLY F 119 -62.54 12.90 -8.95
N ASN F 120 -61.50 12.30 -8.37
CA ASN F 120 -60.11 12.56 -8.77
C ASN F 120 -59.71 11.63 -9.93
N LYS F 121 -58.50 11.85 -10.45
CA LYS F 121 -57.86 11.02 -11.51
C LYS F 121 -58.74 11.04 -12.77
N CYS F 122 -59.33 12.20 -13.11
CA CYS F 122 -60.15 12.37 -14.35
C CYS F 122 -59.35 11.99 -15.58
N ASP F 123 -58.04 12.28 -15.62
CA ASP F 123 -57.18 12.04 -16.80
C ASP F 123 -57.11 10.55 -17.14
N LEU F 124 -57.12 9.64 -16.16
CA LEU F 124 -56.98 8.19 -16.43
C LEU F 124 -58.12 7.76 -17.36
N ALA F 125 -57.80 7.00 -18.41
CA ALA F 125 -58.79 6.52 -19.41
C ALA F 125 -59.68 5.44 -18.78
N ALA F 126 -59.10 4.59 -17.93
CA ALA F 126 -59.76 3.38 -17.36
C ALA F 126 -60.52 3.78 -16.10
N ARG F 127 -61.80 4.11 -16.24
CA ARG F 127 -62.61 4.64 -15.12
C ARG F 127 -63.62 3.56 -14.76
N THR F 128 -63.69 3.19 -13.48
CA THR F 128 -64.71 2.24 -12.98
C THR F 128 -65.90 2.99 -12.40
N VAL F 129 -65.83 4.32 -12.33
CA VAL F 129 -66.96 5.09 -11.75
C VAL F 129 -67.47 6.08 -12.78
N GLU F 130 -68.70 5.90 -13.22
CA GLU F 130 -69.36 6.79 -14.21
C GLU F 130 -69.58 8.16 -13.55
N SER F 131 -69.49 9.21 -14.34
CA SER F 131 -69.80 10.61 -13.91
C SER F 131 -71.24 10.68 -13.41
N ARG F 132 -72.16 10.01 -14.11
CA ARG F 132 -73.61 10.07 -13.84
C ARG F 132 -73.92 9.52 -12.44
N GLN F 133 -73.32 8.40 -12.04
CA GLN F 133 -73.63 7.78 -10.72
C GLN F 133 -73.19 8.75 -9.63
N ALA F 134 -72.02 9.37 -9.79
CA ALA F 134 -71.47 10.35 -8.83
C ALA F 134 -72.40 11.55 -8.77
N GLN F 135 -72.88 12.01 -9.93
CA GLN F 135 -73.79 13.17 -10.00
C GLN F 135 -75.10 12.84 -9.25
N ASP F 136 -75.62 11.63 -9.47
CA ASP F 136 -76.86 11.14 -8.81
C ASP F 136 -76.65 11.14 -7.29
N LEU F 137 -75.52 10.59 -6.85
CA LEU F 137 -75.20 10.48 -5.41
C LEU F 137 -75.11 11.90 -4.84
N ALA F 138 -74.48 12.80 -5.57
CA ALA F 138 -74.30 14.22 -5.18
C ALA F 138 -75.67 14.85 -4.98
N ARG F 139 -76.59 14.58 -5.91
CA ARG F 139 -77.94 15.20 -5.93
C ARG F 139 -78.69 14.78 -4.66
N SER F 140 -78.60 13.50 -4.30
CA SER F 140 -79.26 12.92 -3.09
C SER F 140 -78.73 13.64 -1.86
N TYR F 141 -77.41 13.84 -1.81
CA TYR F 141 -76.74 14.53 -0.67
C TYR F 141 -77.13 16.01 -0.67
N GLY F 142 -77.33 16.61 -1.85
CA GLY F 142 -77.66 18.04 -1.99
C GLY F 142 -76.41 18.88 -2.00
N ILE F 143 -75.27 18.26 -2.34
CA ILE F 143 -73.97 18.96 -2.47
C ILE F 143 -73.49 18.86 -3.91
N PRO F 144 -72.66 19.82 -4.34
CA PRO F 144 -72.07 19.83 -5.68
C PRO F 144 -71.05 18.71 -5.91
N TYR F 145 -70.94 18.28 -7.16
CA TYR F 145 -69.97 17.25 -7.59
C TYR F 145 -69.01 17.87 -8.61
N ILE F 146 -67.72 17.69 -8.38
CA ILE F 146 -66.65 18.30 -9.21
C ILE F 146 -65.69 17.19 -9.62
N GLU F 147 -65.35 17.16 -10.89
CA GLU F 147 -64.33 16.23 -11.40
C GLU F 147 -63.02 16.98 -11.44
N THR F 148 -62.02 16.44 -10.75
CA THR F 148 -60.71 17.11 -10.59
C THR F 148 -59.58 16.16 -10.99
N SER F 149 -58.55 16.73 -11.54
CA SER F 149 -57.31 16.00 -11.87
C SER F 149 -56.17 16.77 -11.22
N ALA F 150 -55.52 16.19 -10.22
CA ALA F 150 -54.37 16.79 -9.54
C ALA F 150 -53.21 16.91 -10.54
N LYS F 151 -53.09 15.93 -11.44
CA LYS F 151 -51.95 15.84 -12.38
C LYS F 151 -51.95 17.05 -13.32
N THR F 152 -53.11 17.42 -13.86
CA THR F 152 -53.22 18.47 -14.90
C THR F 152 -53.89 19.70 -14.32
N ARG F 153 -54.07 19.76 -12.98
CA ARG F 153 -54.59 20.99 -12.32
C ARG F 153 -56.05 21.20 -12.72
N GLN F 154 -56.78 20.20 -13.21
CA GLN F 154 -58.12 20.42 -13.80
C GLN F 154 -59.18 20.38 -12.71
N GLY F 155 -59.82 21.52 -12.45
CA GLY F 155 -60.91 21.67 -11.47
C GLY F 155 -60.41 21.73 -10.04
N VAL F 156 -59.10 21.69 -9.82
CA VAL F 156 -58.54 21.63 -8.43
C VAL F 156 -58.92 22.91 -7.70
N GLU F 157 -58.67 24.05 -8.34
CA GLU F 157 -58.97 25.37 -7.75
C GLU F 157 -60.49 25.45 -7.59
N ASP F 158 -61.23 25.00 -8.61
CA ASP F 158 -62.71 25.06 -8.63
C ASP F 158 -63.28 24.29 -7.43
N ALA F 159 -62.79 23.08 -7.16
CA ALA F 159 -63.32 22.22 -6.09
C ALA F 159 -63.17 22.92 -4.73
N PHE F 160 -61.97 23.40 -4.42
CA PHE F 160 -61.69 24.05 -3.12
C PHE F 160 -62.47 25.37 -3.01
N TYR F 161 -62.50 26.16 -4.08
CA TYR F 161 -63.19 27.47 -4.11
C TYR F 161 -64.69 27.25 -3.97
N THR F 162 -65.22 26.20 -4.62
CA THR F 162 -66.65 25.86 -4.56
C THR F 162 -67.04 25.56 -3.12
N LEU F 163 -66.17 24.83 -2.41
CA LEU F 163 -66.41 24.43 -1.01
C LEU F 163 -66.45 25.69 -0.14
N VAL F 164 -65.55 26.62 -0.41
CA VAL F 164 -65.49 27.89 0.35
C VAL F 164 -66.81 28.61 0.16
N ARG F 165 -67.31 28.63 -1.07
CA ARG F 165 -68.60 29.27 -1.44
C ARG F 165 -69.71 28.58 -0.65
N GLU F 166 -69.70 27.25 -0.56
CA GLU F 166 -70.76 26.49 0.15
C GLU F 166 -70.76 26.93 1.62
N ILE F 167 -69.58 27.04 2.21
CA ILE F 167 -69.41 27.37 3.66
C ILE F 167 -69.94 28.79 3.87
N ARG F 168 -69.66 29.68 2.93
CA ARG F 168 -70.02 31.12 3.01
C ARG F 168 -71.55 31.24 2.97
N GLN F 169 -72.22 30.43 2.14
CA GLN F 169 -73.69 30.56 1.93
C GLN F 169 -74.42 30.07 3.18
N HIS F 170 -73.92 29.01 3.83
CA HIS F 170 -74.58 28.35 4.99
C HIS F 170 -74.68 29.34 6.17
N MET G 5 49.87 -5.10 44.15
CA MET G 5 48.92 -4.00 44.46
C MET G 5 48.52 -4.02 45.94
N THR G 6 48.82 -2.97 46.69
CA THR G 6 48.42 -2.86 48.11
C THR G 6 47.49 -1.67 48.26
N GLU G 7 46.45 -1.84 49.08
CA GLU G 7 45.45 -0.78 49.34
C GLU G 7 45.68 -0.26 50.75
N TYR G 8 45.85 1.06 50.86
CA TYR G 8 46.11 1.73 52.14
C TYR G 8 44.91 2.61 52.46
N LYS G 9 44.29 2.39 53.61
CA LYS G 9 43.18 3.26 54.07
C LYS G 9 43.81 4.34 54.94
N LEU G 10 43.81 5.58 54.46
CA LEU G 10 44.38 6.71 55.21
C LEU G 10 43.22 7.58 55.70
N VAL G 11 43.31 8.01 56.94
CA VAL G 11 42.29 8.92 57.52
C VAL G 11 42.98 10.21 57.90
N VAL G 12 42.45 11.33 57.43
CA VAL G 12 42.95 12.66 57.81
C VAL G 12 42.14 13.13 59.01
N VAL G 13 42.81 13.32 60.13
CA VAL G 13 42.13 13.72 61.39
C VAL G 13 42.71 15.07 61.80
N GLY G 14 41.85 16.01 62.16
CA GLY G 14 42.31 17.32 62.65
C GLY G 14 41.20 18.18 63.20
N ALA G 15 41.54 19.30 63.82
CA ALA G 15 40.58 20.32 64.25
C ALA G 15 40.01 21.05 63.02
N GLY G 16 38.92 21.79 63.23
CA GLY G 16 38.26 22.58 62.16
C GLY G 16 39.20 23.64 61.64
N GLY G 17 39.18 23.83 60.31
CA GLY G 17 40.00 24.83 59.57
C GLY G 17 41.49 24.61 59.71
N VAL G 18 41.93 23.36 59.83
CA VAL G 18 43.37 23.04 60.06
C VAL G 18 44.06 22.78 58.71
N GLY G 19 43.31 22.66 57.61
CA GLY G 19 43.88 22.38 56.29
C GLY G 19 43.82 20.91 55.92
N LYS G 20 43.05 20.08 56.62
CA LYS G 20 42.95 18.63 56.30
C LYS G 20 42.35 18.45 54.90
N SER G 21 41.27 19.18 54.63
CA SER G 21 40.58 19.13 53.31
C SER G 21 41.55 19.61 52.22
N ALA G 22 42.24 20.74 52.45
CA ALA G 22 43.13 21.38 51.46
C ALA G 22 44.31 20.46 51.13
N LEU G 23 44.87 19.78 52.14
CA LEU G 23 46.02 18.85 51.98
C LEU G 23 45.58 17.71 51.06
N THR G 24 44.41 17.14 51.33
CA THR G 24 43.93 15.94 50.60
C THR G 24 43.68 16.33 49.14
N ILE G 25 43.08 17.49 48.91
CA ILE G 25 42.78 17.97 47.54
C ILE G 25 44.10 18.19 46.80
N GLN G 26 45.11 18.75 47.45
CA GLN G 26 46.41 19.03 46.81
C GLN G 26 47.04 17.73 46.33
N LEU G 27 47.04 16.69 47.15
CA LEU G 27 47.71 15.43 46.75
C LEU G 27 46.96 14.83 45.56
N ILE G 28 45.63 14.80 45.63
CA ILE G 28 44.77 14.12 44.63
C ILE G 28 44.62 14.99 43.38
N GLN G 29 44.34 16.29 43.52
CA GLN G 29 43.92 17.13 42.35
C GLN G 29 45.01 18.14 41.98
N ASN G 30 46.08 18.22 42.76
CA ASN G 30 47.28 19.04 42.42
C ASN G 30 46.84 20.50 42.31
N HIS G 31 45.97 20.97 43.21
CA HIS G 31 45.47 22.36 43.22
C HIS G 31 45.08 22.76 44.66
N PHE G 32 45.13 24.06 44.95
CA PHE G 32 44.97 24.58 46.34
C PHE G 32 43.60 25.22 46.48
N VAL G 33 42.82 24.77 47.48
CA VAL G 33 41.48 25.37 47.75
C VAL G 33 41.63 26.49 48.79
N ASP G 34 41.44 27.74 48.37
CA ASP G 34 41.55 28.93 49.26
C ASP G 34 40.33 29.05 50.19
N GLU G 35 39.13 28.77 49.68
CA GLU G 35 37.83 28.85 50.42
C GLU G 35 37.74 27.79 51.54
N TYR G 36 37.08 28.16 52.64
CA TYR G 36 36.89 27.30 53.83
C TYR G 36 35.55 26.57 53.69
N ASP G 37 35.56 25.31 53.33
CA ASP G 37 34.33 24.47 53.33
C ASP G 37 34.49 23.38 54.38
N PRO G 38 33.72 23.43 55.48
CA PRO G 38 33.68 22.34 56.45
C PRO G 38 33.24 21.01 55.83
N THR G 39 33.90 19.92 56.23
CA THR G 39 33.63 18.58 55.66
C THR G 39 33.00 17.67 56.71
N ILE G 40 31.86 17.06 56.41
CA ILE G 40 31.31 15.99 57.30
C ILE G 40 32.17 14.76 57.07
N GLU G 41 32.31 14.40 55.79
CA GLU G 41 33.17 13.27 55.35
C GLU G 41 33.39 13.31 53.85
N ASP G 42 34.63 13.09 53.45
CA ASP G 42 35.05 13.04 52.03
C ASP G 42 35.81 11.73 51.81
N SER G 43 35.66 11.08 50.67
CA SER G 43 36.51 9.93 50.29
C SER G 43 37.20 10.22 48.96
N TYR G 44 38.45 9.82 48.86
CA TYR G 44 39.26 9.96 47.63
C TYR G 44 39.99 8.66 47.41
N ARG G 45 40.20 8.31 46.15
CA ARG G 45 40.95 7.09 45.77
C ARG G 45 41.96 7.47 44.71
N LYS G 46 43.20 7.04 44.89
CA LYS G 46 44.29 7.39 43.94
C LYS G 46 45.31 6.27 43.93
N GLN G 47 45.83 5.99 42.74
CA GLN G 47 46.89 4.96 42.53
C GLN G 47 48.20 5.72 42.38
N VAL G 48 49.19 5.42 43.21
CA VAL G 48 50.50 6.12 43.18
C VAL G 48 51.62 5.11 43.37
N VAL G 49 52.84 5.52 43.02
CA VAL G 49 54.04 4.66 43.17
C VAL G 49 54.86 5.19 44.35
N ILE G 50 54.98 4.42 45.42
CA ILE G 50 55.76 4.81 46.61
C ILE G 50 56.85 3.76 46.82
N ASP G 51 58.10 4.22 46.89
CA ASP G 51 59.30 3.35 47.06
C ASP G 51 59.30 2.28 45.96
N GLY G 52 59.00 2.69 44.71
CA GLY G 52 59.09 1.82 43.53
C GLY G 52 57.95 0.81 43.46
N GLU G 53 56.88 0.94 44.24
CA GLU G 53 55.74 -0.01 44.19
C GLU G 53 54.43 0.77 44.03
N THR G 54 53.54 0.30 43.16
CA THR G 54 52.22 0.92 42.95
C THR G 54 51.28 0.39 44.03
N CYS G 55 50.67 1.30 44.77
CA CYS G 55 49.69 0.98 45.83
C CYS G 55 48.49 1.90 45.68
N LEU G 56 47.30 1.42 46.00
CA LEU G 56 46.08 2.27 45.94
C LEU G 56 45.84 2.87 47.31
N LEU G 57 45.73 4.19 47.34
CA LEU G 57 45.47 4.97 48.58
C LEU G 57 43.99 5.31 48.61
N ASP G 58 43.30 4.84 49.64
CA ASP G 58 41.91 5.23 49.95
C ASP G 58 42.01 6.27 51.05
N ILE G 59 41.76 7.52 50.72
CA ILE G 59 41.94 8.63 51.69
C ILE G 59 40.57 9.11 52.14
N LEU G 60 40.41 9.21 53.45
CA LEU G 60 39.19 9.73 54.07
C LEU G 60 39.49 11.06 54.74
N ASP G 61 38.82 12.12 54.30
CA ASP G 61 38.95 13.46 54.91
C ASP G 61 37.84 13.61 55.96
N THR G 62 38.20 13.66 57.23
CA THR G 62 37.26 13.64 58.38
C THR G 62 36.87 15.06 58.78
N ALA G 63 35.81 15.19 59.56
CA ALA G 63 35.24 16.49 59.96
C ALA G 63 35.94 16.99 61.23
N GLY G 64 36.41 18.24 61.18
CA GLY G 64 37.02 18.92 62.34
C GLY G 64 36.01 19.26 63.41
N GLN G 65 34.76 19.53 63.04
CA GLN G 65 33.75 20.09 63.97
C GLN G 65 33.25 19.00 64.91
N GLU G 66 32.93 19.41 66.14
CA GLU G 66 32.42 18.52 67.20
C GLU G 66 31.00 18.05 66.82
N GLU G 67 30.28 18.86 66.02
CA GLU G 67 28.87 18.58 65.64
C GLU G 67 28.82 17.23 64.93
N TYR G 68 29.70 17.00 63.95
CA TYR G 68 29.73 15.74 63.16
C TYR G 68 30.75 14.77 63.77
N SER G 69 31.03 14.89 65.07
CA SER G 69 32.03 14.05 65.78
C SER G 69 31.41 12.70 66.17
N ALA G 70 30.08 12.57 66.14
CA ALA G 70 29.34 11.37 66.62
C ALA G 70 29.78 10.10 65.87
N MET G 71 29.99 10.19 64.56
CA MET G 71 30.23 8.98 63.72
C MET G 71 31.73 8.79 63.53
N ARG G 72 32.54 9.53 64.28
CA ARG G 72 34.01 9.55 64.11
C ARG G 72 34.58 8.17 64.45
N ASP G 73 33.98 7.47 65.43
CA ASP G 73 34.41 6.13 65.89
C ASP G 73 34.43 5.12 64.74
N GLN G 74 33.38 5.07 63.90
CA GLN G 74 33.25 4.07 62.80
C GLN G 74 34.46 4.17 61.85
N TYR G 75 34.85 5.39 61.48
CA TYR G 75 36.01 5.68 60.61
C TYR G 75 37.31 5.29 61.33
N MET G 76 37.38 5.51 62.65
CA MET G 76 38.59 5.20 63.47
C MET G 76 38.84 3.69 63.45
N ARG G 77 37.78 2.88 63.47
CA ARG G 77 37.90 1.40 63.47
C ARG G 77 38.48 0.94 62.14
N THR G 78 37.98 1.45 61.01
CA THR G 78 38.28 0.94 59.64
C THR G 78 39.69 1.37 59.20
N GLY G 79 40.11 2.60 59.53
CA GLY G 79 41.30 3.24 58.92
C GLY G 79 42.60 2.65 59.44
N GLU G 80 43.52 2.29 58.55
CA GLU G 80 44.80 1.62 58.90
C GLU G 80 45.79 2.65 59.45
N GLY G 81 45.83 3.84 58.86
CA GLY G 81 46.77 4.92 59.22
C GLY G 81 46.04 6.23 59.45
N PHE G 82 46.55 7.08 60.34
CA PHE G 82 45.92 8.39 60.65
C PHE G 82 46.93 9.51 60.49
N LEU G 83 46.52 10.58 59.83
CA LEU G 83 47.33 11.80 59.68
C LEU G 83 46.74 12.85 60.62
N CYS G 84 47.42 13.14 61.72
CA CYS G 84 46.94 14.13 62.72
C CYS G 84 47.46 15.49 62.30
N VAL G 85 46.54 16.38 61.92
CA VAL G 85 46.93 17.70 61.34
C VAL G 85 46.60 18.80 62.33
N PHE G 86 47.56 19.68 62.56
CA PHE G 86 47.38 20.89 63.39
C PHE G 86 47.92 22.09 62.61
N ALA G 87 47.36 23.26 62.86
CA ALA G 87 47.79 24.50 62.21
C ALA G 87 48.94 25.07 63.03
N ILE G 88 50.04 25.45 62.39
CA ILE G 88 51.18 26.08 63.13
C ILE G 88 50.71 27.41 63.75
N ASN G 89 49.88 28.19 63.06
CA ASN G 89 49.38 29.50 63.58
C ASN G 89 48.41 29.27 64.75
N ASN G 90 47.63 28.19 64.76
CA ASN G 90 46.57 28.00 65.78
C ASN G 90 47.04 27.05 66.90
N THR G 91 47.22 27.54 68.12
CA THR G 91 47.73 26.71 69.26
C THR G 91 46.67 25.68 69.68
N LYS G 92 45.39 26.04 69.64
CA LYS G 92 44.29 25.14 70.10
C LYS G 92 44.35 23.81 69.32
N SER G 93 44.55 23.88 68.01
CA SER G 93 44.58 22.69 67.12
C SER G 93 45.68 21.74 67.62
N PHE G 94 46.84 22.29 67.95
CA PHE G 94 48.01 21.52 68.45
C PHE G 94 47.61 20.78 69.73
N GLU G 95 46.93 21.47 70.65
CA GLU G 95 46.47 20.92 71.94
C GLU G 95 45.46 19.78 71.69
N ASP G 96 44.59 19.93 70.68
CA ASP G 96 43.51 18.98 70.35
C ASP G 96 44.09 17.67 69.81
N ILE G 97 45.34 17.67 69.35
CA ILE G 97 46.00 16.46 68.78
C ILE G 97 45.92 15.32 69.80
N HIS G 98 46.18 15.61 71.07
CA HIS G 98 46.21 14.59 72.14
C HIS G 98 44.87 13.86 72.19
N GLN G 99 43.75 14.60 72.13
CA GLN G 99 42.39 13.99 72.19
C GLN G 99 42.26 12.97 71.06
N TYR G 100 42.62 13.36 69.85
CA TYR G 100 42.49 12.49 68.65
C TYR G 100 43.38 11.26 68.84
N ARG G 101 44.61 11.45 69.30
CA ARG G 101 45.57 10.34 69.49
C ARG G 101 44.97 9.33 70.47
N GLU G 102 44.44 9.81 71.59
CA GLU G 102 43.88 8.92 72.64
C GLU G 102 42.71 8.13 72.04
N GLN G 103 41.82 8.81 71.31
CA GLN G 103 40.62 8.15 70.71
C GLN G 103 41.06 7.06 69.75
N ILE G 104 42.08 7.34 68.93
CA ILE G 104 42.59 6.37 67.90
C ILE G 104 43.13 5.15 68.63
N LYS G 105 43.89 5.37 69.71
CA LYS G 105 44.51 4.28 70.50
C LYS G 105 43.39 3.45 71.14
N ARG G 106 42.40 4.12 71.72
CA ARG G 106 41.27 3.46 72.42
C ARG G 106 40.48 2.62 71.42
N VAL G 107 40.11 3.20 70.28
CA VAL G 107 39.25 2.49 69.28
C VAL G 107 40.10 1.39 68.62
N LYS G 108 41.36 1.70 68.29
CA LYS G 108 42.30 0.74 67.68
C LYS G 108 42.72 -0.31 68.72
N ASP G 109 42.83 0.12 69.98
CA ASP G 109 43.20 -0.71 71.16
C ASP G 109 44.64 -1.22 71.03
N SER G 110 45.50 -0.49 70.32
CA SER G 110 46.92 -0.84 70.15
C SER G 110 47.73 0.44 70.34
N ASP G 111 48.79 0.41 71.14
CA ASP G 111 49.69 1.57 71.33
C ASP G 111 50.37 1.90 70.01
N ASP G 112 50.78 0.89 69.25
CA ASP G 112 51.42 1.14 67.94
C ASP G 112 50.36 1.15 66.84
N VAL G 113 49.97 2.35 66.43
CA VAL G 113 49.10 2.59 65.26
C VAL G 113 49.91 3.47 64.33
N PRO G 114 50.01 3.16 63.03
CA PRO G 114 50.82 4.01 62.15
C PRO G 114 50.21 5.42 62.16
N MET G 115 51.02 6.44 62.44
CA MET G 115 50.53 7.82 62.53
C MET G 115 51.62 8.79 62.11
N VAL G 116 51.20 9.96 61.63
CA VAL G 116 52.13 11.04 61.27
C VAL G 116 51.59 12.35 61.85
N LEU G 117 52.46 13.13 62.46
CA LEU G 117 52.07 14.45 63.00
C LEU G 117 52.37 15.51 61.94
N VAL G 118 51.34 16.25 61.52
CA VAL G 118 51.51 17.24 60.43
C VAL G 118 51.19 18.64 60.95
N GLY G 119 52.11 19.57 60.73
CA GLY G 119 51.93 21.00 61.07
C GLY G 119 51.67 21.75 59.79
N ASN G 120 50.42 22.17 59.57
CA ASN G 120 50.02 22.85 58.32
C ASN G 120 50.27 24.36 58.42
N LYS G 121 50.03 25.06 57.32
CA LYS G 121 50.13 26.54 57.21
C LYS G 121 51.58 26.94 57.50
N CYS G 122 52.56 26.18 57.01
CA CYS G 122 54.00 26.49 57.15
C CYS G 122 54.31 27.87 56.55
N ASP G 123 53.66 28.22 55.44
CA ASP G 123 53.91 29.48 54.70
C ASP G 123 53.53 30.69 55.55
N LEU G 124 52.48 30.62 56.39
CA LEU G 124 52.07 31.79 57.20
C LEU G 124 53.22 32.23 58.10
N ALA G 125 53.48 33.54 58.14
CA ALA G 125 54.45 34.19 59.04
C ALA G 125 54.01 34.11 60.50
N ALA G 126 52.70 34.12 60.78
CA ALA G 126 52.11 34.22 62.12
C ALA G 126 52.10 32.85 62.80
N ARG G 127 53.20 32.48 63.47
CA ARG G 127 53.37 31.11 63.98
C ARG G 127 53.26 31.13 65.49
N THR G 128 52.27 30.43 66.04
CA THR G 128 52.08 30.33 67.51
C THR G 128 52.65 29.00 67.98
N VAL G 129 53.06 28.11 67.09
CA VAL G 129 53.56 26.78 67.52
C VAL G 129 54.98 26.62 67.01
N GLU G 130 55.92 26.51 67.94
CA GLU G 130 57.35 26.24 67.63
C GLU G 130 57.46 24.81 67.08
N SER G 131 58.37 24.65 66.12
CA SER G 131 58.63 23.34 65.47
C SER G 131 59.10 22.34 66.52
N ARG G 132 59.94 22.79 67.44
CA ARG G 132 60.59 21.96 68.50
C ARG G 132 59.51 21.30 69.38
N GLN G 133 58.50 22.04 69.84
CA GLN G 133 57.51 21.46 70.80
C GLN G 133 56.75 20.35 70.07
N ALA G 134 56.40 20.58 68.81
CA ALA G 134 55.68 19.59 67.97
C ALA G 134 56.57 18.37 67.78
N GLN G 135 57.87 18.60 67.50
CA GLN G 135 58.83 17.49 67.28
C GLN G 135 58.91 16.66 68.56
N ASP G 136 59.00 17.33 69.71
CA ASP G 136 59.13 16.66 71.03
C ASP G 136 57.90 15.81 71.27
N LEU G 137 56.72 16.35 71.00
CA LEU G 137 55.44 15.63 71.22
C LEU G 137 55.43 14.39 70.33
N ALA G 138 55.86 14.55 69.07
CA ALA G 138 55.93 13.46 68.07
C ALA G 138 56.84 12.37 68.61
N ARG G 139 57.96 12.77 69.22
CA ARG G 139 58.90 11.90 69.96
C ARG G 139 58.13 11.14 71.04
N SER G 140 57.27 11.83 71.80
CA SER G 140 56.47 11.25 72.90
C SER G 140 55.56 10.17 72.30
N TYR G 141 54.93 10.50 71.20
CA TYR G 141 53.99 9.61 70.49
C TYR G 141 54.77 8.46 69.85
N GLY G 142 55.99 8.71 69.39
CA GLY G 142 56.84 7.72 68.69
C GLY G 142 56.51 7.64 67.21
N ILE G 143 55.91 8.70 66.69
CA ILE G 143 55.53 8.83 65.26
C ILE G 143 56.30 9.99 64.65
N PRO G 144 56.47 10.00 63.31
CA PRO G 144 57.17 11.07 62.59
C PRO G 144 56.40 12.40 62.57
N TYR G 145 57.14 13.51 62.49
CA TYR G 145 56.55 14.87 62.45
C TYR G 145 56.95 15.55 61.14
N ILE G 146 55.98 16.10 60.40
CA ILE G 146 56.23 16.74 59.09
C ILE G 146 55.58 18.11 59.07
N GLU G 147 56.30 19.11 58.58
CA GLU G 147 55.72 20.46 58.37
C GLU G 147 55.30 20.55 56.91
N THR G 148 54.04 20.87 56.67
CA THR G 148 53.47 20.92 55.31
C THR G 148 52.70 22.21 55.07
N SER G 149 52.67 22.65 53.83
CA SER G 149 51.84 23.80 53.40
C SER G 149 51.06 23.36 52.17
N ALA G 150 49.73 23.33 52.27
CA ALA G 150 48.84 22.96 51.15
C ALA G 150 48.96 23.98 50.01
N LYS G 151 49.12 25.25 50.36
CA LYS G 151 49.15 26.36 49.36
C LYS G 151 50.35 26.21 48.45
N THR G 152 51.51 25.95 49.02
CA THR G 152 52.80 25.86 48.28
C THR G 152 53.13 24.40 47.92
N ARG G 153 52.27 23.48 48.35
CA ARG G 153 52.38 22.03 48.12
C ARG G 153 53.66 21.50 48.75
N GLN G 154 54.11 22.11 49.83
CA GLN G 154 55.42 21.76 50.44
C GLN G 154 55.21 20.66 51.47
N GLY G 155 55.77 19.49 51.22
CA GLY G 155 55.78 18.35 52.15
C GLY G 155 54.47 17.58 52.12
N VAL G 156 53.50 17.99 51.29
CA VAL G 156 52.17 17.34 51.22
C VAL G 156 52.38 15.90 50.76
N GLU G 157 53.15 15.71 49.70
CA GLU G 157 53.41 14.36 49.14
C GLU G 157 54.18 13.59 50.20
N ASP G 158 55.16 14.24 50.82
CA ASP G 158 56.04 13.61 51.85
C ASP G 158 55.19 13.09 53.01
N ALA G 159 54.24 13.87 53.52
CA ALA G 159 53.43 13.50 54.69
C ALA G 159 52.61 12.24 54.38
N PHE G 160 51.90 12.22 53.27
CA PHE G 160 51.03 11.07 52.90
C PHE G 160 51.89 9.84 52.61
N TYR G 161 52.98 10.02 51.87
CA TYR G 161 53.89 8.91 51.47
C TYR G 161 54.60 8.39 52.72
N THR G 162 54.98 9.29 53.62
CA THR G 162 55.67 8.98 54.90
C THR G 162 54.73 8.10 55.71
N LEU G 163 53.45 8.49 55.76
CA LEU G 163 52.41 7.76 56.54
C LEU G 163 52.26 6.37 55.94
N VAL G 164 52.27 6.28 54.61
CA VAL G 164 52.12 4.99 53.89
C VAL G 164 53.24 4.08 54.35
N ARG G 165 54.46 4.63 54.43
CA ARG G 165 55.65 3.84 54.85
C ARG G 165 55.44 3.34 56.27
N GLU G 166 54.90 4.19 57.15
CA GLU G 166 54.65 3.84 58.57
C GLU G 166 53.74 2.61 58.61
N ILE G 167 52.69 2.58 57.80
CA ILE G 167 51.74 1.42 57.79
C ILE G 167 52.50 0.19 57.30
N ARG G 168 53.36 0.37 56.29
CA ARG G 168 54.15 -0.73 55.69
C ARG G 168 55.15 -1.26 56.74
N GLN G 169 55.76 -0.37 57.52
CA GLN G 169 56.84 -0.75 58.47
C GLN G 169 56.25 -1.60 59.60
N HIS G 170 55.03 -1.28 60.05
CA HIS G 170 54.36 -1.97 61.19
C HIS G 170 54.01 -3.41 60.80
N MET H 5 -27.35 -32.63 -49.07
CA MET H 5 -27.19 -31.49 -48.11
C MET H 5 -25.91 -30.73 -48.45
N THR H 6 -25.86 -29.43 -48.23
CA THR H 6 -24.60 -28.64 -48.33
C THR H 6 -24.38 -27.83 -47.06
N GLU H 7 -23.13 -27.50 -46.75
CA GLU H 7 -22.81 -26.52 -45.68
C GLU H 7 -22.35 -25.22 -46.34
N TYR H 8 -22.97 -24.10 -45.98
CA TYR H 8 -22.59 -22.77 -46.48
C TYR H 8 -22.08 -21.97 -45.28
N LYS H 9 -20.86 -21.46 -45.38
CA LYS H 9 -20.28 -20.60 -44.34
C LYS H 9 -20.62 -19.16 -44.72
N LEU H 10 -21.48 -18.53 -43.94
CA LEU H 10 -21.88 -17.12 -44.17
C LEU H 10 -21.23 -16.29 -43.08
N VAL H 11 -20.63 -15.20 -43.48
CA VAL H 11 -19.98 -14.28 -42.51
C VAL H 11 -20.69 -12.94 -42.57
N VAL H 12 -21.15 -12.43 -41.44
CA VAL H 12 -21.79 -11.10 -41.40
C VAL H 12 -20.70 -10.09 -41.09
N VAL H 13 -20.46 -9.19 -42.01
CA VAL H 13 -19.35 -8.21 -41.94
C VAL H 13 -19.97 -6.83 -41.95
N GLY H 14 -19.55 -5.96 -41.04
CA GLY H 14 -20.19 -4.63 -40.91
C GLY H 14 -19.60 -3.81 -39.81
N ALA H 15 -19.90 -2.51 -39.82
CA ALA H 15 -19.43 -1.55 -38.79
C ALA H 15 -20.15 -1.83 -37.47
N GLY H 16 -19.63 -1.27 -36.39
CA GLY H 16 -20.20 -1.44 -35.04
C GLY H 16 -21.58 -0.83 -34.97
N GLY H 17 -22.52 -1.50 -34.32
CA GLY H 17 -23.92 -1.05 -34.17
C GLY H 17 -24.68 -0.93 -35.48
N VAL H 18 -24.37 -1.78 -36.46
CA VAL H 18 -25.01 -1.73 -37.82
C VAL H 18 -26.21 -2.68 -37.86
N GLY H 19 -26.39 -3.53 -36.85
CA GLY H 19 -27.47 -4.53 -36.81
C GLY H 19 -27.02 -5.90 -37.27
N LYS H 20 -25.73 -6.20 -37.25
CA LYS H 20 -25.23 -7.54 -37.65
C LYS H 20 -25.76 -8.59 -36.67
N SER H 21 -25.62 -8.34 -35.36
CA SER H 21 -26.09 -9.28 -34.32
C SER H 21 -27.61 -9.44 -34.42
N ALA H 22 -28.35 -8.34 -34.59
CA ALA H 22 -29.83 -8.35 -34.62
C ALA H 22 -30.34 -9.14 -35.84
N LEU H 23 -29.69 -8.98 -37.00
CA LEU H 23 -30.06 -9.71 -38.24
C LEU H 23 -29.90 -11.21 -37.99
N THR H 24 -28.77 -11.60 -37.41
CA THR H 24 -28.43 -13.03 -37.22
C THR H 24 -29.44 -13.66 -36.24
N ILE H 25 -29.78 -12.95 -35.17
CA ILE H 25 -30.75 -13.45 -34.16
C ILE H 25 -32.12 -13.63 -34.84
N GLN H 26 -32.53 -12.69 -35.69
CA GLN H 26 -33.86 -12.78 -36.34
C GLN H 26 -33.91 -14.06 -37.19
N LEU H 27 -32.89 -14.33 -37.98
CA LEU H 27 -32.93 -15.49 -38.88
C LEU H 27 -32.99 -16.78 -38.05
N ILE H 28 -32.14 -16.86 -37.04
CA ILE H 28 -31.92 -18.12 -36.27
C ILE H 28 -33.01 -18.28 -35.21
N GLN H 29 -33.32 -17.23 -34.44
CA GLN H 29 -34.19 -17.38 -33.24
C GLN H 29 -35.56 -16.75 -33.46
N ASN H 30 -35.74 -16.04 -34.58
CA ASN H 30 -37.04 -15.44 -34.98
C ASN H 30 -37.47 -14.45 -33.90
N HIS H 31 -36.52 -13.68 -33.37
CA HIS H 31 -36.74 -12.73 -32.24
C HIS H 31 -35.83 -11.52 -32.42
N PHE H 32 -36.26 -10.33 -31.98
CA PHE H 32 -35.47 -9.08 -32.11
C PHE H 32 -34.79 -8.71 -30.80
N VAL H 33 -33.48 -8.47 -30.86
CA VAL H 33 -32.64 -8.05 -29.70
C VAL H 33 -32.73 -6.52 -29.53
N ASP H 34 -33.41 -6.07 -28.47
CA ASP H 34 -33.68 -4.62 -28.22
C ASP H 34 -32.40 -3.93 -27.71
N GLU H 35 -31.71 -4.53 -26.73
CA GLU H 35 -30.52 -3.89 -26.09
C GLU H 35 -29.26 -4.09 -26.96
N TYR H 36 -28.25 -3.27 -26.68
CA TYR H 36 -26.98 -3.18 -27.47
C TYR H 36 -25.93 -4.07 -26.82
N ASP H 37 -25.69 -5.24 -27.40
CA ASP H 37 -24.65 -6.17 -26.91
C ASP H 37 -23.54 -6.24 -27.94
N PRO H 38 -22.34 -5.69 -27.61
CA PRO H 38 -21.22 -5.66 -28.56
C PRO H 38 -20.74 -7.09 -28.80
N THR H 39 -20.32 -7.38 -30.03
CA THR H 39 -19.85 -8.74 -30.41
C THR H 39 -18.33 -8.78 -30.61
N ILE H 40 -17.74 -9.91 -30.25
CA ILE H 40 -16.32 -10.22 -30.52
C ILE H 40 -16.34 -11.21 -31.67
N GLU H 41 -16.97 -12.36 -31.45
CA GLU H 41 -17.27 -13.35 -32.52
C GLU H 41 -18.28 -14.37 -32.01
N ASP H 42 -19.42 -14.50 -32.68
CA ASP H 42 -20.50 -15.44 -32.28
C ASP H 42 -20.85 -16.31 -33.48
N SER H 43 -21.08 -17.60 -33.26
CA SER H 43 -21.36 -18.57 -34.33
C SER H 43 -22.69 -19.25 -34.10
N TYR H 44 -23.44 -19.44 -35.17
CA TYR H 44 -24.76 -20.13 -35.10
C TYR H 44 -24.84 -21.08 -36.29
N ARG H 45 -25.60 -22.16 -36.09
CA ARG H 45 -25.86 -23.17 -37.14
C ARG H 45 -27.36 -23.42 -37.23
N LYS H 46 -27.87 -23.49 -38.45
CA LYS H 46 -29.32 -23.68 -38.65
C LYS H 46 -29.59 -24.49 -39.90
N GLN H 47 -30.59 -25.35 -39.83
CA GLN H 47 -31.02 -26.19 -40.98
C GLN H 47 -32.23 -25.51 -41.62
N VAL H 48 -32.15 -25.22 -42.92
CA VAL H 48 -33.22 -24.49 -43.63
C VAL H 48 -33.41 -25.15 -45.00
N VAL H 49 -34.54 -24.87 -45.61
CA VAL H 49 -34.83 -25.35 -47.00
C VAL H 49 -34.81 -24.12 -47.90
N ILE H 50 -33.86 -24.07 -48.82
CA ILE H 50 -33.80 -22.94 -49.79
C ILE H 50 -33.95 -23.51 -51.19
N ASP H 51 -35.01 -23.09 -51.89
CA ASP H 51 -35.28 -23.45 -53.31
C ASP H 51 -35.35 -24.96 -53.43
N GLY H 52 -36.05 -25.61 -52.50
CA GLY H 52 -36.33 -27.06 -52.52
C GLY H 52 -35.10 -27.89 -52.17
N GLU H 53 -34.07 -27.31 -51.55
CA GLU H 53 -32.90 -28.06 -51.02
C GLU H 53 -32.71 -27.74 -49.53
N THR H 54 -32.50 -28.76 -48.71
CA THR H 54 -32.19 -28.57 -47.28
C THR H 54 -30.69 -28.34 -47.17
N CYS H 55 -30.28 -27.21 -46.60
CA CYS H 55 -28.85 -26.87 -46.47
C CYS H 55 -28.58 -26.38 -45.06
N LEU H 56 -27.49 -26.84 -44.46
CA LEU H 56 -27.01 -26.28 -43.18
C LEU H 56 -26.36 -24.92 -43.42
N LEU H 57 -26.73 -23.93 -42.63
CA LEU H 57 -26.07 -22.61 -42.64
C LEU H 57 -25.10 -22.54 -41.48
N ASP H 58 -23.85 -22.22 -41.77
CA ASP H 58 -22.85 -21.80 -40.75
C ASP H 58 -22.84 -20.28 -40.74
N ILE H 59 -23.41 -19.64 -39.73
CA ILE H 59 -23.44 -18.14 -39.72
C ILE H 59 -22.43 -17.64 -38.70
N LEU H 60 -21.58 -16.74 -39.14
CA LEU H 60 -20.57 -16.11 -38.25
C LEU H 60 -20.92 -14.63 -38.10
N ASP H 61 -21.24 -14.21 -36.89
CA ASP H 61 -21.52 -12.79 -36.58
C ASP H 61 -20.21 -12.20 -36.05
N THR H 62 -19.63 -11.26 -36.78
CA THR H 62 -18.26 -10.73 -36.49
C THR H 62 -18.35 -9.45 -35.66
N ALA H 63 -17.22 -8.93 -35.19
CA ALA H 63 -17.19 -7.70 -34.38
C ALA H 63 -16.94 -6.48 -35.29
N GLY H 64 -17.81 -5.48 -35.15
CA GLY H 64 -17.70 -4.20 -35.86
C GLY H 64 -16.56 -3.34 -35.34
N GLN H 65 -16.14 -3.50 -34.08
CA GLN H 65 -15.04 -2.68 -33.50
C GLN H 65 -13.69 -3.10 -34.10
N GLU H 66 -12.79 -2.12 -34.26
CA GLU H 66 -11.41 -2.32 -34.76
C GLU H 66 -10.57 -2.97 -33.64
N GLU H 67 -11.06 -2.97 -32.40
CA GLU H 67 -10.40 -3.64 -31.25
C GLU H 67 -10.11 -5.11 -31.61
N TYR H 68 -11.07 -5.81 -32.20
CA TYR H 68 -10.93 -7.23 -32.59
C TYR H 68 -10.68 -7.32 -34.09
N SER H 69 -10.06 -6.28 -34.67
CA SER H 69 -9.67 -6.20 -36.10
C SER H 69 -8.66 -7.29 -36.47
N ALA H 70 -7.92 -7.80 -35.47
CA ALA H 70 -6.96 -8.91 -35.59
C ALA H 70 -7.64 -10.17 -36.16
N MET H 71 -8.90 -10.43 -35.80
CA MET H 71 -9.58 -11.72 -36.16
C MET H 71 -10.06 -11.67 -37.61
N ARG H 72 -9.99 -10.50 -38.24
CA ARG H 72 -10.58 -10.23 -39.57
C ARG H 72 -10.01 -11.20 -40.60
N ASP H 73 -8.70 -11.43 -40.59
CA ASP H 73 -8.04 -12.26 -41.64
C ASP H 73 -8.56 -13.70 -41.60
N GLN H 74 -8.66 -14.29 -40.40
CA GLN H 74 -9.01 -15.72 -40.19
C GLN H 74 -10.42 -15.95 -40.73
N TYR H 75 -11.38 -15.05 -40.43
CA TYR H 75 -12.80 -15.33 -40.77
C TYR H 75 -13.03 -15.12 -42.27
N MET H 76 -12.30 -14.19 -42.89
CA MET H 76 -12.39 -13.91 -44.35
C MET H 76 -11.91 -15.13 -45.13
N ARG H 77 -10.89 -15.83 -44.64
CA ARG H 77 -10.35 -17.04 -45.31
C ARG H 77 -11.40 -18.16 -45.31
N THR H 78 -12.03 -18.42 -44.17
CA THR H 78 -12.87 -19.63 -43.95
C THR H 78 -14.24 -19.46 -44.64
N GLY H 79 -14.82 -18.25 -44.59
CA GLY H 79 -16.21 -18.01 -45.03
C GLY H 79 -16.32 -18.04 -46.55
N GLU H 80 -17.32 -18.76 -47.08
CA GLU H 80 -17.59 -18.91 -48.53
C GLU H 80 -18.25 -17.64 -49.07
N GLY H 81 -19.17 -17.04 -48.30
CA GLY H 81 -19.88 -15.82 -48.69
C GLY H 81 -19.91 -14.82 -47.56
N PHE H 82 -20.12 -13.55 -47.89
CA PHE H 82 -20.15 -12.43 -46.92
C PHE H 82 -21.43 -11.61 -47.06
N LEU H 83 -21.96 -11.17 -45.94
CA LEU H 83 -23.08 -10.21 -45.91
C LEU H 83 -22.51 -8.89 -45.43
N CYS H 84 -22.34 -7.92 -46.32
CA CYS H 84 -21.79 -6.59 -45.94
C CYS H 84 -22.95 -5.70 -45.50
N VAL H 85 -23.00 -5.37 -44.22
CA VAL H 85 -24.18 -4.70 -43.63
C VAL H 85 -23.81 -3.27 -43.28
N PHE H 86 -24.68 -2.35 -43.67
CA PHE H 86 -24.56 -0.92 -43.28
C PHE H 86 -25.92 -0.44 -42.81
N ALA H 87 -25.92 0.53 -41.90
CA ALA H 87 -27.15 1.12 -41.38
C ALA H 87 -27.58 2.23 -42.35
N ILE H 88 -28.83 2.24 -42.77
CA ILE H 88 -29.33 3.30 -43.71
C ILE H 88 -29.20 4.67 -43.03
N ASN H 89 -29.47 4.79 -41.73
CA ASN H 89 -29.38 6.10 -41.03
C ASN H 89 -27.91 6.57 -40.92
N ASN H 90 -26.95 5.64 -40.76
CA ASN H 90 -25.54 6.04 -40.47
C ASN H 90 -24.70 6.02 -41.76
N THR H 91 -24.20 7.18 -42.19
CA THR H 91 -23.39 7.32 -43.43
C THR H 91 -22.04 6.63 -43.28
N LYS H 92 -21.42 6.70 -42.09
CA LYS H 92 -20.06 6.15 -41.84
C LYS H 92 -20.03 4.67 -42.25
N SER H 93 -21.05 3.91 -41.84
CA SER H 93 -21.15 2.45 -42.07
C SER H 93 -21.09 2.19 -43.58
N PHE H 94 -21.83 3.00 -44.35
CA PHE H 94 -21.90 2.86 -45.83
C PHE H 94 -20.48 3.02 -46.41
N GLU H 95 -19.77 4.05 -45.95
CA GLU H 95 -18.41 4.39 -46.43
C GLU H 95 -17.43 3.27 -46.04
N ASP H 96 -17.63 2.65 -44.88
CA ASP H 96 -16.73 1.61 -44.32
C ASP H 96 -16.83 0.32 -45.14
N ILE H 97 -17.90 0.17 -45.91
CA ILE H 97 -18.17 -1.08 -46.67
C ILE H 97 -17.03 -1.32 -47.66
N HIS H 98 -16.53 -0.25 -48.28
CA HIS H 98 -15.44 -0.36 -49.27
C HIS H 98 -14.22 -1.03 -48.64
N GLN H 99 -13.85 -0.64 -47.42
CA GLN H 99 -12.68 -1.22 -46.72
C GLN H 99 -12.89 -2.73 -46.58
N TYR H 100 -14.06 -3.13 -46.11
CA TYR H 100 -14.39 -4.57 -45.88
C TYR H 100 -14.30 -5.31 -47.21
N ARG H 101 -14.86 -4.74 -48.29
CA ARG H 101 -14.88 -5.39 -49.62
C ARG H 101 -13.43 -5.60 -50.08
N GLU H 102 -12.59 -4.58 -49.94
CA GLU H 102 -11.17 -4.67 -50.37
C GLU H 102 -10.48 -5.77 -49.57
N GLN H 103 -10.69 -5.82 -48.26
CA GLN H 103 -10.03 -6.81 -47.37
C GLN H 103 -10.45 -8.22 -47.78
N ILE H 104 -11.74 -8.41 -48.09
CA ILE H 104 -12.26 -9.75 -48.49
C ILE H 104 -11.57 -10.17 -49.78
N LYS H 105 -11.47 -9.24 -50.74
CA LYS H 105 -10.83 -9.50 -52.05
C LYS H 105 -9.35 -9.83 -51.83
N ARG H 106 -8.69 -9.04 -51.00
CA ARG H 106 -7.25 -9.16 -50.69
C ARG H 106 -6.98 -10.52 -50.05
N VAL H 107 -7.77 -10.91 -49.03
CA VAL H 107 -7.54 -12.18 -48.30
C VAL H 107 -7.90 -13.34 -49.23
N LYS H 108 -9.03 -13.22 -49.93
CA LYS H 108 -9.49 -14.26 -50.88
C LYS H 108 -8.58 -14.28 -52.11
N ASP H 109 -8.08 -13.10 -52.51
CA ASP H 109 -7.20 -12.86 -53.69
C ASP H 109 -7.95 -13.19 -54.99
N SER H 110 -9.28 -13.03 -55.00
CA SER H 110 -10.13 -13.30 -56.16
C SER H 110 -11.03 -12.08 -56.43
N ASP H 111 -11.16 -11.68 -57.69
CA ASP H 111 -12.10 -10.60 -58.11
C ASP H 111 -13.52 -11.01 -57.72
N ASP H 112 -13.89 -12.27 -57.95
CA ASP H 112 -15.27 -12.74 -57.71
C ASP H 112 -15.33 -13.49 -56.39
N VAL H 113 -16.00 -12.89 -55.41
CA VAL H 113 -16.35 -13.54 -54.12
C VAL H 113 -17.82 -13.34 -53.96
N PRO H 114 -18.60 -14.38 -53.58
CA PRO H 114 -20.02 -14.16 -53.27
C PRO H 114 -20.15 -13.08 -52.20
N MET H 115 -20.96 -12.07 -52.50
CA MET H 115 -21.20 -10.94 -51.57
C MET H 115 -22.62 -10.43 -51.77
N VAL H 116 -23.21 -9.89 -50.72
CA VAL H 116 -24.55 -9.27 -50.76
C VAL H 116 -24.47 -7.98 -49.97
N LEU H 117 -25.05 -6.91 -50.50
CA LEU H 117 -25.03 -5.60 -49.84
C LEU H 117 -26.34 -5.44 -49.08
N VAL H 118 -26.26 -5.22 -47.77
CA VAL H 118 -27.49 -5.09 -46.94
C VAL H 118 -27.53 -3.70 -46.32
N GLY H 119 -28.66 -3.01 -46.48
CA GLY H 119 -28.95 -1.75 -45.78
C GLY H 119 -29.92 -2.04 -44.66
N ASN H 120 -29.43 -2.00 -43.41
CA ASN H 120 -30.27 -2.29 -42.22
C ASN H 120 -30.99 -1.02 -41.75
N LYS H 121 -31.84 -1.19 -40.73
CA LYS H 121 -32.61 -0.11 -40.08
C LYS H 121 -33.51 0.56 -41.13
N CYS H 122 -34.11 -0.23 -42.03
CA CYS H 122 -35.09 0.26 -43.03
C CYS H 122 -36.26 0.96 -42.32
N ASP H 123 -36.68 0.44 -41.16
CA ASP H 123 -37.84 0.99 -40.41
C ASP H 123 -37.57 2.42 -39.93
N LEU H 124 -36.33 2.78 -39.59
CA LEU H 124 -35.99 4.13 -39.07
C LEU H 124 -36.45 5.17 -40.09
N ALA H 125 -37.14 6.22 -39.61
CA ALA H 125 -37.77 7.26 -40.47
C ALA H 125 -36.69 8.14 -41.12
N ALA H 126 -35.64 8.46 -40.36
CA ALA H 126 -34.56 9.40 -40.76
C ALA H 126 -33.50 8.60 -41.49
N ARG H 127 -33.54 8.56 -42.82
CA ARG H 127 -32.62 7.73 -43.63
C ARG H 127 -31.60 8.64 -44.30
N THR H 128 -30.31 8.47 -44.00
CA THR H 128 -29.26 9.36 -44.52
C THR H 128 -28.61 8.72 -45.75
N VAL H 129 -28.97 7.48 -46.08
CA VAL H 129 -28.42 6.82 -47.29
C VAL H 129 -29.57 6.48 -48.23
N GLU H 130 -29.53 7.08 -49.41
CA GLU H 130 -30.51 6.84 -50.51
C GLU H 130 -30.40 5.38 -50.96
N SER H 131 -31.52 4.79 -51.34
CA SER H 131 -31.58 3.44 -51.93
C SER H 131 -30.73 3.39 -53.20
N ARG H 132 -30.81 4.43 -54.02
CA ARG H 132 -30.15 4.47 -55.36
C ARG H 132 -28.62 4.43 -55.19
N GLN H 133 -28.04 5.16 -54.24
CA GLN H 133 -26.56 5.20 -54.09
C GLN H 133 -26.08 3.79 -53.73
N ALA H 134 -26.81 3.12 -52.84
CA ALA H 134 -26.49 1.74 -52.41
C ALA H 134 -26.62 0.81 -53.63
N GLN H 135 -27.67 1.00 -54.42
CA GLN H 135 -27.90 0.16 -55.63
C GLN H 135 -26.75 0.36 -56.62
N ASP H 136 -26.30 1.60 -56.80
CA ASP H 136 -25.16 1.95 -57.69
C ASP H 136 -23.91 1.24 -57.20
N LEU H 137 -23.64 1.29 -55.90
CA LEU H 137 -22.44 0.63 -55.32
C LEU H 137 -22.53 -0.87 -55.62
N ALA H 138 -23.71 -1.46 -55.40
CA ALA H 138 -23.96 -2.90 -55.61
C ALA H 138 -23.66 -3.25 -57.06
N ARG H 139 -24.08 -2.38 -57.99
CA ARG H 139 -23.96 -2.64 -59.45
C ARG H 139 -22.48 -2.69 -59.81
N SER H 140 -21.68 -1.76 -59.27
CA SER H 140 -20.22 -1.67 -59.55
C SER H 140 -19.57 -2.95 -59.02
N TYR H 141 -19.99 -3.39 -57.83
CA TYR H 141 -19.47 -4.63 -57.21
C TYR H 141 -19.93 -5.86 -58.00
N GLY H 142 -21.14 -5.81 -58.58
CA GLY H 142 -21.70 -6.92 -59.37
C GLY H 142 -22.44 -7.90 -58.48
N ILE H 143 -22.82 -7.45 -57.30
CA ILE H 143 -23.58 -8.26 -56.30
C ILE H 143 -24.92 -7.60 -56.03
N PRO H 144 -25.91 -8.38 -55.54
CA PRO H 144 -27.22 -7.87 -55.16
C PRO H 144 -27.23 -6.95 -53.94
N TYR H 145 -28.20 -6.05 -53.89
CA TYR H 145 -28.45 -5.15 -52.75
C TYR H 145 -29.83 -5.47 -52.17
N ILE H 146 -29.92 -5.65 -50.85
CA ILE H 146 -31.20 -5.95 -50.16
C ILE H 146 -31.37 -4.96 -49.01
N GLU H 147 -32.57 -4.43 -48.85
CA GLU H 147 -32.91 -3.59 -47.69
C GLU H 147 -33.56 -4.48 -46.63
N THR H 148 -32.96 -4.54 -45.45
CA THR H 148 -33.39 -5.51 -44.40
C THR H 148 -33.62 -4.76 -43.10
N SER H 149 -34.69 -5.10 -42.41
CA SER H 149 -34.95 -4.53 -41.07
C SER H 149 -35.10 -5.70 -40.10
N ALA H 150 -34.19 -5.80 -39.15
CA ALA H 150 -34.18 -6.83 -38.10
C ALA H 150 -35.42 -6.66 -37.21
N LYS H 151 -35.86 -5.42 -36.98
CA LYS H 151 -36.98 -5.12 -36.05
C LYS H 151 -38.29 -5.74 -36.58
N THR H 152 -38.56 -5.62 -37.86
CA THR H 152 -39.81 -6.13 -38.49
C THR H 152 -39.56 -7.44 -39.21
N ARG H 153 -38.32 -7.92 -39.21
CA ARG H 153 -37.87 -9.14 -39.94
C ARG H 153 -38.11 -8.96 -41.44
N GLN H 154 -38.03 -7.74 -41.95
CA GLN H 154 -38.31 -7.47 -43.37
C GLN H 154 -37.04 -7.70 -44.20
N GLY H 155 -37.08 -8.71 -45.07
CA GLY H 155 -36.00 -9.04 -46.03
C GLY H 155 -34.89 -9.83 -45.38
N VAL H 156 -35.00 -10.15 -44.09
CA VAL H 156 -33.91 -10.84 -43.35
C VAL H 156 -33.67 -12.20 -44.00
N GLU H 157 -34.74 -12.97 -44.21
CA GLU H 157 -34.62 -14.32 -44.81
C GLU H 157 -34.10 -14.13 -46.24
N ASP H 158 -34.61 -13.12 -46.95
CA ASP H 158 -34.21 -12.83 -48.35
C ASP H 158 -32.69 -12.59 -48.43
N ALA H 159 -32.14 -11.77 -47.54
CA ALA H 159 -30.71 -11.39 -47.60
C ALA H 159 -29.83 -12.64 -47.44
N PHE H 160 -30.09 -13.46 -46.42
CA PHE H 160 -29.27 -14.65 -46.14
C PHE H 160 -29.45 -15.69 -47.25
N TYR H 161 -30.68 -15.90 -47.71
CA TYR H 161 -31.00 -16.89 -48.76
C TYR H 161 -30.38 -16.43 -50.09
N THR H 162 -30.40 -15.12 -50.37
CA THR H 162 -29.79 -14.54 -51.58
C THR H 162 -28.29 -14.86 -51.58
N LEU H 163 -27.66 -14.73 -50.43
CA LEU H 163 -26.21 -14.98 -50.29
C LEU H 163 -25.92 -16.46 -50.55
N VAL H 164 -26.79 -17.34 -50.09
CA VAL H 164 -26.63 -18.80 -50.35
C VAL H 164 -26.67 -19.02 -51.86
N ARG H 165 -27.58 -18.34 -52.53
CA ARG H 165 -27.71 -18.40 -54.01
C ARG H 165 -26.40 -17.90 -54.64
N GLU H 166 -25.83 -16.82 -54.13
CA GLU H 166 -24.55 -16.27 -54.66
C GLU H 166 -23.46 -17.31 -54.52
N ILE H 167 -23.41 -18.00 -53.38
CA ILE H 167 -22.42 -19.07 -53.07
C ILE H 167 -22.54 -20.18 -54.12
N ARG H 168 -23.78 -20.54 -54.48
CA ARG H 168 -24.05 -21.62 -55.47
C ARG H 168 -23.43 -21.30 -56.84
N GLN H 169 -23.41 -20.02 -57.22
CA GLN H 169 -22.93 -19.56 -58.54
C GLN H 169 -21.43 -19.88 -58.71
N HIS H 170 -20.65 -19.88 -57.64
CA HIS H 170 -19.17 -20.14 -57.69
C HIS H 170 -18.86 -21.39 -56.85
#